data_2X03
#
_entry.id   2X03
#
_cell.length_a   317.095
_cell.length_b   317.095
_cell.length_c   82.976
_cell.angle_alpha   90.00
_cell.angle_beta   90.00
_cell.angle_gamma   120.00
#
_symmetry.space_group_name_H-M   'H 3'
#
loop_
_entity.id
_entity.type
_entity.pdbx_description
1 polymer 'PUTATIVE SECRETED LYASE'
2 non-polymer 'MAGNESIUM ION'
3 water water
#
_entity_poly.entity_id   1
_entity_poly.type   'polypeptide(L)'
_entity_poly.pdbx_seq_one_letter_code
;MGSSHHHHHHSSGLVPRGSHMATADPYDALRRRWLGITLGTGYDPAAEPYASRLAETGERAREHRATMAPTPTSLWPGHP
FDPPAGITFAYGRLWTMTEAYVQEGTGATGDPALLADILRGLDHLSATVYHPATTRYGNWWEWQIGSPRLLMDITAALYD
HLGADRVAAACAAVDHFVPDAMLGAYTGTSTGANRVDLCRSVALRGVLGRAPAKIALARDALSPVFPYVTKGDGLYADGS
FVQHTWVAYSGTAGQVMLDGLGRLFTLLAGSEWEVTDPGRQLVLDSVEHAYAPLIHDGLVMDTVNGRAISRGYLKSDDLH
VMRSDHFHGQQLIAAMAVLAGGASNAERERWHARIKGWIERDTVTPVLTAPQFPVADLTRLHAIADAPGEAAPEPVGHHL
FAAMDRAVHRRPAFTAGLAMASDRIAHYECGNGENPRGWHTGAGMLTWWANGTRADQYTDWFWPTVDWYRLPGTTVSTKR
LADRAGGEWGAPKPDVRWVGGATDGEYAAVGQHLKGLGSTLEARKSWFFLDDAVVCLGAGITCADGVPVETVVDNRNLGE
GGTQALVRGRHWAHLEGHGGWIVPGGALRTLREDRTGAWSDINTTSTTERRTRRWQTLWLDHGTDPAGADYVYTVMPGAS
RAALARRAADRHWLTVLANDDRRQAVSVPSLGLTAANFWQAGTAGPLTTTAGASVLVRRRGRTATLRVSEPPRTGEALEI
VWDHPVGAVLRADETVEILATGRRLHLRVTPGVVCTTHECEVTLS
;
_entity_poly.pdbx_strand_id   A,B
#
# COMPACT_ATOMS: atom_id res chain seq x y z
N ALA A 24 -29.08 25.90 -19.29
CA ALA A 24 -30.23 26.52 -20.05
C ALA A 24 -31.62 26.43 -19.30
N ASP A 25 -32.39 25.42 -19.65
CA ASP A 25 -33.69 25.15 -19.04
C ASP A 25 -33.45 24.23 -17.81
N PRO A 26 -34.23 24.41 -16.72
CA PRO A 26 -33.92 23.70 -15.48
C PRO A 26 -34.33 22.22 -15.50
N TYR A 27 -35.42 21.89 -16.20
CA TYR A 27 -35.85 20.53 -16.43
C TYR A 27 -34.91 19.75 -17.32
N ASP A 28 -34.32 20.40 -18.30
CA ASP A 28 -33.38 19.79 -19.19
C ASP A 28 -32.13 19.43 -18.44
N ALA A 29 -31.75 20.31 -17.52
CA ALA A 29 -30.54 20.13 -16.77
C ALA A 29 -30.74 18.91 -15.81
N LEU A 30 -31.91 18.80 -15.15
CA LEU A 30 -32.19 17.65 -14.35
C LEU A 30 -32.25 16.38 -15.20
N ARG A 31 -33.07 16.32 -16.27
CA ARG A 31 -33.17 15.13 -17.11
C ARG A 31 -31.80 14.60 -17.51
N ARG A 32 -30.94 15.47 -17.95
CA ARG A 32 -29.69 15.01 -18.47
C ARG A 32 -28.77 14.56 -17.34
N ARG A 33 -28.93 15.23 -16.19
CA ARG A 33 -28.11 14.90 -15.04
C ARG A 33 -28.54 13.47 -14.58
N TRP A 34 -29.82 13.20 -14.64
CA TRP A 34 -30.32 11.91 -14.28
C TRP A 34 -29.82 10.81 -15.24
N LEU A 35 -29.68 11.13 -16.52
CA LEU A 35 -29.21 10.13 -17.45
C LEU A 35 -27.75 9.89 -17.19
N GLY A 36 -27.03 10.93 -16.78
CA GLY A 36 -25.64 10.79 -16.39
C GLY A 36 -25.52 9.81 -15.20
N ILE A 37 -26.48 9.89 -14.30
CA ILE A 37 -26.47 9.14 -13.07
C ILE A 37 -26.83 7.67 -13.40
N THR A 38 -27.85 7.47 -14.27
CA THR A 38 -28.43 6.18 -14.60
C THR A 38 -27.59 5.41 -15.64
N LEU A 39 -26.99 6.10 -16.61
CA LEU A 39 -26.32 5.43 -17.70
C LEU A 39 -24.83 5.75 -17.70
N GLY A 40 -24.39 6.69 -16.87
CA GLY A 40 -23.01 7.08 -16.87
C GLY A 40 -22.65 7.99 -18.03
N THR A 41 -21.53 8.67 -17.91
CA THR A 41 -21.15 9.63 -18.94
C THR A 41 -19.66 9.63 -19.24
N GLY A 42 -19.32 9.91 -20.49
CA GLY A 42 -17.92 10.19 -20.78
C GLY A 42 -16.97 9.02 -20.69
N TYR A 43 -17.43 7.81 -20.92
CA TYR A 43 -16.53 6.66 -21.04
C TYR A 43 -16.36 6.24 -22.51
N ASP A 44 -15.44 5.30 -22.75
CA ASP A 44 -15.17 4.76 -24.08
C ASP A 44 -15.85 3.39 -24.32
N PRO A 45 -17.00 3.38 -25.00
CA PRO A 45 -17.74 2.14 -25.19
C PRO A 45 -16.99 1.05 -25.91
N ALA A 46 -15.84 1.36 -26.49
CA ALA A 46 -15.06 0.33 -27.17
C ALA A 46 -14.04 -0.30 -26.22
N ALA A 47 -13.79 0.33 -25.08
CA ALA A 47 -12.86 -0.25 -24.08
C ALA A 47 -13.52 -1.23 -23.11
N GLU A 48 -12.76 -2.25 -22.74
CA GLU A 48 -13.11 -3.10 -21.61
C GLU A 48 -12.96 -2.33 -20.27
N PRO A 49 -13.85 -2.59 -19.31
CA PRO A 49 -14.93 -3.58 -19.30
C PRO A 49 -16.28 -3.08 -19.83
N TYR A 50 -16.39 -1.81 -20.19
CA TYR A 50 -17.63 -1.34 -20.78
C TYR A 50 -18.16 -2.21 -21.92
N ALA A 51 -17.29 -2.49 -22.90
CA ALA A 51 -17.64 -3.24 -24.14
C ALA A 51 -18.40 -4.54 -23.86
N SER A 52 -17.92 -5.33 -22.89
CA SER A 52 -18.61 -6.55 -22.44
C SER A 52 -19.97 -6.31 -21.78
N ARG A 53 -20.06 -5.27 -20.95
CA ARG A 53 -21.34 -4.96 -20.33
C ARG A 53 -22.35 -4.52 -21.38
N LEU A 54 -21.95 -3.61 -22.29
CA LEU A 54 -22.83 -3.16 -23.38
C LEU A 54 -23.31 -4.31 -24.29
N ALA A 55 -22.39 -5.20 -24.66
CA ALA A 55 -22.73 -6.38 -25.50
C ALA A 55 -23.75 -7.31 -24.84
N GLU A 56 -23.55 -7.56 -23.54
CA GLU A 56 -24.47 -8.33 -22.75
C GLU A 56 -25.87 -7.68 -22.70
N THR A 57 -25.94 -6.35 -22.57
CA THR A 57 -27.25 -5.68 -22.56
C THR A 57 -27.86 -5.88 -23.91
N GLY A 58 -27.10 -5.76 -24.99
CA GLY A 58 -27.61 -6.07 -26.34
C GLY A 58 -28.25 -7.45 -26.46
N GLU A 59 -27.44 -8.46 -26.10
CA GLU A 59 -27.83 -9.86 -26.18
C GLU A 59 -29.13 -10.12 -25.42
N ARG A 60 -29.25 -9.64 -24.17
CA ARG A 60 -30.53 -9.80 -23.40
C ARG A 60 -31.67 -9.05 -24.06
N ALA A 61 -31.41 -7.86 -24.57
CA ALA A 61 -32.46 -7.09 -25.22
C ALA A 61 -33.07 -7.81 -26.44
N ARG A 62 -32.22 -8.44 -27.24
CA ARG A 62 -32.70 -9.27 -28.37
C ARG A 62 -33.59 -10.45 -27.96
N GLU A 63 -33.19 -11.16 -26.89
CA GLU A 63 -34.03 -12.24 -26.33
C GLU A 63 -35.39 -11.72 -25.86
N HIS A 64 -35.44 -10.56 -25.21
CA HIS A 64 -36.74 -10.03 -24.76
C HIS A 64 -37.59 -9.58 -25.97
N ARG A 65 -36.96 -8.97 -26.96
CA ARG A 65 -37.72 -8.52 -28.10
C ARG A 65 -38.34 -9.72 -28.86
N ALA A 66 -37.55 -10.79 -29.09
CA ALA A 66 -38.05 -12.07 -29.69
C ALA A 66 -39.22 -12.72 -28.95
N THR A 67 -39.25 -12.62 -27.63
CA THR A 67 -40.27 -13.31 -26.82
C THR A 67 -41.45 -12.46 -26.40
N MET A 68 -41.33 -11.16 -26.65
CA MET A 68 -42.38 -10.25 -26.24
C MET A 68 -43.68 -10.62 -26.92
N ALA A 69 -44.72 -10.83 -26.11
CA ALA A 69 -46.06 -11.23 -26.61
C ALA A 69 -47.25 -10.59 -25.85
N PRO A 70 -47.83 -9.52 -26.42
CA PRO A 70 -48.93 -8.80 -25.75
C PRO A 70 -50.22 -9.59 -25.79
N THR A 71 -50.80 -9.81 -24.62
CA THR A 71 -52.07 -10.52 -24.43
C THR A 71 -52.80 -9.83 -23.28
N PRO A 72 -54.15 -9.85 -23.29
CA PRO A 72 -54.93 -9.26 -22.17
C PRO A 72 -54.36 -9.40 -20.75
N THR A 73 -53.43 -10.32 -20.51
CA THR A 73 -52.96 -10.56 -19.13
C THR A 73 -51.45 -10.61 -18.90
N SER A 74 -50.65 -10.25 -19.90
CA SER A 74 -49.22 -10.34 -19.74
C SER A 74 -48.58 -9.62 -20.91
N LEU A 75 -47.26 -9.52 -20.87
CA LEU A 75 -46.54 -8.91 -21.99
C LEU A 75 -45.42 -9.87 -22.36
N TRP A 76 -44.93 -10.58 -21.35
CA TRP A 76 -44.11 -11.76 -21.59
C TRP A 76 -44.84 -12.98 -21.08
N PRO A 77 -44.87 -14.05 -21.91
CA PRO A 77 -45.53 -15.33 -21.53
C PRO A 77 -45.04 -15.87 -20.17
N GLY A 78 -45.96 -16.29 -19.31
CA GLY A 78 -45.57 -16.78 -17.96
C GLY A 78 -45.47 -15.72 -16.85
N HIS A 79 -45.61 -14.45 -17.24
CA HIS A 79 -45.60 -13.36 -16.27
C HIS A 79 -46.87 -12.56 -16.40
N PRO A 80 -47.91 -12.98 -15.65
CA PRO A 80 -49.24 -12.37 -15.69
C PRO A 80 -49.28 -11.06 -14.88
N PHE A 81 -50.18 -10.16 -15.25
CA PHE A 81 -50.34 -8.85 -14.59
C PHE A 81 -50.95 -8.94 -13.21
N ASP A 82 -51.61 -10.07 -12.94
CA ASP A 82 -52.04 -10.43 -11.59
C ASP A 82 -51.36 -11.78 -11.23
N PRO A 83 -50.57 -11.84 -10.12
CA PRO A 83 -50.17 -10.77 -9.19
C PRO A 83 -49.35 -9.64 -9.89
N PRO A 84 -49.29 -8.47 -9.26
CA PRO A 84 -48.80 -7.31 -10.00
C PRO A 84 -47.31 -7.37 -10.37
N ALA A 85 -46.52 -8.22 -9.70
CA ALA A 85 -45.10 -8.39 -10.07
C ALA A 85 -44.87 -8.56 -11.58
N GLY A 86 -45.90 -9.08 -12.26
CA GLY A 86 -45.89 -9.19 -13.71
C GLY A 86 -45.79 -7.87 -14.46
N ILE A 87 -46.31 -6.81 -13.85
CA ILE A 87 -46.22 -5.47 -14.42
C ILE A 87 -44.77 -4.98 -14.33
N THR A 88 -44.23 -4.99 -13.10
CA THR A 88 -42.86 -4.60 -12.85
C THR A 88 -41.89 -5.43 -13.67
N PHE A 89 -42.19 -6.73 -13.83
CA PHE A 89 -41.32 -7.61 -14.59
C PHE A 89 -41.28 -7.09 -16.02
N ALA A 90 -42.45 -6.76 -16.58
CA ALA A 90 -42.54 -6.18 -17.97
C ALA A 90 -41.76 -4.86 -18.14
N TYR A 91 -41.96 -3.91 -17.22
CA TYR A 91 -41.19 -2.66 -17.30
C TYR A 91 -39.67 -2.93 -17.20
N GLY A 92 -39.29 -3.90 -16.36
CA GLY A 92 -37.86 -4.23 -16.17
C GLY A 92 -37.24 -4.67 -17.46
N ARG A 93 -37.94 -5.45 -18.24
CA ARG A 93 -37.40 -5.88 -19.55
C ARG A 93 -37.43 -4.77 -20.62
N LEU A 94 -38.46 -3.93 -20.63
CA LEU A 94 -38.50 -2.76 -21.54
C LEU A 94 -37.39 -1.76 -21.19
N TRP A 95 -37.02 -1.69 -19.90
CA TRP A 95 -35.84 -0.92 -19.54
C TRP A 95 -34.57 -1.40 -20.16
N THR A 96 -34.31 -2.72 -20.08
CA THR A 96 -33.12 -3.35 -20.70
C THR A 96 -33.16 -3.13 -22.21
N MET A 97 -34.34 -3.28 -22.80
CA MET A 97 -34.51 -2.97 -24.25
C MET A 97 -34.16 -1.49 -24.55
N THR A 98 -34.64 -0.59 -23.68
CA THR A 98 -34.28 0.84 -23.81
C THR A 98 -32.80 1.07 -23.79
N GLU A 99 -32.13 0.46 -22.82
CA GLU A 99 -30.63 0.56 -22.73
C GLU A 99 -29.91 0.11 -23.98
N ALA A 100 -30.38 -0.95 -24.60
CA ALA A 100 -29.78 -1.42 -25.86
C ALA A 100 -29.97 -0.39 -26.97
N TYR A 101 -31.10 0.34 -26.87
CA TYR A 101 -31.50 1.33 -27.85
C TYR A 101 -30.62 2.56 -27.72
N VAL A 102 -30.44 3.06 -26.51
CA VAL A 102 -29.74 4.36 -26.37
C VAL A 102 -28.23 4.25 -26.25
N GLN A 103 -27.70 3.10 -25.92
CA GLN A 103 -26.26 3.03 -25.67
C GLN A 103 -25.47 2.50 -26.83
N GLU A 104 -24.27 3.07 -27.01
CA GLU A 104 -23.30 2.64 -28.03
C GLU A 104 -22.83 1.25 -27.70
N GLY A 105 -22.53 0.45 -28.72
CA GLY A 105 -21.88 -0.85 -28.52
C GLY A 105 -22.74 -2.02 -28.13
N THR A 106 -24.05 -1.85 -28.13
CA THR A 106 -24.97 -2.93 -27.81
C THR A 106 -25.25 -3.83 -29.03
N GLY A 107 -24.83 -3.34 -30.22
CA GLY A 107 -25.23 -3.92 -31.52
C GLY A 107 -26.70 -3.65 -31.87
N ALA A 108 -27.34 -2.73 -31.16
CA ALA A 108 -28.72 -2.38 -31.44
C ALA A 108 -28.92 -0.90 -31.26
N THR A 109 -27.83 -0.18 -31.02
CA THR A 109 -27.91 1.27 -30.87
C THR A 109 -28.74 1.92 -32.00
N GLY A 110 -29.85 2.55 -31.63
CA GLY A 110 -30.64 3.33 -32.55
C GLY A 110 -31.48 2.57 -33.57
N ASP A 111 -31.63 1.26 -33.39
CA ASP A 111 -32.43 0.43 -34.28
C ASP A 111 -33.95 0.70 -34.24
N PRO A 112 -34.56 1.16 -35.37
CA PRO A 112 -36.00 1.54 -35.35
C PRO A 112 -36.99 0.42 -34.99
N ALA A 113 -36.63 -0.82 -35.29
CA ALA A 113 -37.52 -1.94 -34.99
C ALA A 113 -37.55 -2.21 -33.49
N LEU A 114 -36.37 -2.15 -32.86
CA LEU A 114 -36.30 -2.24 -31.39
C LEU A 114 -37.11 -1.12 -30.73
N LEU A 115 -36.96 0.10 -31.26
CA LEU A 115 -37.76 1.25 -30.82
C LEU A 115 -39.25 0.95 -30.90
N ALA A 116 -39.74 0.60 -32.09
CA ALA A 116 -41.16 0.19 -32.30
C ALA A 116 -41.65 -0.82 -31.28
N ASP A 117 -40.80 -1.80 -30.92
CA ASP A 117 -41.20 -2.79 -29.90
C ASP A 117 -41.27 -2.27 -28.47
N ILE A 118 -40.34 -1.41 -28.05
CA ILE A 118 -40.45 -0.77 -26.71
C ILE A 118 -41.81 0.02 -26.63
N LEU A 119 -42.07 0.81 -27.67
CA LEU A 119 -43.35 1.54 -27.84
C LEU A 119 -44.60 0.67 -27.66
N ARG A 120 -44.68 -0.41 -28.43
CA ARG A 120 -45.82 -1.33 -28.34
C ARG A 120 -45.94 -1.91 -26.93
N GLY A 121 -44.82 -2.35 -26.38
CA GLY A 121 -44.79 -2.81 -24.99
C GLY A 121 -45.25 -1.73 -24.01
N LEU A 122 -44.71 -0.51 -24.11
CA LEU A 122 -45.21 0.60 -23.25
C LEU A 122 -46.69 0.88 -23.46
N ASP A 123 -47.12 1.00 -24.73
CA ASP A 123 -48.55 1.22 -25.02
C ASP A 123 -49.44 0.12 -24.43
N HIS A 124 -49.03 -1.13 -24.60
CA HIS A 124 -49.80 -2.24 -24.10
C HIS A 124 -49.99 -2.25 -22.59
N LEU A 125 -48.96 -1.87 -21.84
CA LEU A 125 -49.04 -1.81 -20.37
C LEU A 125 -49.93 -0.65 -19.97
N SER A 126 -49.70 0.48 -20.63
CA SER A 126 -50.49 1.68 -20.45
C SER A 126 -52.00 1.42 -20.70
N ALA A 127 -52.31 0.73 -21.80
CA ALA A 127 -53.69 0.50 -22.23
C ALA A 127 -54.36 -0.53 -21.35
N THR A 128 -53.59 -1.50 -20.86
CA THR A 128 -54.17 -2.66 -20.15
C THR A 128 -54.24 -2.57 -18.62
N VAL A 129 -53.10 -2.26 -17.97
CA VAL A 129 -53.05 -2.25 -16.48
C VAL A 129 -52.59 -0.96 -15.88
N TYR A 130 -51.47 -0.45 -16.37
CA TYR A 130 -50.77 0.61 -15.65
C TYR A 130 -51.28 1.98 -16.13
N HIS A 131 -52.44 2.41 -15.60
CA HIS A 131 -53.11 3.67 -15.99
C HIS A 131 -54.12 4.09 -14.93
N PRO A 132 -54.55 5.36 -14.93
CA PRO A 132 -55.43 5.84 -13.83
C PRO A 132 -56.81 5.18 -13.62
N ALA A 133 -57.25 4.28 -14.51
CA ALA A 133 -58.55 3.60 -14.27
C ALA A 133 -58.46 2.30 -13.45
N THR A 134 -57.23 1.77 -13.36
CA THR A 134 -56.93 0.56 -12.60
C THR A 134 -56.85 0.87 -11.13
N THR A 135 -57.69 0.24 -10.31
CA THR A 135 -57.51 0.37 -8.86
C THR A 135 -56.58 -0.77 -8.37
N ARG A 136 -55.43 -0.40 -7.81
CA ARG A 136 -54.37 -1.28 -7.31
C ARG A 136 -54.84 -2.59 -6.71
N TYR A 137 -54.14 -3.67 -7.02
CA TYR A 137 -54.38 -4.94 -6.35
C TYR A 137 -53.10 -5.61 -5.91
N GLY A 138 -53.12 -6.21 -4.73
CA GLY A 138 -52.01 -7.04 -4.30
C GLY A 138 -50.97 -6.25 -3.56
N ASN A 139 -49.71 -6.46 -3.95
CA ASN A 139 -48.58 -5.87 -3.24
C ASN A 139 -48.37 -4.41 -3.60
N TRP A 140 -48.64 -3.50 -2.67
CA TRP A 140 -48.50 -2.04 -2.91
C TRP A 140 -47.17 -1.62 -3.64
N TRP A 141 -46.09 -2.33 -3.31
CA TRP A 141 -44.73 -2.00 -3.72
C TRP A 141 -44.55 -2.06 -5.22
N GLU A 142 -45.19 -3.01 -5.89
CA GLU A 142 -45.03 -3.09 -7.34
C GLU A 142 -45.63 -1.88 -8.07
N TRP A 143 -46.69 -1.28 -7.52
CA TRP A 143 -47.37 -0.15 -8.14
C TRP A 143 -46.71 1.19 -7.77
N GLN A 144 -46.37 1.33 -6.50
CA GLN A 144 -45.85 2.59 -5.99
C GLN A 144 -44.31 2.74 -6.02
N ILE A 145 -43.59 1.63 -6.31
CA ILE A 145 -42.07 1.61 -6.35
C ILE A 145 -41.40 0.88 -7.49
N GLY A 146 -41.75 -0.38 -7.68
CA GLY A 146 -41.12 -1.23 -8.70
C GLY A 146 -41.30 -0.74 -10.12
N SER A 147 -42.54 -0.72 -10.53
CA SER A 147 -42.98 -0.19 -11.83
C SER A 147 -42.68 1.32 -12.11
N PRO A 148 -43.10 2.23 -11.24
CA PRO A 148 -42.95 3.65 -11.62
C PRO A 148 -41.49 4.10 -11.73
N ARG A 149 -40.63 3.57 -10.87
CA ARG A 149 -39.20 3.84 -10.96
C ARG A 149 -38.57 3.42 -12.30
N LEU A 150 -39.21 2.49 -13.01
CA LEU A 150 -38.68 1.98 -14.25
C LEU A 150 -39.33 2.76 -15.40
N LEU A 151 -40.63 3.03 -15.22
CA LEU A 151 -41.41 3.79 -16.19
C LEU A 151 -40.75 5.19 -16.38
N MET A 152 -40.41 5.82 -15.25
CA MET A 152 -39.72 7.12 -15.24
C MET A 152 -38.38 7.02 -15.89
N ASP A 153 -37.60 5.98 -15.58
CA ASP A 153 -36.33 5.90 -16.25
C ASP A 153 -36.43 5.65 -17.75
N ILE A 154 -37.38 4.80 -18.17
CA ILE A 154 -37.58 4.61 -19.60
C ILE A 154 -37.99 5.96 -20.29
N THR A 155 -38.97 6.65 -19.68
CA THR A 155 -39.51 7.95 -20.20
C THR A 155 -38.39 8.94 -20.28
N ALA A 156 -37.52 8.95 -19.30
CA ALA A 156 -36.37 9.82 -19.42
C ALA A 156 -35.39 9.42 -20.49
N ALA A 157 -35.11 8.14 -20.66
CA ALA A 157 -34.07 7.80 -21.66
C ALA A 157 -34.59 7.95 -23.09
N LEU A 158 -35.90 7.72 -23.27
CA LEU A 158 -36.55 7.81 -24.57
C LEU A 158 -37.42 9.08 -24.76
N TYR A 159 -37.06 10.17 -24.08
CA TYR A 159 -37.85 11.40 -24.05
C TYR A 159 -38.09 11.94 -25.45
N ASP A 160 -37.02 12.02 -26.23
CA ASP A 160 -37.07 12.53 -27.60
C ASP A 160 -37.78 11.59 -28.58
N HIS A 161 -38.12 10.37 -28.19
CA HIS A 161 -38.72 9.42 -29.15
C HIS A 161 -40.12 9.03 -28.81
N LEU A 162 -40.61 9.47 -27.67
CA LEU A 162 -41.86 8.95 -27.15
C LEU A 162 -43.12 9.69 -27.55
N GLY A 163 -42.98 10.92 -28.05
CA GLY A 163 -44.16 11.78 -28.25
C GLY A 163 -44.71 12.35 -26.93
N ALA A 164 -45.44 13.47 -27.01
CA ALA A 164 -46.02 14.14 -25.85
C ALA A 164 -47.12 13.39 -25.17
N ASP A 165 -47.84 12.52 -25.88
CA ASP A 165 -48.95 11.84 -25.21
C ASP A 165 -48.46 10.75 -24.21
N ARG A 166 -47.38 10.05 -24.60
CA ARG A 166 -46.80 8.95 -23.80
C ARG A 166 -46.16 9.51 -22.55
N VAL A 167 -45.36 10.55 -22.74
CA VAL A 167 -44.77 11.29 -21.63
C VAL A 167 -45.82 11.79 -20.66
N ALA A 168 -46.84 12.49 -21.15
CA ALA A 168 -47.92 12.93 -20.27
C ALA A 168 -48.67 11.74 -19.63
N ALA A 169 -48.85 10.62 -20.38
CA ALA A 169 -49.56 9.46 -19.81
C ALA A 169 -48.72 8.72 -18.72
N ALA A 170 -47.42 8.59 -18.94
CA ALA A 170 -46.55 8.12 -17.83
C ALA A 170 -46.67 8.99 -16.55
N CYS A 171 -46.61 10.32 -16.70
CA CYS A 171 -46.81 11.24 -15.56
C CYS A 171 -48.17 11.07 -14.88
N ALA A 172 -49.22 10.97 -15.67
CA ALA A 172 -50.52 10.85 -15.06
C ALA A 172 -50.54 9.52 -14.29
N ALA A 173 -49.98 8.46 -14.87
CA ALA A 173 -49.97 7.15 -14.14
C ALA A 173 -49.26 7.22 -12.78
N VAL A 174 -48.12 7.89 -12.76
CA VAL A 174 -47.47 8.12 -11.50
C VAL A 174 -48.34 8.95 -10.54
N ASP A 175 -48.91 10.10 -11.00
CA ASP A 175 -49.86 10.85 -10.13
C ASP A 175 -50.91 9.89 -9.57
N HIS A 176 -51.39 8.98 -10.38
CA HIS A 176 -52.46 8.09 -9.89
C HIS A 176 -51.99 7.08 -8.82
N PHE A 177 -50.82 6.48 -9.07
CA PHE A 177 -50.35 5.37 -8.18
C PHE A 177 -49.55 5.85 -7.00
N VAL A 178 -48.96 7.04 -7.12
CA VAL A 178 -48.19 7.65 -6.06
C VAL A 178 -48.75 9.02 -5.87
N PRO A 179 -49.98 9.15 -5.32
CA PRO A 179 -50.47 10.54 -5.14
C PRO A 179 -49.55 11.31 -4.20
N ASP A 180 -49.78 12.63 -4.09
CA ASP A 180 -49.05 13.50 -3.15
C ASP A 180 -49.08 13.04 -1.68
N ALA A 181 -50.22 12.46 -1.29
CA ALA A 181 -50.42 11.95 0.03
C ALA A 181 -49.39 10.86 0.39
N MET A 182 -48.90 10.11 -0.61
CA MET A 182 -47.86 9.08 -0.36
C MET A 182 -46.54 9.74 0.09
N LEU A 183 -46.48 11.06 0.00
CA LEU A 183 -45.34 11.78 0.47
C LEU A 183 -45.72 12.65 1.67
N GLY A 184 -46.80 12.26 2.35
CA GLY A 184 -47.33 13.07 3.43
C GLY A 184 -46.86 12.55 4.75
N ALA A 185 -47.69 11.74 5.40
CA ALA A 185 -47.35 11.15 6.68
C ALA A 185 -46.18 10.19 6.52
N TYR A 186 -45.21 10.34 7.41
CA TYR A 186 -44.00 9.50 7.44
C TYR A 186 -44.31 8.23 8.26
N THR A 187 -44.97 7.25 7.67
CA THR A 187 -45.44 6.13 8.44
C THR A 187 -45.84 5.03 7.49
N GLY A 188 -46.02 3.83 8.01
CA GLY A 188 -46.49 2.71 7.18
C GLY A 188 -45.50 2.43 6.08
N THR A 189 -46.00 2.37 4.84
CA THR A 189 -45.16 2.11 3.67
C THR A 189 -44.39 3.34 3.19
N SER A 190 -44.41 4.41 3.97
CA SER A 190 -43.71 5.62 3.55
C SER A 190 -42.59 6.08 4.48
N THR A 191 -41.65 5.19 4.81
CA THR A 191 -40.51 5.58 5.64
C THR A 191 -39.23 5.00 5.08
N GLY A 192 -38.12 5.56 5.52
CA GLY A 192 -36.78 4.98 5.22
C GLY A 192 -36.60 4.78 3.69
N ALA A 193 -36.14 3.60 3.29
CA ALA A 193 -35.82 3.38 1.88
C ALA A 193 -37.06 3.51 1.03
N ASN A 194 -38.19 3.14 1.61
CA ASN A 194 -39.48 3.32 0.92
C ASN A 194 -39.78 4.79 0.59
N ARG A 195 -39.59 5.66 1.57
CA ARG A 195 -39.78 7.10 1.38
C ARG A 195 -38.86 7.63 0.28
N VAL A 196 -37.60 7.22 0.30
CA VAL A 196 -36.67 7.67 -0.69
C VAL A 196 -37.11 7.26 -2.11
N ASP A 197 -37.43 6.00 -2.30
CA ASP A 197 -37.86 5.52 -3.57
C ASP A 197 -39.21 6.16 -4.02
N LEU A 198 -40.07 6.52 -3.08
CA LEU A 198 -41.29 7.23 -3.47
C LEU A 198 -40.94 8.65 -4.03
N CYS A 199 -40.05 9.37 -3.34
CA CYS A 199 -39.60 10.67 -3.81
C CYS A 199 -38.97 10.56 -5.19
N ARG A 200 -38.23 9.49 -5.42
CA ARG A 200 -37.54 9.36 -6.70
C ARG A 200 -38.55 9.43 -7.89
N SER A 201 -39.63 8.67 -7.83
CA SER A 201 -40.63 8.70 -8.90
C SER A 201 -41.28 10.08 -9.02
N VAL A 202 -41.72 10.65 -7.90
CA VAL A 202 -42.28 11.98 -7.88
C VAL A 202 -41.34 13.01 -8.42
N ALA A 203 -40.08 12.94 -8.02
CA ALA A 203 -39.12 13.85 -8.55
C ALA A 203 -39.01 13.78 -10.08
N LEU A 204 -38.92 12.56 -10.60
CA LEU A 204 -38.77 12.35 -12.02
C LEU A 204 -40.04 12.79 -12.81
N ARG A 205 -41.20 12.47 -12.27
CA ARG A 205 -42.47 12.87 -12.84
C ARG A 205 -42.48 14.43 -12.95
N GLY A 206 -41.82 15.09 -12.00
CA GLY A 206 -41.75 16.52 -12.00
C GLY A 206 -40.83 16.97 -13.11
N VAL A 207 -39.77 16.22 -13.35
CA VAL A 207 -38.79 16.66 -14.26
C VAL A 207 -39.35 16.47 -15.68
N LEU A 208 -40.02 15.36 -15.93
CA LEU A 208 -40.34 14.98 -17.29
C LEU A 208 -41.68 15.64 -17.69
N GLY A 209 -42.53 15.86 -16.70
CA GLY A 209 -43.78 16.54 -16.93
C GLY A 209 -43.62 18.05 -16.69
N ARG A 210 -42.39 18.53 -16.51
CA ARG A 210 -42.10 19.94 -16.25
C ARG A 210 -43.00 20.54 -15.17
N ALA A 211 -43.21 19.83 -14.04
CA ALA A 211 -44.04 20.29 -12.93
C ALA A 211 -43.29 20.59 -11.61
N PRO A 212 -42.85 21.85 -11.42
CA PRO A 212 -42.03 22.29 -10.28
C PRO A 212 -42.55 21.91 -8.91
N ALA A 213 -43.85 21.84 -8.73
CA ALA A 213 -44.38 21.58 -7.44
C ALA A 213 -44.10 20.09 -7.07
N LYS A 214 -44.06 19.22 -8.06
CA LYS A 214 -43.87 17.85 -7.74
C LYS A 214 -42.38 17.73 -7.41
N ILE A 215 -41.52 18.38 -8.17
CA ILE A 215 -40.12 18.31 -7.76
C ILE A 215 -39.95 18.78 -6.32
N ALA A 216 -40.64 19.85 -5.97
CA ALA A 216 -40.37 20.49 -4.68
C ALA A 216 -40.93 19.64 -3.55
N LEU A 217 -42.05 19.00 -3.79
CA LEU A 217 -42.61 18.07 -2.88
C LEU A 217 -41.64 16.85 -2.67
N ALA A 218 -40.99 16.37 -3.74
CA ALA A 218 -40.01 15.29 -3.64
C ALA A 218 -38.87 15.73 -2.73
N ARG A 219 -38.28 16.87 -3.08
CA ARG A 219 -37.23 17.44 -2.26
C ARG A 219 -37.64 17.46 -0.79
N ASP A 220 -38.85 17.98 -0.50
CA ASP A 220 -39.24 18.24 0.89
C ASP A 220 -39.47 16.93 1.67
N ALA A 221 -39.90 15.88 0.99
CA ALA A 221 -40.42 14.72 1.62
C ALA A 221 -39.21 13.79 1.97
N LEU A 222 -38.02 14.16 1.51
CA LEU A 222 -36.75 13.57 1.96
C LEU A 222 -36.47 13.91 3.39
N SER A 223 -36.89 15.10 3.86
CA SER A 223 -36.48 15.58 5.19
C SER A 223 -36.66 14.62 6.40
N PRO A 224 -37.77 13.88 6.48
CA PRO A 224 -37.89 13.11 7.72
C PRO A 224 -37.01 11.87 7.71
N VAL A 225 -36.30 11.60 6.60
CA VAL A 225 -35.41 10.47 6.51
C VAL A 225 -34.07 10.84 7.16
N PHE A 226 -33.80 12.13 7.31
CA PHE A 226 -32.48 12.54 7.70
C PHE A 226 -32.16 12.31 9.21
N PRO A 227 -33.10 12.62 10.13
CA PRO A 227 -32.70 12.58 11.56
C PRO A 227 -32.31 11.16 12.05
N TYR A 228 -31.37 11.13 12.97
CA TYR A 228 -31.01 9.89 13.63
C TYR A 228 -32.22 9.30 14.33
N VAL A 229 -32.38 7.98 14.31
CA VAL A 229 -33.32 7.32 15.22
C VAL A 229 -32.64 6.92 16.56
N THR A 230 -33.46 6.58 17.55
CA THR A 230 -32.90 6.13 18.82
C THR A 230 -33.42 4.71 19.19
N LYS A 231 -34.33 4.18 18.37
CA LYS A 231 -34.83 2.82 18.53
C LYS A 231 -35.31 2.30 17.19
N GLY A 232 -35.35 0.99 17.00
CA GLY A 232 -35.85 0.48 15.71
C GLY A 232 -34.95 0.81 14.53
N ASP A 233 -35.53 0.79 13.34
CA ASP A 233 -34.83 0.92 12.08
C ASP A 233 -34.31 2.32 11.85
N GLY A 234 -33.11 2.39 11.29
CA GLY A 234 -32.54 3.65 10.89
C GLY A 234 -31.08 3.68 11.31
N LEU A 235 -30.46 4.83 11.02
CA LEU A 235 -29.13 5.32 11.44
C LEU A 235 -29.21 6.00 12.79
N TYR A 236 -28.22 5.68 13.62
CA TYR A 236 -28.07 6.25 14.93
C TYR A 236 -26.91 7.24 15.00
N ALA A 237 -26.92 8.02 16.07
CA ALA A 237 -25.93 9.05 16.20
C ALA A 237 -24.52 8.46 16.28
N ASP A 238 -24.37 7.25 16.82
CA ASP A 238 -23.01 6.67 16.97
C ASP A 238 -22.57 5.97 15.67
N GLY A 239 -23.44 5.98 14.64
CA GLY A 239 -23.01 5.42 13.34
C GLY A 239 -23.65 4.08 13.07
N SER A 240 -24.28 3.47 14.07
CA SER A 240 -24.96 2.22 13.83
C SER A 240 -26.09 2.36 12.84
N PHE A 241 -26.41 1.21 12.25
CA PHE A 241 -27.47 1.11 11.30
C PHE A 241 -28.22 -0.20 11.51
N VAL A 242 -29.50 -0.09 11.87
CA VAL A 242 -30.32 -1.26 12.22
C VAL A 242 -31.49 -1.49 11.24
N GLN A 243 -31.88 -2.73 10.98
CA GLN A 243 -33.06 -2.98 10.15
C GLN A 243 -33.75 -4.14 10.75
N HIS A 244 -35.02 -4.31 10.37
CA HIS A 244 -35.84 -5.34 10.90
C HIS A 244 -35.88 -5.23 12.41
N THR A 245 -35.80 -3.98 12.90
CA THR A 245 -35.98 -3.64 14.31
C THR A 245 -34.79 -4.03 15.22
N TRP A 246 -34.18 -5.19 14.99
CA TRP A 246 -33.20 -5.73 15.88
C TRP A 246 -31.90 -6.13 15.24
N VAL A 247 -31.70 -5.93 13.93
CA VAL A 247 -30.58 -6.54 13.26
C VAL A 247 -29.59 -5.56 12.74
N ALA A 248 -28.33 -5.81 13.09
CA ALA A 248 -27.25 -4.96 12.64
C ALA A 248 -27.09 -5.17 11.12
N TYR A 249 -27.24 -4.09 10.34
CA TYR A 249 -27.43 -4.18 8.92
C TYR A 249 -26.74 -3.12 8.02
N SER A 250 -25.70 -2.45 8.51
CA SER A 250 -25.02 -1.42 7.75
C SER A 250 -24.56 -1.94 6.38
N GLY A 251 -24.13 -3.21 6.35
CA GLY A 251 -23.45 -3.75 5.19
C GLY A 251 -24.29 -3.73 3.91
N THR A 252 -25.56 -4.09 4.03
CA THR A 252 -26.43 -4.31 2.85
C THR A 252 -27.53 -3.27 2.82
N ALA A 253 -28.12 -2.97 3.98
CA ALA A 253 -29.14 -1.94 4.08
C ALA A 253 -28.55 -0.56 3.97
N GLY A 254 -27.30 -0.40 4.41
CA GLY A 254 -26.58 0.84 4.14
C GLY A 254 -26.38 1.15 2.66
N GLN A 255 -26.04 0.13 1.88
CA GLN A 255 -25.95 0.29 0.46
C GLN A 255 -27.28 0.89 -0.08
N VAL A 256 -28.41 0.40 0.39
CA VAL A 256 -29.70 0.84 -0.11
C VAL A 256 -29.96 2.33 0.24
N MET A 257 -29.66 2.75 1.45
N MET A 257 -29.71 2.72 1.51
CA MET A 257 -29.93 4.11 1.85
CA MET A 257 -29.78 4.12 2.03
C MET A 257 -28.96 5.14 1.24
C MET A 257 -28.99 5.06 1.15
N LEU A 258 -27.70 4.77 1.01
CA LEU A 258 -26.76 5.65 0.36
C LEU A 258 -27.00 5.77 -1.12
N ASP A 259 -27.29 4.66 -1.80
CA ASP A 259 -27.56 4.67 -3.21
C ASP A 259 -28.84 5.51 -3.50
N GLY A 260 -29.94 5.21 -2.80
CA GLY A 260 -31.24 5.91 -2.95
C GLY A 260 -31.09 7.42 -2.67
N LEU A 261 -30.54 7.77 -1.52
CA LEU A 261 -30.36 9.17 -1.20
C LEU A 261 -29.33 9.80 -2.12
N GLY A 262 -28.26 9.05 -2.38
CA GLY A 262 -27.21 9.49 -3.31
C GLY A 262 -27.74 9.91 -4.67
N ARG A 263 -28.62 9.10 -5.25
CA ARG A 263 -29.22 9.45 -6.53
C ARG A 263 -29.93 10.83 -6.50
N LEU A 264 -30.70 11.08 -5.44
CA LEU A 264 -31.52 12.28 -5.33
C LEU A 264 -30.75 13.56 -4.94
N PHE A 265 -29.78 13.42 -4.06
CA PHE A 265 -28.95 14.54 -3.67
C PHE A 265 -28.18 14.92 -4.95
N THR A 266 -27.62 13.94 -5.64
CA THR A 266 -26.89 14.25 -6.83
C THR A 266 -27.75 14.90 -7.94
N LEU A 267 -28.93 14.33 -8.19
CA LEU A 267 -29.81 14.81 -9.21
C LEU A 267 -30.06 16.33 -8.99
N LEU A 268 -30.36 16.70 -7.75
CA LEU A 268 -30.94 17.95 -7.38
C LEU A 268 -29.89 18.97 -7.01
N ALA A 269 -28.64 18.55 -6.83
CA ALA A 269 -27.54 19.48 -6.50
C ALA A 269 -27.30 20.56 -7.58
N GLY A 270 -27.13 21.83 -7.12
CA GLY A 270 -26.96 22.97 -8.04
C GLY A 270 -28.27 23.53 -8.61
N SER A 271 -29.39 22.84 -8.42
CA SER A 271 -30.66 23.30 -8.98
C SER A 271 -31.54 24.10 -7.96
N GLU A 272 -32.69 24.59 -8.41
CA GLU A 272 -33.53 25.36 -7.51
C GLU A 272 -34.22 24.45 -6.50
N TRP A 273 -34.14 23.16 -6.75
CA TRP A 273 -34.68 22.24 -5.76
C TRP A 273 -33.59 21.45 -5.04
N GLU A 274 -32.37 21.97 -4.98
CA GLU A 274 -31.36 21.27 -4.24
C GLU A 274 -31.74 21.02 -2.78
N VAL A 275 -31.39 19.87 -2.22
CA VAL A 275 -31.69 19.63 -0.79
C VAL A 275 -30.93 20.69 0.05
N THR A 276 -31.66 21.47 0.86
CA THR A 276 -31.03 22.53 1.69
C THR A 276 -31.28 22.30 3.18
N ASP A 277 -32.30 21.52 3.51
CA ASP A 277 -32.44 21.01 4.86
C ASP A 277 -31.07 20.68 5.53
N PRO A 278 -30.75 21.35 6.65
CA PRO A 278 -29.51 21.06 7.38
C PRO A 278 -29.42 19.60 7.87
N GLY A 279 -30.52 18.90 7.96
CA GLY A 279 -30.38 17.49 8.27
C GLY A 279 -29.56 16.71 7.26
N ARG A 280 -29.43 17.24 6.05
CA ARG A 280 -28.80 16.45 5.00
C ARG A 280 -27.38 16.12 5.43
N GLN A 281 -26.80 16.93 6.30
CA GLN A 281 -25.43 16.73 6.71
C GLN A 281 -25.24 15.39 7.49
N LEU A 282 -26.33 14.88 8.08
CA LEU A 282 -26.21 13.68 8.83
C LEU A 282 -26.10 12.52 7.85
N VAL A 283 -26.66 12.68 6.63
CA VAL A 283 -26.53 11.66 5.63
C VAL A 283 -25.06 11.64 5.12
N LEU A 284 -24.54 12.83 4.87
CA LEU A 284 -23.21 12.97 4.31
C LEU A 284 -22.21 12.47 5.35
N ASP A 285 -22.40 12.87 6.59
CA ASP A 285 -21.50 12.43 7.70
C ASP A 285 -21.47 10.90 7.84
N SER A 286 -22.55 10.24 7.44
CA SER A 286 -22.59 8.82 7.62
C SER A 286 -21.56 8.06 6.81
N VAL A 287 -21.05 8.67 5.73
CA VAL A 287 -20.15 7.94 4.85
C VAL A 287 -18.91 7.62 5.66
N GLU A 288 -18.38 8.57 6.42
CA GLU A 288 -17.12 8.32 7.08
C GLU A 288 -17.31 7.80 8.50
N HIS A 289 -18.46 8.11 9.04
CA HIS A 289 -18.71 7.86 10.43
C HIS A 289 -19.47 6.51 10.62
N ALA A 290 -20.33 6.10 9.69
CA ALA A 290 -21.08 4.86 9.81
C ALA A 290 -20.52 3.77 8.91
N TYR A 291 -20.17 4.08 7.64
CA TYR A 291 -19.90 3.03 6.68
C TYR A 291 -18.45 2.72 6.41
N ALA A 292 -17.63 3.74 6.17
CA ALA A 292 -16.22 3.52 5.90
C ALA A 292 -15.49 2.58 6.93
N PRO A 293 -15.85 2.70 8.23
CA PRO A 293 -15.05 1.90 9.16
C PRO A 293 -15.30 0.38 8.99
N LEU A 294 -16.37 0.03 8.27
CA LEU A 294 -16.73 -1.37 8.14
C LEU A 294 -16.21 -1.96 6.84
N ILE A 295 -15.45 -1.14 6.14
CA ILE A 295 -14.88 -1.49 4.85
C ILE A 295 -13.37 -1.70 4.90
N HIS A 296 -12.96 -2.92 4.52
CA HIS A 296 -11.54 -3.24 4.60
C HIS A 296 -11.06 -3.80 3.29
N ASP A 297 -10.16 -3.08 2.62
CA ASP A 297 -9.56 -3.54 1.39
C ASP A 297 -10.70 -4.02 0.50
N GLY A 298 -11.83 -3.31 0.53
CA GLY A 298 -12.90 -3.64 -0.39
C GLY A 298 -14.06 -4.43 0.10
N LEU A 299 -13.93 -5.19 1.21
CA LEU A 299 -15.09 -5.98 1.69
C LEU A 299 -15.84 -5.17 2.71
N VAL A 300 -17.13 -5.40 2.87
CA VAL A 300 -17.71 -4.78 4.00
C VAL A 300 -18.04 -5.97 4.98
N MET A 301 -17.72 -5.79 6.24
CA MET A 301 -17.66 -6.91 7.22
C MET A 301 -18.96 -7.74 7.37
N ASP A 302 -18.85 -9.04 7.20
CA ASP A 302 -20.00 -9.91 7.43
C ASP A 302 -20.76 -9.73 8.73
N THR A 303 -20.14 -9.16 9.76
CA THR A 303 -20.84 -8.82 11.03
C THR A 303 -22.00 -7.83 10.83
N VAL A 304 -22.06 -7.16 9.66
CA VAL A 304 -23.14 -6.19 9.41
C VAL A 304 -23.91 -6.55 8.13
N ASN A 305 -23.78 -7.82 7.70
CA ASN A 305 -24.47 -8.25 6.49
C ASN A 305 -25.68 -9.15 6.79
N GLY A 306 -26.00 -9.40 8.09
CA GLY A 306 -27.28 -10.07 8.43
C GLY A 306 -27.33 -11.43 7.75
N ARG A 307 -28.51 -11.85 7.34
CA ARG A 307 -28.72 -13.13 6.62
C ARG A 307 -28.06 -13.24 5.25
N ALA A 308 -27.70 -12.11 4.64
CA ALA A 308 -27.08 -12.09 3.33
C ALA A 308 -25.68 -12.75 3.33
N ILE A 309 -25.10 -13.05 4.52
CA ILE A 309 -23.80 -13.77 4.51
C ILE A 309 -23.96 -15.14 3.91
N SER A 310 -25.23 -15.58 3.80
CA SER A 310 -25.48 -16.97 3.36
C SER A 310 -25.81 -17.17 1.88
N ARG A 311 -25.71 -16.16 1.05
CA ARG A 311 -26.23 -16.25 -0.33
C ARG A 311 -25.28 -16.90 -1.28
N GLY A 312 -24.05 -16.41 -1.36
CA GLY A 312 -23.09 -17.00 -2.32
C GLY A 312 -23.61 -17.04 -3.77
N TYR A 313 -23.64 -18.22 -4.40
CA TYR A 313 -24.20 -18.33 -5.74
C TYR A 313 -25.73 -18.49 -5.64
N LEU A 314 -26.47 -17.52 -6.11
CA LEU A 314 -27.94 -17.61 -6.13
C LEU A 314 -28.41 -18.40 -7.38
N LYS A 315 -29.38 -19.29 -7.20
CA LYS A 315 -29.98 -19.99 -8.34
C LYS A 315 -30.61 -19.02 -9.37
N SER A 316 -31.24 -17.94 -8.92
CA SER A 316 -31.89 -17.00 -9.88
C SER A 316 -30.92 -16.03 -10.62
N ASP A 317 -29.61 -16.16 -10.38
CA ASP A 317 -28.60 -15.20 -10.90
C ASP A 317 -27.97 -15.76 -12.14
N ASP A 318 -28.41 -15.26 -13.30
CA ASP A 318 -27.86 -15.70 -14.61
C ASP A 318 -26.39 -15.28 -14.82
N LEU A 319 -25.95 -14.17 -14.23
CA LEU A 319 -24.51 -13.80 -14.31
C LEU A 319 -23.53 -14.65 -13.47
N HIS A 320 -24.06 -15.50 -12.58
CA HIS A 320 -23.24 -16.38 -11.71
C HIS A 320 -22.11 -15.61 -10.99
N VAL A 321 -22.50 -14.58 -10.24
CA VAL A 321 -21.57 -13.76 -9.48
C VAL A 321 -21.76 -14.05 -7.96
N MET A 322 -20.73 -14.49 -7.28
CA MET A 322 -20.89 -14.99 -5.89
C MET A 322 -21.15 -13.83 -4.95
N ARG A 323 -22.20 -13.89 -4.19
CA ARG A 323 -22.30 -12.93 -3.05
C ARG A 323 -21.24 -13.32 -1.96
N SER A 324 -20.79 -12.30 -1.22
CA SER A 324 -19.65 -12.43 -0.35
C SER A 324 -19.47 -11.08 0.29
N ASP A 325 -18.56 -11.04 1.29
CA ASP A 325 -18.27 -9.75 1.88
C ASP A 325 -17.72 -8.72 0.88
N HIS A 326 -16.90 -9.19 -0.07
CA HIS A 326 -16.39 -8.32 -1.17
C HIS A 326 -17.46 -7.84 -2.13
N PHE A 327 -18.32 -8.75 -2.60
CA PHE A 327 -19.45 -8.36 -3.43
C PHE A 327 -20.25 -7.25 -2.71
N HIS A 328 -20.60 -7.45 -1.43
CA HIS A 328 -21.43 -6.46 -0.71
C HIS A 328 -20.67 -5.19 -0.52
N GLY A 329 -19.37 -5.36 -0.34
CA GLY A 329 -18.50 -4.18 -0.22
C GLY A 329 -18.46 -3.30 -1.50
N GLN A 330 -18.35 -3.98 -2.65
CA GLN A 330 -18.32 -3.35 -3.97
C GLN A 330 -19.62 -2.56 -4.10
N GLN A 331 -20.76 -3.15 -3.73
CA GLN A 331 -22.03 -2.41 -3.87
C GLN A 331 -22.03 -1.16 -2.97
N LEU A 332 -21.40 -1.27 -1.80
CA LEU A 332 -21.49 -0.20 -0.84
C LEU A 332 -20.55 0.93 -1.27
N ILE A 333 -19.37 0.55 -1.76
CA ILE A 333 -18.44 1.50 -2.37
C ILE A 333 -19.06 2.25 -3.56
N ALA A 334 -19.70 1.52 -4.49
CA ALA A 334 -20.42 2.12 -5.63
C ALA A 334 -21.42 3.19 -5.14
N ALA A 335 -22.16 2.85 -4.08
CA ALA A 335 -23.19 3.75 -3.56
C ALA A 335 -22.55 5.03 -2.97
N MET A 336 -21.36 4.90 -2.37
CA MET A 336 -20.66 6.05 -1.86
C MET A 336 -20.27 6.99 -3.03
N ALA A 337 -19.80 6.42 -4.13
CA ALA A 337 -19.42 7.12 -5.34
C ALA A 337 -20.63 7.83 -5.97
N VAL A 338 -21.84 7.35 -5.72
CA VAL A 338 -23.05 8.04 -6.10
C VAL A 338 -23.30 9.25 -5.21
N LEU A 339 -23.28 9.07 -3.91
CA LEU A 339 -23.59 10.15 -3.03
C LEU A 339 -22.58 11.28 -3.15
N ALA A 340 -21.38 10.98 -3.60
CA ALA A 340 -20.29 11.98 -3.64
C ALA A 340 -20.59 13.13 -4.61
N GLY A 341 -21.44 12.91 -5.62
CA GLY A 341 -21.85 14.01 -6.49
C GLY A 341 -22.83 14.96 -5.78
N GLY A 342 -23.22 14.65 -4.56
CA GLY A 342 -24.20 15.44 -3.87
C GLY A 342 -23.62 16.11 -2.64
N ALA A 343 -22.30 15.97 -2.51
CA ALA A 343 -21.60 16.49 -1.33
C ALA A 343 -20.76 17.74 -1.64
N SER A 344 -20.14 18.34 -0.62
CA SER A 344 -19.20 19.48 -0.84
C SER A 344 -17.97 19.01 -1.60
N ASN A 345 -17.24 19.92 -2.22
CA ASN A 345 -15.96 19.54 -2.75
C ASN A 345 -15.02 18.87 -1.73
N ALA A 346 -14.95 19.38 -0.52
CA ALA A 346 -13.97 18.87 0.44
C ALA A 346 -14.31 17.39 0.77
N GLU A 347 -15.59 17.14 0.94
CA GLU A 347 -16.13 15.80 1.16
C GLU A 347 -15.79 14.90 -0.04
N ARG A 348 -16.09 15.34 -1.28
CA ARG A 348 -15.79 14.54 -2.43
C ARG A 348 -14.34 14.12 -2.46
N GLU A 349 -13.44 15.07 -2.26
CA GLU A 349 -12.06 14.77 -2.29
C GLU A 349 -11.65 13.76 -1.15
N ARG A 350 -12.20 13.86 0.08
CA ARG A 350 -11.93 12.80 1.07
C ARG A 350 -12.52 11.44 0.63
N TRP A 351 -13.77 11.41 0.17
CA TRP A 351 -14.38 10.12 -0.12
C TRP A 351 -13.63 9.40 -1.25
N HIS A 352 -13.29 10.14 -2.33
CA HIS A 352 -12.57 9.61 -3.46
C HIS A 352 -11.25 9.09 -3.03
N ALA A 353 -10.58 9.81 -2.14
CA ALA A 353 -9.30 9.28 -1.69
C ALA A 353 -9.50 7.92 -0.98
N ARG A 354 -10.58 7.76 -0.22
CA ARG A 354 -10.78 6.44 0.44
C ARG A 354 -11.09 5.42 -0.59
N ILE A 355 -11.96 5.74 -1.53
CA ILE A 355 -12.40 4.75 -2.54
C ILE A 355 -11.18 4.33 -3.41
N LYS A 356 -10.38 5.30 -3.80
CA LYS A 356 -9.17 4.99 -4.53
C LYS A 356 -8.27 3.98 -3.73
N GLY A 357 -8.20 4.13 -2.41
CA GLY A 357 -7.44 3.18 -1.57
C GLY A 357 -8.03 1.77 -1.60
N TRP A 358 -9.34 1.70 -1.51
CA TRP A 358 -10.01 0.45 -1.61
C TRP A 358 -9.80 -0.13 -2.97
N ILE A 359 -9.88 0.72 -4.02
CA ILE A 359 -9.75 0.18 -5.36
C ILE A 359 -8.36 -0.42 -5.50
N GLU A 360 -7.35 0.23 -4.92
CA GLU A 360 -5.97 -0.30 -4.99
C GLU A 360 -5.73 -1.57 -4.19
N ARG A 361 -6.46 -1.71 -3.08
CA ARG A 361 -6.11 -2.79 -2.17
C ARG A 361 -6.91 -4.07 -2.42
N ASP A 362 -8.06 -3.98 -3.11
CA ASP A 362 -8.92 -5.14 -3.29
C ASP A 362 -8.44 -6.08 -4.40
N THR A 363 -7.62 -7.02 -4.01
CA THR A 363 -7.15 -8.06 -4.92
C THR A 363 -8.04 -9.28 -4.99
N VAL A 364 -9.11 -9.29 -4.20
CA VAL A 364 -9.97 -10.48 -4.22
C VAL A 364 -10.98 -10.35 -5.35
N THR A 365 -11.70 -9.24 -5.38
CA THR A 365 -12.65 -9.00 -6.41
C THR A 365 -12.35 -7.57 -6.93
N PRO A 366 -11.44 -7.50 -7.92
CA PRO A 366 -11.01 -6.22 -8.57
C PRO A 366 -12.21 -5.28 -8.77
N VAL A 367 -12.23 -4.15 -8.10
CA VAL A 367 -13.41 -3.29 -8.21
C VAL A 367 -13.70 -2.86 -9.65
N LEU A 368 -12.66 -2.46 -10.36
CA LEU A 368 -12.81 -1.82 -11.70
C LEU A 368 -13.36 -2.78 -12.73
N THR A 369 -13.31 -4.08 -12.45
CA THR A 369 -13.87 -5.07 -13.39
C THR A 369 -14.95 -5.95 -12.78
N ALA A 370 -15.61 -5.46 -11.74
CA ALA A 370 -16.67 -6.25 -11.10
C ALA A 370 -17.80 -6.47 -12.05
N PRO A 371 -18.17 -7.75 -12.22
CA PRO A 371 -19.09 -8.18 -13.26
C PRO A 371 -20.49 -7.75 -13.03
N GLN A 372 -20.86 -7.47 -11.79
CA GLN A 372 -22.25 -7.05 -11.61
C GLN A 372 -22.45 -5.54 -11.88
N PHE A 373 -21.37 -4.76 -11.92
CA PHE A 373 -21.51 -3.29 -12.14
C PHE A 373 -22.06 -2.98 -13.54
N PRO A 374 -23.14 -2.21 -13.59
CA PRO A 374 -23.61 -1.62 -14.88
C PRO A 374 -22.66 -0.49 -15.28
N VAL A 375 -22.74 0.05 -16.51
CA VAL A 375 -21.69 1.02 -16.90
C VAL A 375 -21.62 2.30 -16.09
N ALA A 376 -22.75 2.80 -15.58
CA ALA A 376 -22.80 4.05 -14.78
C ALA A 376 -21.94 3.90 -13.54
N ASP A 377 -22.07 2.76 -12.81
CA ASP A 377 -21.16 2.49 -11.68
C ASP A 377 -19.74 2.29 -12.16
N LEU A 378 -19.53 1.56 -13.25
CA LEU A 378 -18.14 1.44 -13.77
C LEU A 378 -17.51 2.80 -14.05
N THR A 379 -18.34 3.74 -14.59
CA THR A 379 -17.82 5.07 -15.00
C THR A 379 -17.36 5.86 -13.81
N ARG A 380 -18.20 5.93 -12.77
CA ARG A 380 -17.86 6.70 -11.56
C ARG A 380 -16.65 6.10 -10.88
N LEU A 381 -16.48 4.79 -10.94
CA LEU A 381 -15.35 4.23 -10.19
C LEU A 381 -14.04 4.39 -10.94
N HIS A 382 -14.05 4.14 -12.24
CA HIS A 382 -12.91 4.52 -13.10
C HIS A 382 -12.55 6.01 -13.04
N ALA A 383 -13.53 6.91 -13.05
CA ALA A 383 -13.19 8.36 -12.94
C ALA A 383 -12.46 8.56 -11.63
N ILE A 384 -12.90 7.86 -10.57
CA ILE A 384 -12.20 8.01 -9.25
C ILE A 384 -10.79 7.49 -9.30
N ALA A 385 -10.60 6.32 -9.89
CA ALA A 385 -9.27 5.71 -9.99
C ALA A 385 -8.34 6.44 -10.93
N ASP A 386 -8.91 7.05 -11.98
CA ASP A 386 -8.10 7.80 -12.97
C ASP A 386 -7.78 9.22 -12.48
N ALA A 387 -8.49 9.74 -11.48
CA ALA A 387 -8.17 11.12 -11.05
C ALA A 387 -6.82 11.28 -10.34
N PRO A 388 -6.26 12.51 -10.36
CA PRO A 388 -5.04 12.61 -9.56
C PRO A 388 -5.49 12.74 -8.10
N GLY A 389 -4.62 12.36 -7.16
CA GLY A 389 -5.05 12.46 -5.76
C GLY A 389 -4.63 11.21 -5.03
N GLU A 390 -4.58 11.31 -3.70
CA GLU A 390 -4.06 10.25 -2.83
C GLU A 390 -4.93 9.01 -2.90
N ALA A 391 -4.33 7.82 -2.87
CA ALA A 391 -5.10 6.66 -2.41
C ALA A 391 -4.89 6.63 -0.89
N ALA A 392 -5.93 6.91 -0.09
CA ALA A 392 -5.83 6.90 1.36
C ALA A 392 -5.77 5.49 1.92
N PRO A 393 -4.87 5.25 2.87
CA PRO A 393 -4.92 3.98 3.65
C PRO A 393 -6.11 4.02 4.62
N GLU A 394 -6.58 2.87 5.11
CA GLU A 394 -7.59 2.87 6.19
C GLU A 394 -6.94 3.41 7.47
N PRO A 395 -7.53 4.41 8.09
CA PRO A 395 -6.81 4.98 9.23
C PRO A 395 -6.78 3.99 10.43
N VAL A 396 -5.67 3.93 11.15
CA VAL A 396 -5.52 3.26 12.44
C VAL A 396 -6.51 3.79 13.47
N GLY A 397 -7.14 2.92 14.28
CA GLY A 397 -8.15 3.34 15.26
C GLY A 397 -9.26 2.33 15.55
N HIS A 398 -10.26 2.77 16.29
CA HIS A 398 -11.27 1.90 16.85
C HIS A 398 -12.56 2.61 16.70
N HIS A 399 -13.59 1.90 16.28
CA HIS A 399 -14.92 2.51 16.21
C HIS A 399 -15.82 1.52 16.96
N LEU A 400 -16.52 2.01 17.96
CA LEU A 400 -17.48 1.20 18.67
C LEU A 400 -18.92 1.61 18.26
N PHE A 401 -19.61 0.75 17.51
CA PHE A 401 -21.00 1.01 17.15
C PHE A 401 -21.88 0.35 18.19
N ALA A 402 -21.97 1.02 19.33
CA ALA A 402 -22.71 0.49 20.52
C ALA A 402 -24.16 0.25 20.20
N ALA A 403 -24.81 1.12 19.39
CA ALA A 403 -26.26 0.90 19.25
C ALA A 403 -26.53 -0.37 18.39
N MET A 404 -25.52 -0.96 17.73
CA MET A 404 -25.82 -2.24 17.06
C MET A 404 -24.84 -3.33 17.56
N ASP A 405 -24.20 -3.09 18.71
CA ASP A 405 -23.33 -4.14 19.31
C ASP A 405 -22.20 -4.64 18.36
N ARG A 406 -21.48 -3.71 17.74
CA ARG A 406 -20.45 -4.01 16.79
C ARG A 406 -19.28 -3.18 17.17
N ALA A 407 -18.11 -3.76 17.03
CA ALA A 407 -16.84 -3.00 17.13
C ALA A 407 -15.92 -3.34 15.97
N VAL A 408 -15.07 -2.38 15.66
CA VAL A 408 -14.08 -2.52 14.58
C VAL A 408 -12.78 -1.89 15.03
N HIS A 409 -11.69 -2.63 14.88
CA HIS A 409 -10.36 -2.19 15.36
C HIS A 409 -9.38 -2.31 14.17
N ARG A 410 -8.52 -1.29 13.97
CA ARG A 410 -7.45 -1.30 12.96
C ARG A 410 -6.15 -0.85 13.60
N ARG A 411 -5.10 -1.59 13.29
CA ARG A 411 -3.73 -1.37 13.75
C ARG A 411 -2.87 -1.55 12.51
N PRO A 412 -1.59 -1.14 12.55
CA PRO A 412 -0.81 -1.59 11.32
C PRO A 412 -0.88 -3.12 10.95
N ALA A 413 -0.81 -4.01 11.94
CA ALA A 413 -0.73 -5.42 11.61
C ALA A 413 -2.06 -6.07 11.24
N PHE A 414 -3.21 -5.48 11.60
CA PHE A 414 -4.45 -6.14 11.32
C PHE A 414 -5.70 -5.28 11.44
N THR A 415 -6.82 -5.83 11.00
CA THR A 415 -8.16 -5.24 11.06
C THR A 415 -9.10 -6.35 11.71
N ALA A 416 -9.98 -5.97 12.62
CA ALA A 416 -10.81 -6.97 13.28
C ALA A 416 -12.23 -6.41 13.37
N GLY A 417 -13.24 -7.28 13.28
CA GLY A 417 -14.63 -6.87 13.54
C GLY A 417 -15.31 -7.86 14.54
N LEU A 418 -15.90 -7.30 15.59
CA LEU A 418 -16.56 -8.03 16.69
C LEU A 418 -18.07 -7.91 16.59
N ALA A 419 -18.76 -9.04 16.74
CA ALA A 419 -20.25 -9.05 16.78
C ALA A 419 -20.74 -9.59 18.12
N MET A 420 -21.63 -8.86 18.75
CA MET A 420 -22.30 -9.20 19.99
C MET A 420 -23.82 -9.20 19.79
N ALA A 421 -24.57 -9.28 20.90
CA ALA A 421 -26.00 -9.36 20.85
C ALA A 421 -26.42 -8.93 22.21
N SER A 422 -27.67 -8.43 22.32
CA SER A 422 -28.15 -7.85 23.58
C SER A 422 -29.70 -7.82 23.54
N ASP A 423 -30.30 -7.12 24.48
CA ASP A 423 -31.75 -7.05 24.50
C ASP A 423 -32.22 -6.10 23.38
N ARG A 424 -31.27 -5.43 22.75
CA ARG A 424 -31.52 -4.56 21.63
C ARG A 424 -31.22 -5.21 20.31
N ILE A 425 -30.33 -6.18 20.28
CA ILE A 425 -29.82 -6.64 18.98
C ILE A 425 -29.84 -8.15 18.91
N ALA A 426 -30.54 -8.69 17.93
CA ALA A 426 -30.61 -10.12 17.70
C ALA A 426 -29.27 -10.88 17.69
N HIS A 427 -29.27 -12.09 18.23
CA HIS A 427 -28.22 -13.03 18.02
C HIS A 427 -27.95 -13.28 16.57
N TYR A 428 -29.00 -13.26 15.73
CA TYR A 428 -28.82 -13.44 14.27
C TYR A 428 -30.19 -13.28 13.54
N GLU A 429 -30.10 -13.06 12.24
CA GLU A 429 -31.33 -13.08 11.43
C GLU A 429 -31.38 -14.33 10.52
N CYS A 430 -32.46 -15.10 10.59
CA CYS A 430 -32.78 -16.01 9.51
C CYS A 430 -34.16 -15.60 8.97
N GLY A 431 -34.45 -15.92 7.71
CA GLY A 431 -35.75 -15.55 7.05
C GLY A 431 -35.67 -15.85 5.58
N ASN A 432 -36.82 -16.09 4.94
CA ASN A 432 -36.86 -16.41 3.50
C ASN A 432 -35.96 -17.54 3.12
N GLY A 433 -35.79 -18.43 4.07
CA GLY A 433 -34.96 -19.65 3.82
C GLY A 433 -33.44 -19.41 3.91
N GLU A 434 -33.02 -18.27 4.42
CA GLU A 434 -31.59 -17.92 4.49
C GLU A 434 -31.02 -17.91 5.92
N ASN A 435 -29.74 -18.27 6.03
CA ASN A 435 -28.99 -18.20 7.27
C ASN A 435 -29.58 -19.08 8.39
N PRO A 436 -29.95 -20.30 8.08
CA PRO A 436 -30.63 -21.08 9.14
C PRO A 436 -29.79 -21.46 10.34
N ARG A 437 -28.46 -21.38 10.21
CA ARG A 437 -27.61 -21.83 11.27
C ARG A 437 -26.80 -20.72 11.88
N GLY A 438 -27.23 -19.47 11.68
CA GLY A 438 -26.35 -18.39 12.10
C GLY A 438 -26.36 -18.09 13.61
N TRP A 439 -26.75 -19.09 14.43
CA TRP A 439 -27.17 -18.85 15.81
C TRP A 439 -26.10 -18.11 16.63
N HIS A 440 -24.83 -18.48 16.41
CA HIS A 440 -23.82 -17.95 17.29
C HIS A 440 -22.99 -16.81 16.64
N THR A 441 -23.43 -16.28 15.52
CA THR A 441 -22.73 -15.13 14.91
C THR A 441 -22.78 -13.89 15.84
N GLY A 442 -23.64 -13.92 16.87
CA GLY A 442 -23.71 -12.80 17.87
C GLY A 442 -23.08 -13.15 19.25
N ALA A 443 -22.43 -14.32 19.33
CA ALA A 443 -22.02 -14.84 20.64
C ALA A 443 -20.57 -14.37 20.92
N GLY A 444 -20.26 -13.12 20.58
CA GLY A 444 -18.89 -12.57 20.72
C GLY A 444 -18.02 -13.07 19.60
N MET A 445 -18.50 -12.98 18.36
CA MET A 445 -17.73 -13.48 17.26
C MET A 445 -16.68 -12.40 16.89
N LEU A 446 -15.42 -12.81 16.85
CA LEU A 446 -14.32 -11.93 16.54
C LEU A 446 -13.74 -12.27 15.18
N THR A 447 -14.05 -11.48 14.12
CA THR A 447 -13.52 -11.82 12.78
C THR A 447 -12.23 -10.98 12.56
N TRP A 448 -11.28 -11.43 11.76
CA TRP A 448 -10.12 -10.59 11.51
C TRP A 448 -9.31 -10.90 10.27
N TRP A 449 -8.53 -9.91 9.85
CA TRP A 449 -7.68 -10.03 8.65
C TRP A 449 -6.28 -9.54 9.02
N ALA A 450 -5.26 -10.21 8.53
CA ALA A 450 -3.91 -9.72 8.68
C ALA A 450 -3.71 -8.67 7.55
N ASN A 451 -3.30 -7.44 7.91
CA ASN A 451 -3.19 -6.38 6.89
C ASN A 451 -2.16 -6.68 5.83
N GLY A 452 -2.45 -6.22 4.61
CA GLY A 452 -1.54 -6.43 3.49
C GLY A 452 -1.42 -7.90 3.07
N THR A 453 -2.35 -8.78 3.45
CA THR A 453 -2.44 -10.09 2.77
C THR A 453 -3.78 -10.12 2.03
N ARG A 454 -3.98 -11.06 1.12
CA ARG A 454 -5.19 -11.19 0.38
C ARG A 454 -6.30 -11.25 1.43
N ALA A 455 -7.34 -10.41 1.29
CA ALA A 455 -8.40 -10.30 2.29
C ALA A 455 -9.63 -11.17 1.99
N ASP A 456 -9.42 -12.47 1.76
CA ASP A 456 -10.47 -13.37 1.35
C ASP A 456 -10.86 -14.42 2.44
N GLN A 457 -10.37 -14.28 3.68
CA GLN A 457 -10.67 -15.24 4.78
C GLN A 457 -12.19 -15.64 4.82
N TYR A 458 -13.13 -14.67 4.86
CA TYR A 458 -14.59 -14.92 4.93
C TYR A 458 -15.24 -14.99 3.56
N THR A 459 -14.46 -14.77 2.50
CA THR A 459 -15.00 -14.73 1.14
C THR A 459 -14.94 -16.09 0.45
N ASP A 460 -13.79 -16.76 0.65
CA ASP A 460 -13.48 -17.99 -0.07
C ASP A 460 -14.21 -19.22 0.49
N TRP A 461 -15.55 -19.24 0.37
CA TRP A 461 -16.36 -20.38 0.79
C TRP A 461 -16.18 -20.70 2.27
N PHE A 462 -16.07 -19.62 3.06
CA PHE A 462 -16.04 -19.68 4.49
C PHE A 462 -17.44 -20.17 4.94
N TRP A 463 -18.51 -19.40 4.64
CA TRP A 463 -19.80 -19.72 5.24
C TRP A 463 -20.38 -21.05 4.79
N PRO A 464 -20.22 -21.47 3.51
CA PRO A 464 -20.83 -22.76 3.20
C PRO A 464 -20.04 -23.96 3.74
N THR A 465 -18.82 -23.75 4.30
CA THR A 465 -18.13 -24.87 4.84
C THR A 465 -17.90 -24.85 6.36
N VAL A 466 -18.08 -23.72 7.00
CA VAL A 466 -17.71 -23.56 8.37
C VAL A 466 -18.51 -24.47 9.30
N ASP A 467 -17.91 -24.87 10.41
CA ASP A 467 -18.67 -25.43 11.51
C ASP A 467 -19.41 -24.35 12.28
N TRP A 468 -20.74 -24.25 12.13
CA TRP A 468 -21.49 -23.17 12.70
C TRP A 468 -21.57 -23.27 14.22
N TYR A 469 -21.13 -24.39 14.80
CA TYR A 469 -21.04 -24.46 16.26
C TYR A 469 -19.64 -23.96 16.78
N ARG A 470 -18.68 -23.68 15.90
CA ARG A 470 -17.38 -23.14 16.36
C ARG A 470 -16.93 -21.89 15.56
N LEU A 471 -17.74 -20.85 15.65
CA LEU A 471 -17.42 -19.54 15.14
C LEU A 471 -16.35 -18.85 16.02
N PRO A 472 -15.40 -18.13 15.34
CA PRO A 472 -14.18 -17.58 15.99
C PRO A 472 -14.51 -16.59 17.11
N GLY A 473 -13.92 -16.85 18.28
CA GLY A 473 -14.03 -15.94 19.39
C GLY A 473 -15.13 -16.27 20.33
N THR A 474 -16.10 -17.08 19.91
CA THR A 474 -17.35 -17.20 20.66
C THR A 474 -17.22 -18.17 21.84
N THR A 475 -18.17 -18.13 22.78
CA THR A 475 -18.32 -19.16 23.80
C THR A 475 -19.75 -19.69 23.61
N VAL A 476 -19.85 -20.99 23.41
CA VAL A 476 -21.15 -21.59 23.18
C VAL A 476 -21.28 -22.89 23.98
N SER A 477 -22.52 -23.22 24.35
CA SER A 477 -22.86 -24.62 24.58
C SER A 477 -22.75 -25.43 23.29
N THR A 478 -22.21 -26.66 23.37
CA THR A 478 -22.18 -27.56 22.18
C THR A 478 -23.59 -28.21 21.92
N LYS A 479 -24.57 -27.83 22.71
CA LYS A 479 -25.94 -28.31 22.52
C LYS A 479 -26.43 -28.20 21.02
N ARG A 480 -26.99 -29.28 20.49
CA ARG A 480 -27.55 -29.28 19.14
C ARG A 480 -28.73 -28.33 19.08
N LEU A 481 -28.81 -27.57 17.99
CA LEU A 481 -29.87 -26.62 17.80
C LEU A 481 -30.51 -26.91 16.45
N ALA A 482 -31.81 -26.61 16.38
CA ALA A 482 -32.60 -26.77 15.14
C ALA A 482 -32.27 -25.61 14.18
N ASP A 483 -32.35 -25.82 12.86
CA ASP A 483 -32.34 -24.68 11.88
C ASP A 483 -33.34 -23.66 12.34
N ARG A 484 -33.01 -22.37 12.25
CA ARG A 484 -33.92 -21.29 12.63
C ARG A 484 -34.33 -21.29 14.09
N ALA A 485 -33.58 -22.00 14.94
CA ALA A 485 -33.82 -21.90 16.40
C ALA A 485 -33.83 -20.48 16.89
N GLY A 486 -34.78 -20.21 17.79
CA GLY A 486 -34.98 -18.89 18.26
C GLY A 486 -35.94 -18.05 17.45
N GLY A 487 -36.32 -18.44 16.22
CA GLY A 487 -37.29 -17.60 15.48
C GLY A 487 -36.57 -16.75 14.42
N GLU A 488 -37.35 -16.21 13.46
CA GLU A 488 -36.79 -15.54 12.26
C GLU A 488 -36.79 -14.04 12.46
N TRP A 489 -36.20 -13.27 11.52
CA TRP A 489 -36.39 -11.80 11.49
C TRP A 489 -35.86 -11.15 12.76
N GLY A 490 -34.89 -11.81 13.39
CA GLY A 490 -34.26 -11.21 14.55
C GLY A 490 -35.07 -11.32 15.84
N ALA A 491 -36.04 -12.22 15.88
CA ALA A 491 -36.78 -12.52 17.17
C ALA A 491 -35.79 -12.88 18.32
N PRO A 492 -34.75 -13.70 18.12
CA PRO A 492 -34.02 -14.15 19.38
C PRO A 492 -32.97 -13.15 19.85
N LYS A 493 -33.18 -12.61 21.05
CA LYS A 493 -32.34 -11.62 21.71
C LYS A 493 -32.03 -12.14 23.11
N PRO A 494 -30.75 -12.11 23.52
CA PRO A 494 -30.43 -12.57 24.88
C PRO A 494 -30.98 -11.60 25.90
N ASP A 495 -31.35 -12.15 27.06
CA ASP A 495 -32.04 -11.34 28.06
C ASP A 495 -30.98 -10.70 28.98
N VAL A 496 -30.24 -9.74 28.39
CA VAL A 496 -29.16 -9.03 29.07
C VAL A 496 -29.21 -7.54 28.78
N ARG A 497 -28.59 -6.71 29.63
CA ARG A 497 -28.46 -5.26 29.40
C ARG A 497 -26.98 -4.86 29.11
N TRP A 498 -26.00 -5.47 29.81
CA TRP A 498 -24.61 -4.99 29.74
C TRP A 498 -23.88 -5.55 28.53
N VAL A 499 -23.93 -4.80 27.42
CA VAL A 499 -23.21 -5.08 26.16
C VAL A 499 -22.84 -3.68 25.61
N GLY A 500 -21.53 -3.50 25.48
CA GLY A 500 -20.93 -2.27 25.01
C GLY A 500 -19.47 -2.14 25.54
N GLY A 501 -19.00 -0.91 25.72
CA GLY A 501 -17.62 -0.66 26.02
C GLY A 501 -17.31 0.84 26.01
N ALA A 502 -16.01 1.10 26.16
CA ALA A 502 -15.44 2.45 26.19
C ALA A 502 -14.23 2.49 25.27
N THR A 503 -14.07 3.58 24.55
CA THR A 503 -12.95 3.72 23.64
C THR A 503 -12.44 5.15 23.62
N ASP A 504 -11.17 5.36 23.27
CA ASP A 504 -10.71 6.75 22.95
C ASP A 504 -10.54 7.02 21.46
N GLY A 505 -11.12 6.15 20.62
CA GLY A 505 -10.94 6.25 19.18
C GLY A 505 -9.71 5.45 18.75
N GLU A 506 -8.90 4.99 19.70
CA GLU A 506 -7.73 4.20 19.31
C GLU A 506 -7.71 2.79 19.95
N TYR A 507 -7.90 2.75 21.27
CA TYR A 507 -7.95 1.49 21.99
C TYR A 507 -9.32 1.37 22.64
N ALA A 508 -9.65 0.15 23.10
CA ALA A 508 -11.02 -0.06 23.64
C ALA A 508 -11.13 -1.22 24.64
N ALA A 509 -11.99 -1.04 25.63
CA ALA A 509 -12.46 -2.09 26.52
C ALA A 509 -13.89 -2.45 26.06
N VAL A 510 -14.13 -3.71 25.62
CA VAL A 510 -15.47 -4.07 25.15
C VAL A 510 -15.93 -5.29 25.96
N GLY A 511 -17.22 -5.39 26.31
CA GLY A 511 -17.72 -6.51 27.10
C GLY A 511 -19.13 -6.94 26.71
N GLN A 512 -19.37 -8.24 26.82
CA GLN A 512 -20.65 -8.79 26.46
C GLN A 512 -21.12 -9.72 27.57
N HIS A 513 -22.25 -9.42 28.18
CA HIS A 513 -22.86 -10.35 29.11
C HIS A 513 -23.61 -11.30 28.14
N LEU A 514 -23.11 -12.55 27.99
CA LEU A 514 -23.66 -13.48 27.02
C LEU A 514 -24.68 -14.43 27.67
N LYS A 515 -25.89 -14.58 27.08
CA LYS A 515 -26.79 -15.77 27.29
C LYS A 515 -26.92 -16.51 25.96
N GLY A 516 -26.49 -17.78 25.93
CA GLY A 516 -26.36 -18.44 24.63
C GLY A 516 -27.74 -18.62 23.97
N LEU A 517 -27.77 -18.68 22.64
CA LEU A 517 -29.05 -18.91 21.91
C LEU A 517 -29.57 -20.34 22.22
N GLY A 518 -30.80 -20.42 22.70
CA GLY A 518 -31.51 -21.65 22.94
C GLY A 518 -30.86 -22.50 24.04
N SER A 519 -30.25 -21.84 25.05
CA SER A 519 -29.37 -22.55 25.96
C SER A 519 -29.48 -21.91 27.33
N THR A 520 -29.08 -22.65 28.39
CA THR A 520 -28.93 -22.05 29.72
C THR A 520 -27.50 -21.41 29.91
N LEU A 521 -26.62 -21.44 28.90
CA LEU A 521 -25.28 -20.76 28.98
C LEU A 521 -25.41 -19.28 29.33
N GLU A 522 -24.61 -18.85 30.30
CA GLU A 522 -24.43 -17.47 30.70
C GLU A 522 -22.87 -17.30 30.83
N ALA A 523 -22.30 -16.15 30.42
CA ALA A 523 -20.83 -15.94 30.42
C ALA A 523 -20.56 -14.42 30.43
N ARG A 524 -19.41 -14.00 30.96
CA ARG A 524 -18.98 -12.61 30.80
C ARG A 524 -17.76 -12.64 29.90
N LYS A 525 -17.85 -11.98 28.75
CA LYS A 525 -16.73 -11.95 27.84
C LYS A 525 -16.24 -10.50 27.72
N SER A 526 -14.92 -10.29 27.76
CA SER A 526 -14.33 -8.98 27.52
C SER A 526 -13.24 -9.06 26.45
N TRP A 527 -13.03 -7.97 25.73
CA TRP A 527 -12.01 -7.88 24.69
C TRP A 527 -11.31 -6.54 24.96
N PHE A 528 -9.98 -6.57 24.96
CA PHE A 528 -9.20 -5.36 25.14
C PHE A 528 -8.35 -5.19 23.87
N PHE A 529 -8.76 -4.23 23.05
CA PHE A 529 -8.19 -3.98 21.69
C PHE A 529 -7.00 -3.08 21.92
N LEU A 530 -5.82 -3.66 21.72
CA LEU A 530 -4.53 -2.98 21.98
C LEU A 530 -3.74 -2.67 20.68
N ASP A 531 -2.43 -2.51 20.79
CA ASP A 531 -1.63 -1.95 19.63
C ASP A 531 -1.23 -3.00 18.61
N ASP A 532 -1.12 -4.26 19.06
CA ASP A 532 -0.82 -5.39 18.15
C ASP A 532 -1.52 -6.67 18.61
N ALA A 533 -2.49 -6.55 19.49
CA ALA A 533 -3.13 -7.72 20.02
C ALA A 533 -4.55 -7.40 20.52
N VAL A 534 -5.35 -8.44 20.72
CA VAL A 534 -6.61 -8.29 21.46
C VAL A 534 -6.54 -9.30 22.57
N VAL A 535 -6.61 -8.85 23.80
CA VAL A 535 -6.58 -9.73 24.96
C VAL A 535 -8.02 -10.06 25.34
N CYS A 536 -8.34 -11.37 25.43
CA CYS A 536 -9.74 -11.83 25.56
C CYS A 536 -9.86 -12.51 26.89
N LEU A 537 -10.79 -12.04 27.70
CA LEU A 537 -11.02 -12.58 29.01
C LEU A 537 -12.44 -13.09 29.11
N GLY A 538 -12.57 -14.20 29.83
CA GLY A 538 -13.91 -14.73 30.06
C GLY A 538 -14.02 -15.21 31.46
N ALA A 539 -15.22 -15.15 31.99
CA ALA A 539 -15.45 -15.50 33.41
C ALA A 539 -16.91 -15.77 33.61
N GLY A 540 -17.20 -16.38 34.75
CA GLY A 540 -18.59 -16.60 35.10
C GLY A 540 -19.27 -17.56 34.10
N ILE A 541 -18.54 -18.49 33.50
CA ILE A 541 -19.13 -19.32 32.41
C ILE A 541 -19.89 -20.50 33.07
N THR A 542 -21.21 -20.49 32.90
CA THR A 542 -22.12 -21.33 33.68
C THR A 542 -23.16 -21.85 32.72
N CYS A 543 -23.35 -23.17 32.73
CA CYS A 543 -24.31 -23.81 31.87
C CYS A 543 -24.93 -25.05 32.62
N ALA A 544 -26.20 -25.36 32.33
CA ALA A 544 -26.83 -26.54 32.87
C ALA A 544 -27.36 -27.40 31.72
N ASP A 545 -26.77 -27.32 30.51
CA ASP A 545 -27.38 -28.01 29.37
C ASP A 545 -27.11 -29.52 29.43
N GLY A 546 -26.20 -29.97 30.27
CA GLY A 546 -25.79 -31.39 30.27
C GLY A 546 -24.74 -31.76 29.24
N VAL A 547 -24.15 -30.73 28.57
CA VAL A 547 -23.20 -30.99 27.47
C VAL A 547 -21.97 -30.10 27.60
N PRO A 548 -20.89 -30.44 26.92
CA PRO A 548 -19.72 -29.55 27.04
C PRO A 548 -20.02 -28.12 26.52
N VAL A 549 -19.28 -27.15 27.11
CA VAL A 549 -19.26 -25.71 26.72
C VAL A 549 -17.83 -25.38 26.19
N GLU A 550 -17.72 -24.65 25.07
CA GLU A 550 -16.43 -24.38 24.44
C GLU A 550 -16.29 -22.90 24.27
N THR A 551 -15.03 -22.45 24.31
CA THR A 551 -14.60 -21.16 23.80
C THR A 551 -13.71 -21.37 22.61
N VAL A 552 -14.05 -20.71 21.51
CA VAL A 552 -13.35 -20.93 20.29
C VAL A 552 -12.30 -19.86 20.13
N VAL A 553 -11.06 -20.26 20.40
CA VAL A 553 -9.91 -19.38 20.37
C VAL A 553 -9.70 -18.91 18.91
N ASP A 554 -9.86 -19.79 17.96
CA ASP A 554 -10.07 -19.29 16.62
C ASP A 554 -10.55 -20.36 15.72
N ASN A 555 -10.97 -19.95 14.52
CA ASN A 555 -11.34 -20.94 13.52
C ASN A 555 -11.01 -20.25 12.23
N ARG A 556 -9.98 -20.72 11.56
N ARG A 556 -9.97 -20.70 11.56
CA ARG A 556 -9.46 -20.10 10.35
CA ARG A 556 -9.48 -20.06 10.35
C ARG A 556 -9.67 -20.95 9.10
C ARG A 556 -9.65 -20.94 9.10
N ASN A 557 -10.23 -20.35 8.06
CA ASN A 557 -10.34 -20.97 6.76
C ASN A 557 -8.96 -20.92 6.08
N LEU A 558 -8.50 -22.06 5.60
CA LEU A 558 -7.14 -22.09 5.04
C LEU A 558 -7.16 -22.12 3.50
N GLY A 559 -8.36 -22.11 2.91
CA GLY A 559 -8.49 -22.29 1.45
C GLY A 559 -8.40 -23.80 1.13
N GLU A 560 -8.55 -24.10 -0.13
CA GLU A 560 -8.58 -25.48 -0.55
C GLU A 560 -7.19 -26.06 -0.40
N GLY A 561 -7.06 -27.19 0.31
CA GLY A 561 -5.74 -27.88 0.38
C GLY A 561 -4.65 -27.02 1.05
N GLY A 562 -5.03 -26.18 2.01
CA GLY A 562 -4.07 -25.28 2.63
C GLY A 562 -2.93 -26.00 3.31
N THR A 563 -1.70 -25.51 3.20
CA THR A 563 -0.61 -26.21 3.90
C THR A 563 0.12 -25.24 4.84
N GLN A 564 -0.53 -24.15 5.21
CA GLN A 564 0.07 -23.18 6.14
C GLN A 564 0.56 -23.88 7.42
N ALA A 565 1.79 -23.60 7.84
CA ALA A 565 2.31 -24.32 8.95
C ALA A 565 1.66 -23.80 10.22
N LEU A 566 1.26 -24.73 11.08
CA LEU A 566 0.87 -24.42 12.44
C LEU A 566 2.01 -24.85 13.36
N VAL A 567 2.53 -23.91 14.15
CA VAL A 567 3.66 -24.19 14.99
C VAL A 567 3.19 -23.90 16.38
N ARG A 568 3.56 -24.78 17.30
CA ARG A 568 3.12 -24.74 18.70
C ARG A 568 4.35 -24.80 19.62
N GLY A 569 4.78 -23.61 20.05
CA GLY A 569 5.57 -23.35 21.23
C GLY A 569 4.77 -23.62 22.48
N ARG A 570 5.17 -23.10 23.61
CA ARG A 570 4.46 -23.53 24.79
N HIS A 571 2.17 -22.82 25.28
N HIS A 571 2.20 -22.82 25.18
CA HIS A 571 1.17 -21.83 25.62
CA HIS A 571 1.21 -21.91 25.45
C HIS A 571 0.95 -20.87 24.48
C HIS A 571 0.93 -20.89 24.49
N TRP A 572 1.47 -21.18 23.32
CA TRP A 572 1.18 -20.48 22.11
C TRP A 572 0.98 -21.32 20.87
N ALA A 573 0.43 -20.75 19.83
CA ALA A 573 0.41 -21.45 18.54
C ALA A 573 0.50 -20.31 17.53
N HIS A 574 1.03 -20.62 16.36
CA HIS A 574 1.22 -19.67 15.28
C HIS A 574 0.85 -20.31 13.96
N LEU A 575 0.03 -19.59 13.20
CA LEU A 575 -0.50 -20.05 11.95
C LEU A 575 0.07 -19.12 10.85
N GLU A 576 0.97 -19.71 10.08
CA GLU A 576 1.56 -19.12 8.93
C GLU A 576 0.58 -18.39 7.99
N GLY A 577 0.87 -17.09 7.70
CA GLY A 577 -0.02 -16.32 6.81
C GLY A 577 -1.17 -15.69 7.63
N HIS A 578 -1.29 -16.00 8.92
CA HIS A 578 -2.46 -15.55 9.70
C HIS A 578 -2.05 -14.75 10.96
N GLY A 579 -1.48 -15.43 11.94
CA GLY A 579 -1.10 -14.76 13.15
C GLY A 579 -1.04 -15.81 14.23
N GLY A 580 -1.04 -15.40 15.51
CA GLY A 580 -0.90 -16.38 16.57
C GLY A 580 -1.72 -16.14 17.84
N TRP A 581 -1.58 -17.04 18.82
CA TRP A 581 -2.44 -17.01 19.99
C TRP A 581 -1.60 -17.42 21.15
N ILE A 582 -1.79 -16.78 22.26
CA ILE A 582 -1.13 -17.12 23.47
C ILE A 582 -2.20 -17.52 24.46
N VAL A 583 -2.11 -18.72 24.99
CA VAL A 583 -3.07 -19.16 25.96
C VAL A 583 -2.44 -19.77 27.18
N PRO A 584 -2.31 -18.96 28.22
CA PRO A 584 -1.51 -19.32 29.39
C PRO A 584 -2.27 -20.35 30.24
N GLY A 585 -1.54 -21.19 30.94
CA GLY A 585 -2.37 -22.20 31.64
C GLY A 585 -2.88 -23.32 30.74
N GLY A 586 -2.40 -23.35 29.49
CA GLY A 586 -2.44 -24.58 28.65
C GLY A 586 -3.85 -25.10 28.27
N ALA A 587 -3.96 -26.42 27.97
CA ALA A 587 -5.28 -26.97 27.65
C ALA A 587 -5.87 -26.49 26.31
N LEU A 588 -5.06 -25.85 25.45
CA LEU A 588 -5.48 -25.47 24.12
C LEU A 588 -5.73 -26.72 23.24
N ARG A 589 -6.87 -26.81 22.53
CA ARG A 589 -7.03 -27.90 21.58
C ARG A 589 -7.05 -27.37 20.17
N THR A 590 -6.61 -28.21 19.24
CA THR A 590 -6.50 -27.84 17.87
C THR A 590 -6.96 -29.04 16.97
N LEU A 591 -7.51 -28.73 15.81
CA LEU A 591 -7.93 -29.67 14.87
C LEU A 591 -7.73 -28.98 13.49
N ARG A 592 -7.18 -29.74 12.56
CA ARG A 592 -7.10 -29.34 11.17
C ARG A 592 -7.87 -30.34 10.33
N GLU A 593 -8.80 -29.88 9.49
CA GLU A 593 -9.68 -30.87 8.78
C GLU A 593 -10.23 -30.18 7.53
N ASP A 594 -10.60 -31.00 6.56
CA ASP A 594 -11.22 -30.57 5.37
C ASP A 594 -12.71 -30.65 5.54
N ARG A 595 -13.46 -29.67 5.05
CA ARG A 595 -14.91 -29.70 5.25
C ARG A 595 -15.49 -29.34 3.91
N THR A 596 -16.60 -30.00 3.54
CA THR A 596 -17.21 -29.81 2.24
C THR A 596 -18.57 -29.24 2.44
N GLY A 597 -19.01 -28.32 1.58
CA GLY A 597 -20.42 -27.86 1.69
C GLY A 597 -20.77 -27.04 0.50
N ALA A 598 -22.02 -26.53 0.49
CA ALA A 598 -22.55 -25.80 -0.66
C ALA A 598 -23.38 -24.66 -0.13
N TRP A 599 -23.50 -23.57 -0.87
CA TRP A 599 -24.35 -22.49 -0.39
C TRP A 599 -25.78 -22.97 -0.15
N SER A 600 -26.25 -23.92 -0.94
CA SER A 600 -27.54 -24.47 -0.68
C SER A 600 -27.71 -25.06 0.75
N ASP A 601 -26.60 -25.50 1.41
CA ASP A 601 -26.78 -25.94 2.83
C ASP A 601 -27.32 -24.80 3.75
N ILE A 602 -27.16 -23.54 3.35
CA ILE A 602 -27.50 -22.46 4.29
C ILE A 602 -28.39 -21.46 3.64
N ASN A 603 -28.96 -21.84 2.50
CA ASN A 603 -29.88 -20.93 1.80
C ASN A 603 -30.68 -21.73 0.77
N THR A 604 -32.01 -21.76 0.98
CA THR A 604 -32.90 -22.49 0.11
C THR A 604 -32.88 -21.96 -1.31
N THR A 605 -32.45 -20.70 -1.51
CA THR A 605 -32.40 -20.05 -2.84
C THR A 605 -31.05 -20.13 -3.54
N SER A 606 -30.09 -20.91 -3.00
CA SER A 606 -28.73 -20.92 -3.56
C SER A 606 -28.38 -22.22 -4.24
N THR A 607 -27.36 -22.22 -5.10
CA THR A 607 -27.00 -23.46 -5.77
C THR A 607 -26.40 -24.52 -4.84
N THR A 608 -26.31 -25.74 -5.40
CA THR A 608 -25.89 -26.94 -4.70
C THR A 608 -24.44 -27.24 -5.08
N GLU A 609 -23.80 -26.40 -5.89
CA GLU A 609 -22.39 -26.63 -6.14
C GLU A 609 -21.59 -26.71 -4.83
N ARG A 610 -20.63 -27.62 -4.78
CA ARG A 610 -19.86 -27.90 -3.59
C ARG A 610 -18.42 -27.55 -3.67
N ARG A 611 -17.84 -27.11 -2.53
CA ARG A 611 -16.38 -26.96 -2.53
C ARG A 611 -15.92 -27.57 -1.27
N THR A 612 -14.63 -27.91 -1.29
CA THR A 612 -13.97 -28.39 -0.06
C THR A 612 -12.97 -27.34 0.46
N ARG A 613 -12.98 -27.06 1.77
CA ARG A 613 -11.99 -26.10 2.34
C ARG A 613 -11.34 -26.69 3.54
N ARG A 614 -10.07 -26.36 3.74
CA ARG A 614 -9.40 -26.86 4.91
C ARG A 614 -9.49 -25.80 6.01
N TRP A 615 -9.56 -26.27 7.27
CA TRP A 615 -9.80 -25.41 8.42
C TRP A 615 -8.82 -25.65 9.56
N GLN A 616 -8.41 -24.58 10.27
CA GLN A 616 -7.60 -24.76 11.44
C GLN A 616 -8.39 -24.17 12.58
N THR A 617 -8.73 -25.02 13.54
CA THR A 617 -9.67 -24.70 14.61
C THR A 617 -9.00 -24.84 15.96
N LEU A 618 -9.21 -23.88 16.85
CA LEU A 618 -8.55 -23.92 18.15
C LEU A 618 -9.59 -23.63 19.17
N TRP A 619 -9.56 -24.37 20.28
CA TRP A 619 -10.56 -24.08 21.29
C TRP A 619 -10.18 -24.54 22.64
N LEU A 620 -10.97 -24.07 23.58
CA LEU A 620 -10.81 -24.37 24.97
C LEU A 620 -12.10 -25.11 25.38
N ASP A 621 -11.96 -26.17 26.20
CA ASP A 621 -13.09 -27.03 26.53
C ASP A 621 -13.39 -26.79 27.99
N HIS A 622 -14.54 -26.19 28.34
CA HIS A 622 -14.82 -25.84 29.69
C HIS A 622 -15.50 -27.05 30.41
N GLY A 623 -15.69 -28.18 29.73
CA GLY A 623 -16.28 -29.34 30.44
C GLY A 623 -17.80 -29.22 30.38
N THR A 624 -18.48 -30.17 31.01
CA THR A 624 -19.95 -30.24 30.95
C THR A 624 -20.43 -29.56 32.16
N ASP A 625 -21.48 -28.77 32.03
CA ASP A 625 -22.00 -28.06 33.18
C ASP A 625 -20.94 -27.28 34.02
N PRO A 626 -20.19 -26.39 33.34
CA PRO A 626 -19.22 -25.54 34.10
C PRO A 626 -20.01 -24.70 35.06
N ALA A 627 -19.40 -24.27 36.14
CA ALA A 627 -20.02 -23.38 37.11
C ALA A 627 -18.96 -22.28 37.41
N GLY A 628 -19.16 -21.08 36.89
CA GLY A 628 -18.15 -20.02 36.98
C GLY A 628 -16.77 -20.35 36.36
N ALA A 629 -16.71 -21.04 35.23
CA ALA A 629 -15.40 -21.28 34.55
C ALA A 629 -14.92 -19.94 33.90
N ASP A 630 -13.66 -19.90 33.45
CA ASP A 630 -13.06 -18.68 32.92
C ASP A 630 -12.01 -19.02 31.87
N TYR A 631 -11.51 -17.97 31.18
CA TYR A 631 -10.39 -18.14 30.31
C TYR A 631 -9.61 -16.78 30.21
N VAL A 632 -8.32 -16.90 29.86
CA VAL A 632 -7.50 -15.80 29.34
C VAL A 632 -6.84 -16.19 28.00
N TYR A 633 -6.96 -15.41 26.93
CA TYR A 633 -6.07 -15.69 25.78
C TYR A 633 -5.77 -14.38 25.08
N THR A 634 -4.63 -14.31 24.40
CA THR A 634 -4.36 -13.16 23.55
C THR A 634 -4.31 -13.59 22.11
N VAL A 635 -5.05 -12.91 21.23
CA VAL A 635 -4.84 -13.22 19.83
C VAL A 635 -3.97 -12.12 19.23
N MET A 636 -3.04 -12.49 18.38
CA MET A 636 -2.23 -11.48 17.67
C MET A 636 -2.39 -11.63 16.18
N PRO A 637 -3.44 -11.08 15.62
CA PRO A 637 -3.66 -11.19 14.19
C PRO A 637 -2.52 -10.57 13.41
N GLY A 638 -2.09 -11.23 12.35
CA GLY A 638 -1.08 -10.61 11.50
C GLY A 638 0.33 -10.70 12.10
N ALA A 639 0.53 -11.20 13.33
CA ALA A 639 1.88 -11.29 13.88
C ALA A 639 2.72 -12.33 13.22
N SER A 640 4.04 -12.11 13.21
CA SER A 640 4.93 -13.11 12.70
C SER A 640 5.17 -14.20 13.75
N ARG A 641 5.77 -15.29 13.30
CA ARG A 641 6.10 -16.34 14.26
C ARG A 641 6.98 -15.83 15.38
N ALA A 642 8.00 -15.05 15.02
CA ALA A 642 8.94 -14.55 15.99
C ALA A 642 8.27 -13.57 16.96
N ALA A 643 7.38 -12.74 16.47
CA ALA A 643 6.77 -11.73 17.38
C ALA A 643 5.93 -12.51 18.38
N LEU A 644 5.33 -13.59 17.90
CA LEU A 644 4.53 -14.39 18.78
C LEU A 644 5.35 -15.15 19.82
N ALA A 645 6.46 -15.79 19.42
CA ALA A 645 7.28 -16.47 20.40
C ALA A 645 7.80 -15.45 21.48
N ARG A 646 8.18 -14.23 21.07
CA ARG A 646 8.65 -13.30 22.10
C ARG A 646 7.51 -12.91 23.01
N ARG A 647 6.31 -12.57 22.47
CA ARG A 647 5.28 -12.08 23.40
C ARG A 647 4.93 -13.30 24.35
N ALA A 648 4.91 -14.53 23.82
CA ALA A 648 4.59 -15.64 24.65
C ALA A 648 5.60 -15.71 25.79
N ALA A 649 6.88 -15.40 25.55
CA ALA A 649 7.86 -15.52 26.71
C ALA A 649 7.87 -14.31 27.69
N ASP A 650 7.07 -13.29 27.42
CA ASP A 650 7.20 -12.01 28.14
C ASP A 650 6.12 -11.97 29.19
N ARG A 651 6.50 -11.99 30.45
CA ARG A 651 5.47 -12.03 31.47
C ARG A 651 5.25 -10.75 32.23
N HIS A 652 5.75 -9.64 31.72
CA HIS A 652 5.50 -8.41 32.38
C HIS A 652 4.72 -7.44 31.48
N TRP A 653 4.49 -7.78 30.21
CA TRP A 653 3.82 -6.85 29.34
C TRP A 653 2.33 -6.64 29.70
N LEU A 654 1.70 -7.66 30.27
CA LEU A 654 0.28 -7.57 30.56
C LEU A 654 0.05 -8.02 32.00
N THR A 655 -0.71 -7.28 32.78
CA THR A 655 -1.17 -7.81 34.03
C THR A 655 -2.69 -7.92 34.00
N VAL A 656 -3.19 -9.13 34.29
CA VAL A 656 -4.63 -9.30 34.46
C VAL A 656 -4.99 -8.80 35.87
N LEU A 657 -5.67 -7.69 35.96
CA LEU A 657 -5.94 -7.11 37.26
C LEU A 657 -7.11 -7.86 37.92
N ALA A 658 -8.08 -8.33 37.14
CA ALA A 658 -9.24 -9.01 37.65
C ALA A 658 -9.79 -9.81 36.46
N ASN A 659 -10.28 -11.04 36.75
CA ASN A 659 -11.04 -11.85 35.74
C ASN A 659 -12.11 -12.70 36.48
N ASP A 660 -13.21 -12.06 36.88
CA ASP A 660 -14.29 -12.75 37.41
C ASP A 660 -15.59 -12.15 36.95
N ASP A 661 -16.70 -12.72 37.45
CA ASP A 661 -18.01 -12.26 37.01
C ASP A 661 -18.44 -10.96 37.61
N ARG A 662 -17.57 -10.34 38.42
CA ARG A 662 -17.84 -9.00 38.96
C ARG A 662 -17.10 -7.96 38.17
N ARG A 663 -15.93 -8.30 37.69
CA ARG A 663 -15.12 -7.40 36.90
C ARG A 663 -13.95 -8.05 36.18
N GLN A 664 -13.67 -7.51 35.02
CA GLN A 664 -12.55 -8.04 34.23
C GLN A 664 -11.71 -6.82 33.80
N ALA A 665 -10.38 -6.88 33.96
CA ALA A 665 -9.55 -5.68 33.84
C ALA A 665 -8.12 -6.01 33.56
N VAL A 666 -7.47 -5.17 32.73
CA VAL A 666 -6.04 -5.42 32.43
C VAL A 666 -5.24 -4.14 32.66
N SER A 667 -3.94 -4.32 32.84
CA SER A 667 -3.01 -3.21 32.95
C SER A 667 -1.92 -3.48 31.91
N VAL A 668 -1.72 -2.53 31.02
CA VAL A 668 -0.67 -2.69 30.01
C VAL A 668 0.35 -1.50 30.11
N PRO A 669 1.44 -1.65 30.93
CA PRO A 669 2.41 -0.51 31.15
C PRO A 669 2.97 0.13 29.83
N SER A 670 3.21 -0.63 28.76
CA SER A 670 3.82 -0.09 27.54
C SER A 670 2.89 0.89 26.87
N LEU A 671 1.61 0.87 27.20
CA LEU A 671 0.61 1.79 26.67
C LEU A 671 0.16 2.77 27.72
N GLY A 672 0.79 2.75 28.88
CA GLY A 672 0.25 3.50 30.07
C GLY A 672 -1.27 3.25 30.32
N LEU A 673 -1.76 2.02 30.04
CA LEU A 673 -3.18 1.77 29.90
C LEU A 673 -3.72 0.97 31.10
N THR A 674 -4.81 1.42 31.70
CA THR A 674 -5.60 0.59 32.59
C THR A 674 -7.03 0.51 31.99
N ALA A 675 -7.52 -0.75 31.77
CA ALA A 675 -8.84 -0.95 31.13
C ALA A 675 -9.67 -1.93 32.00
N ALA A 676 -10.96 -1.63 32.24
CA ALA A 676 -11.74 -2.43 33.17
C ALA A 676 -13.20 -2.53 32.72
N ASN A 677 -13.76 -3.74 32.66
CA ASN A 677 -15.19 -3.86 32.49
C ASN A 677 -15.72 -4.22 33.87
N PHE A 678 -16.51 -3.35 34.46
CA PHE A 678 -17.21 -3.63 35.68
C PHE A 678 -18.62 -4.15 35.45
N TRP A 679 -18.84 -5.41 35.81
CA TRP A 679 -20.14 -6.03 35.61
C TRP A 679 -21.04 -5.60 36.73
N GLN A 680 -20.45 -4.97 37.74
CA GLN A 680 -21.21 -4.48 38.91
C GLN A 680 -20.26 -3.54 39.70
N ALA A 681 -20.75 -2.93 40.75
CA ALA A 681 -19.91 -2.08 41.58
C ALA A 681 -18.71 -2.83 42.06
N GLY A 682 -17.55 -2.18 42.10
CA GLY A 682 -16.34 -2.91 42.53
C GLY A 682 -15.05 -2.15 42.24
N THR A 683 -13.95 -2.85 42.39
CA THR A 683 -12.66 -2.25 42.27
C THR A 683 -11.77 -3.17 41.49
N ALA A 684 -11.01 -2.64 40.51
CA ALA A 684 -9.96 -3.44 39.81
C ALA A 684 -8.74 -2.54 39.73
N GLY A 685 -7.60 -3.04 40.22
CA GLY A 685 -6.41 -2.19 40.34
C GLY A 685 -6.75 -0.85 41.00
N PRO A 686 -6.44 0.27 40.29
CA PRO A 686 -6.58 1.63 40.83
C PRO A 686 -7.97 2.21 40.55
N LEU A 687 -8.91 1.45 39.95
CA LEU A 687 -10.23 1.95 39.61
C LEU A 687 -11.34 1.37 40.52
N THR A 688 -12.28 2.24 40.92
CA THR A 688 -13.47 1.87 41.68
C THR A 688 -14.72 2.51 41.09
N THR A 689 -15.84 1.76 40.97
CA THR A 689 -17.10 2.28 40.36
C THR A 689 -18.26 1.87 41.27
N THR A 690 -19.37 2.63 41.20
CA THR A 690 -20.55 2.33 41.99
C THR A 690 -21.53 1.43 41.18
N ALA A 691 -21.21 1.12 39.90
CA ALA A 691 -22.16 0.50 38.99
C ALA A 691 -21.49 0.00 37.73
N GLY A 692 -22.21 -0.84 36.97
CA GLY A 692 -21.70 -1.46 35.75
C GLY A 692 -21.21 -0.30 34.87
N ALA A 693 -19.99 -0.46 34.35
CA ALA A 693 -19.31 0.60 33.58
C ALA A 693 -18.12 0.00 32.88
N SER A 694 -17.69 0.66 31.81
CA SER A 694 -16.46 0.30 31.10
C SER A 694 -15.60 1.55 31.21
N VAL A 695 -14.33 1.36 31.59
CA VAL A 695 -13.42 2.43 31.92
C VAL A 695 -12.04 2.23 31.27
N LEU A 696 -11.57 3.27 30.61
CA LEU A 696 -10.24 3.24 30.01
C LEU A 696 -9.49 4.43 30.59
N VAL A 697 -8.33 4.13 31.20
CA VAL A 697 -7.43 5.18 31.60
C VAL A 697 -6.10 5.11 30.78
N ARG A 698 -5.68 6.22 30.17
N ARG A 698 -5.69 6.23 30.21
CA ARG A 698 -4.38 6.29 29.51
CA ARG A 698 -4.40 6.30 29.54
C ARG A 698 -3.50 7.39 30.10
C ARG A 698 -3.50 7.40 30.11
N ARG A 699 -2.34 7.00 30.60
CA ARG A 699 -1.30 7.92 31.14
C ARG A 699 -0.23 8.19 30.06
N ARG A 700 -0.06 9.46 29.67
CA ARG A 700 0.94 9.94 28.67
C ARG A 700 1.90 10.98 29.31
N GLY A 701 2.94 10.50 29.98
CA GLY A 701 3.91 11.36 30.65
C GLY A 701 3.33 12.20 31.77
N ARG A 702 2.90 13.42 31.46
CA ARG A 702 2.44 14.32 32.51
C ARG A 702 0.89 14.53 32.49
N THR A 703 0.24 13.81 31.60
CA THR A 703 -1.20 13.93 31.32
C THR A 703 -1.87 12.54 31.45
N ALA A 704 -3.16 12.51 31.76
CA ALA A 704 -3.87 11.25 31.67
C ALA A 704 -5.29 11.56 31.25
N THR A 705 -5.82 10.68 30.41
CA THR A 705 -7.20 10.79 30.00
C THR A 705 -7.99 9.56 30.51
N LEU A 706 -9.18 9.83 31.01
CA LEU A 706 -10.06 8.80 31.57
C LEU A 706 -11.29 8.79 30.64
N ARG A 707 -11.76 7.59 30.27
CA ARG A 707 -12.93 7.44 29.48
C ARG A 707 -13.79 6.42 30.21
N VAL A 708 -15.08 6.73 30.36
CA VAL A 708 -16.05 5.85 30.98
C VAL A 708 -17.39 5.87 30.24
N SER A 709 -18.00 4.69 30.09
CA SER A 709 -19.33 4.59 29.55
C SER A 709 -20.11 3.69 30.54
N GLU A 710 -21.42 3.63 30.39
CA GLU A 710 -22.30 2.79 31.18
C GLU A 710 -23.04 1.81 30.25
N PRO A 711 -22.46 0.63 29.94
CA PRO A 711 -23.27 -0.21 29.02
C PRO A 711 -24.67 -0.69 29.50
N PRO A 712 -24.94 -0.77 30.84
CA PRO A 712 -26.30 -1.19 31.14
C PRO A 712 -27.29 -0.10 30.69
N ARG A 713 -26.86 1.14 30.46
CA ARG A 713 -27.81 2.12 29.91
C ARG A 713 -28.99 2.44 30.82
N THR A 714 -28.82 2.29 32.13
CA THR A 714 -29.88 2.74 33.06
C THR A 714 -29.89 4.27 33.03
N GLY A 715 -28.73 4.89 32.75
CA GLY A 715 -28.65 6.38 32.74
C GLY A 715 -28.57 6.93 34.16
N GLU A 716 -28.48 6.07 35.19
CA GLU A 716 -28.37 6.57 36.55
C GLU A 716 -26.96 7.07 36.73
N ALA A 717 -26.78 8.14 37.50
CA ALA A 717 -25.47 8.69 37.71
C ALA A 717 -24.55 7.69 38.40
N LEU A 718 -23.28 7.66 38.02
CA LEU A 718 -22.36 6.73 38.67
C LEU A 718 -21.03 7.41 39.03
N GLU A 719 -20.30 6.85 39.99
CA GLU A 719 -19.11 7.50 40.44
C GLU A 719 -17.91 6.64 40.22
N ILE A 720 -16.79 7.26 39.81
CA ILE A 720 -15.56 6.52 39.53
C ILE A 720 -14.45 7.17 40.34
N VAL A 721 -13.59 6.33 40.91
CA VAL A 721 -12.44 6.79 41.66
C VAL A 721 -11.20 6.12 41.09
N TRP A 722 -10.23 6.96 40.71
CA TRP A 722 -8.96 6.52 40.15
C TRP A 722 -7.94 6.89 41.18
N ASP A 723 -7.34 5.88 41.76
CA ASP A 723 -6.39 6.08 42.79
C ASP A 723 -5.01 6.51 42.25
N HIS A 724 -4.86 7.78 41.88
CA HIS A 724 -3.59 8.26 41.31
C HIS A 724 -3.60 9.77 41.57
N PRO A 725 -2.48 10.31 42.02
CA PRO A 725 -2.40 11.75 42.31
C PRO A 725 -2.60 12.51 41.02
N VAL A 726 -3.44 13.51 41.03
CA VAL A 726 -3.66 14.27 39.84
C VAL A 726 -3.62 15.74 40.24
N GLY A 727 -3.02 16.51 39.35
CA GLY A 727 -2.79 17.92 39.59
C GLY A 727 -4.04 18.74 39.33
N ALA A 728 -4.39 18.98 38.08
CA ALA A 728 -5.49 19.87 37.75
C ALA A 728 -6.25 19.25 36.56
N VAL A 729 -7.50 19.62 36.36
CA VAL A 729 -8.24 19.13 35.24
C VAL A 729 -8.05 20.06 34.04
N LEU A 730 -7.60 19.48 32.94
CA LEU A 730 -7.48 20.22 31.70
C LEU A 730 -8.79 20.43 31.01
N ARG A 731 -9.61 19.37 30.92
CA ARG A 731 -10.95 19.44 30.24
C ARG A 731 -11.76 18.23 30.74
N ALA A 732 -13.08 18.31 30.61
CA ALA A 732 -14.00 17.24 30.98
C ALA A 732 -15.32 17.51 30.32
N ASP A 733 -16.02 16.47 29.88
CA ASP A 733 -17.30 16.62 29.28
C ASP A 733 -18.27 17.22 30.31
N GLU A 734 -19.34 17.83 29.82
CA GLU A 734 -20.44 18.42 30.59
C GLU A 734 -21.06 17.37 31.54
N THR A 735 -21.04 16.12 31.13
CA THR A 735 -21.75 15.02 31.81
C THR A 735 -20.82 14.52 32.90
N VAL A 736 -19.61 15.07 32.95
CA VAL A 736 -18.65 14.67 33.96
C VAL A 736 -18.42 15.76 35.05
N GLU A 737 -18.83 15.48 36.29
CA GLU A 737 -18.54 16.33 37.47
C GLU A 737 -17.28 15.84 38.26
N ILE A 738 -16.35 16.77 38.51
CA ILE A 738 -15.12 16.51 39.23
C ILE A 738 -15.42 16.64 40.72
N LEU A 739 -15.31 15.55 41.47
CA LEU A 739 -15.60 15.65 42.89
C LEU A 739 -14.36 15.92 43.69
N ALA A 740 -13.20 15.44 43.23
CA ALA A 740 -11.96 15.67 43.95
C ALA A 740 -10.79 15.48 43.02
N THR A 741 -9.69 16.18 43.30
CA THR A 741 -8.39 15.98 42.68
C THR A 741 -7.42 15.95 43.84
N GLY A 742 -6.12 15.91 43.56
CA GLY A 742 -5.09 15.87 44.59
C GLY A 742 -4.59 14.44 44.79
N ARG A 743 -4.98 13.81 45.91
CA ARG A 743 -4.55 12.43 46.19
C ARG A 743 -5.15 11.38 45.25
N ARG A 744 -6.32 11.64 44.72
N ARG A 744 -6.35 11.60 44.76
CA ARG A 744 -7.12 10.74 43.89
CA ARG A 744 -6.97 10.78 43.73
C ARG A 744 -7.88 11.53 42.84
C ARG A 744 -7.87 11.55 42.81
N LEU A 745 -8.47 10.89 41.84
CA LEU A 745 -9.44 11.59 41.03
C LEU A 745 -10.80 10.94 41.25
N HIS A 746 -11.81 11.73 41.53
CA HIS A 746 -13.11 11.22 41.85
C HIS A 746 -14.10 11.93 40.97
N LEU A 747 -14.79 11.18 40.11
CA LEU A 747 -15.73 11.74 39.12
C LEU A 747 -17.15 11.33 39.43
N ARG A 748 -18.15 12.13 39.07
CA ARG A 748 -19.57 11.71 39.04
C ARG A 748 -20.03 11.92 37.61
N VAL A 749 -20.49 10.83 36.96
CA VAL A 749 -20.80 10.87 35.49
C VAL A 749 -22.29 10.68 35.35
N THR A 750 -22.98 11.54 34.60
CA THR A 750 -24.37 11.34 34.28
C THR A 750 -24.39 10.74 32.86
N PRO A 751 -24.60 9.43 32.72
CA PRO A 751 -24.05 8.84 31.49
C PRO A 751 -24.90 8.71 30.26
N GLY A 752 -26.19 9.05 30.34
CA GLY A 752 -27.13 8.89 29.23
C GLY A 752 -27.47 7.40 29.07
N VAL A 753 -28.14 7.06 27.98
CA VAL A 753 -28.70 5.73 27.85
C VAL A 753 -28.27 5.09 26.54
N VAL A 754 -27.21 5.62 25.93
CA VAL A 754 -26.75 5.13 24.62
C VAL A 754 -25.30 4.66 24.67
N CYS A 755 -24.77 4.49 25.87
CA CYS A 755 -23.41 4.01 26.07
C CYS A 755 -22.38 4.94 25.40
N THR A 756 -22.66 6.24 25.41
CA THR A 756 -21.65 7.24 25.00
C THR A 756 -20.46 7.11 25.96
N THR A 757 -19.24 7.23 25.44
CA THR A 757 -18.02 7.35 26.22
C THR A 757 -17.78 8.84 26.63
N HIS A 758 -17.71 9.09 27.94
CA HIS A 758 -17.50 10.42 28.50
C HIS A 758 -16.06 10.59 28.84
N GLU A 759 -15.55 11.82 28.77
CA GLU A 759 -14.10 12.04 28.80
C GLU A 759 -13.72 13.09 29.87
N CYS A 760 -12.52 12.90 30.43
CA CYS A 760 -11.92 13.85 31.35
C CYS A 760 -10.40 13.75 31.29
N GLU A 761 -9.72 14.87 31.08
CA GLU A 761 -8.29 14.85 30.92
C GLU A 761 -7.67 15.67 32.05
N VAL A 762 -6.64 15.12 32.63
CA VAL A 762 -6.08 15.74 33.80
C VAL A 762 -4.55 15.80 33.73
N THR A 763 -3.93 16.73 34.44
CA THR A 763 -2.49 16.75 34.49
C THR A 763 -2.07 15.90 35.68
N LEU A 764 -0.90 15.30 35.62
CA LEU A 764 -0.49 14.38 36.63
C LEU A 764 0.54 14.86 37.59
N SER A 765 0.13 14.85 38.84
CA SER A 765 0.50 14.03 39.93
C SER A 765 0.76 14.91 41.11
N THR B 23 8.23 -0.79 -44.20
CA THR B 23 8.10 -1.86 -43.13
C THR B 23 8.77 -3.18 -43.48
N ALA B 24 8.88 -3.52 -44.76
CA ALA B 24 9.69 -4.71 -45.10
C ALA B 24 11.15 -4.31 -45.09
N ASP B 25 11.41 -3.04 -45.37
CA ASP B 25 12.76 -2.53 -45.42
C ASP B 25 13.37 -2.51 -44.02
N PRO B 26 14.48 -3.23 -43.81
CA PRO B 26 15.02 -3.34 -42.42
C PRO B 26 15.48 -1.97 -41.83
N TYR B 27 16.06 -1.13 -42.69
CA TYR B 27 16.57 0.18 -42.30
C TYR B 27 15.51 1.20 -42.01
N ASP B 28 14.43 1.20 -42.81
CA ASP B 28 13.35 2.14 -42.56
C ASP B 28 12.64 1.70 -41.26
N ALA B 29 12.62 0.42 -41.03
CA ALA B 29 11.89 -0.07 -39.87
C ALA B 29 12.74 0.27 -38.59
N LEU B 30 14.07 0.10 -38.64
CA LEU B 30 14.90 0.50 -37.49
C LEU B 30 14.76 2.01 -37.24
N ARG B 31 14.84 2.81 -38.30
CA ARG B 31 14.74 4.23 -38.15
C ARG B 31 13.46 4.58 -37.46
N ARG B 32 12.37 3.92 -37.80
CA ARG B 32 11.11 4.36 -37.20
C ARG B 32 11.02 3.82 -35.78
N ARG B 33 11.60 2.64 -35.57
CA ARG B 33 11.76 2.08 -34.23
C ARG B 33 12.53 3.09 -33.32
N TRP B 34 13.62 3.61 -33.84
CA TRP B 34 14.45 4.52 -33.09
C TRP B 34 13.70 5.80 -32.75
N LEU B 35 12.90 6.32 -33.66
CA LEU B 35 12.12 7.51 -33.35
C LEU B 35 11.11 7.18 -32.30
N GLY B 36 10.57 5.98 -32.30
CA GLY B 36 9.60 5.62 -31.28
C GLY B 36 10.21 5.59 -29.87
N ILE B 37 11.48 5.19 -29.78
CA ILE B 37 12.14 5.01 -28.52
C ILE B 37 12.51 6.42 -27.99
N THR B 38 12.88 7.31 -28.91
CA THR B 38 13.45 8.61 -28.67
C THR B 38 12.33 9.65 -28.46
N LEU B 39 11.25 9.59 -29.24
CA LEU B 39 10.22 10.60 -29.13
C LEU B 39 9.00 10.02 -28.49
N GLY B 40 8.89 8.71 -28.41
CA GLY B 40 7.68 8.11 -27.85
C GLY B 40 6.50 7.93 -28.81
N THR B 41 5.61 7.02 -28.41
CA THR B 41 4.63 6.52 -29.32
C THR B 41 3.23 6.37 -28.72
N GLY B 42 2.26 6.86 -29.48
CA GLY B 42 0.84 6.63 -29.17
C GLY B 42 0.35 7.30 -27.89
N TYR B 43 0.73 8.57 -27.68
CA TYR B 43 0.20 9.34 -26.55
C TYR B 43 -0.75 10.44 -27.08
N ASP B 44 -1.65 10.93 -26.24
CA ASP B 44 -2.49 12.07 -26.63
C ASP B 44 -1.77 13.39 -26.36
N PRO B 45 -1.26 14.09 -27.41
CA PRO B 45 -0.53 15.36 -27.19
C PRO B 45 -1.27 16.52 -26.49
N ALA B 46 -2.62 16.51 -26.46
CA ALA B 46 -3.39 17.61 -25.82
C ALA B 46 -3.60 17.35 -24.33
N ALA B 47 -3.29 16.11 -23.93
CA ALA B 47 -3.40 15.71 -22.52
C ALA B 47 -2.15 16.05 -21.68
N GLU B 48 -2.37 16.35 -20.41
CA GLU B 48 -1.25 16.56 -19.45
C GLU B 48 -0.74 15.19 -18.98
N PRO B 49 0.58 15.11 -18.69
CA PRO B 49 1.53 16.19 -18.73
C PRO B 49 2.24 16.31 -20.04
N TYR B 50 1.83 15.56 -21.05
CA TYR B 50 2.42 15.71 -22.41
C TYR B 50 2.38 17.14 -22.93
N ALA B 51 1.22 17.80 -22.77
CA ALA B 51 0.96 19.20 -23.25
C ALA B 51 1.95 20.27 -22.72
N SER B 52 2.21 20.25 -21.42
CA SER B 52 3.30 21.11 -20.87
C SER B 52 4.70 20.79 -21.39
N ARG B 53 5.07 19.52 -21.47
N ARG B 53 5.04 19.52 -21.46
CA ARG B 53 6.37 19.19 -22.00
CA ARG B 53 6.31 19.15 -21.98
C ARG B 53 6.55 19.63 -23.44
C ARG B 53 6.54 19.60 -23.41
N LEU B 54 5.55 19.43 -24.28
CA LEU B 54 5.60 19.89 -25.68
C LEU B 54 5.65 21.41 -25.79
N ALA B 55 4.86 22.10 -24.95
CA ALA B 55 4.87 23.58 -24.85
C ALA B 55 6.25 24.08 -24.52
N GLU B 56 6.85 23.50 -23.47
CA GLU B 56 8.20 23.88 -22.98
C GLU B 56 9.25 23.78 -24.08
N THR B 57 9.24 22.64 -24.78
CA THR B 57 10.14 22.39 -25.89
C THR B 57 10.02 23.47 -26.96
N GLY B 58 8.78 23.80 -27.34
CA GLY B 58 8.48 24.92 -28.26
C GLY B 58 8.99 26.27 -27.78
N GLU B 59 8.75 26.58 -26.49
CA GLU B 59 9.33 27.79 -25.83
C GLU B 59 10.86 27.84 -25.97
N ARG B 60 11.58 26.86 -25.42
CA ARG B 60 13.05 26.75 -25.59
C ARG B 60 13.51 26.88 -27.04
N ALA B 61 12.77 26.26 -27.97
CA ALA B 61 13.14 26.26 -29.38
C ALA B 61 12.94 27.62 -30.09
N ARG B 62 12.11 28.50 -29.53
CA ARG B 62 11.97 29.87 -30.07
C ARG B 62 13.17 30.67 -29.62
N GLU B 63 13.43 30.66 -28.34
CA GLU B 63 14.54 31.37 -27.79
C GLU B 63 15.86 30.67 -27.96
N HIS B 64 15.91 29.76 -28.90
CA HIS B 64 17.17 29.20 -29.42
C HIS B 64 17.33 29.66 -30.87
N ARG B 65 16.22 29.67 -31.62
CA ARG B 65 16.19 30.25 -32.97
C ARG B 65 16.48 31.77 -32.94
N ALA B 66 16.04 32.43 -31.86
CA ALA B 66 16.36 33.82 -31.58
C ALA B 66 17.87 33.98 -31.56
N THR B 67 18.47 33.45 -30.50
CA THR B 67 19.90 33.57 -30.24
C THR B 67 20.85 33.00 -31.32
N MET B 68 20.34 32.25 -32.31
CA MET B 68 21.25 31.57 -33.30
C MET B 68 22.00 32.47 -34.30
N ALA B 69 23.34 32.36 -34.31
CA ALA B 69 24.24 33.19 -35.12
C ALA B 69 25.47 32.48 -35.71
N PRO B 70 25.37 31.96 -36.96
CA PRO B 70 26.44 31.18 -37.61
C PRO B 70 27.73 31.96 -37.89
N THR B 71 28.70 31.88 -36.98
CA THR B 71 29.95 32.61 -37.13
C THR B 71 31.07 31.68 -37.54
N PRO B 72 32.30 31.99 -37.24
CA PRO B 72 33.37 31.12 -37.66
C PRO B 72 34.04 30.45 -36.50
N THR B 73 33.42 30.59 -35.37
CA THR B 73 33.98 30.00 -34.18
C THR B 73 32.89 29.65 -33.19
N SER B 74 31.67 29.88 -33.59
CA SER B 74 30.52 29.47 -32.78
C SER B 74 29.29 29.35 -33.71
N LEU B 75 28.22 28.73 -33.21
CA LEU B 75 26.91 28.79 -33.86
C LEU B 75 25.96 29.55 -32.95
N TRP B 76 26.24 29.55 -31.65
CA TRP B 76 25.55 30.38 -30.68
C TRP B 76 26.59 31.27 -30.01
N PRO B 77 26.29 32.58 -29.90
CA PRO B 77 26.97 33.51 -29.03
C PRO B 77 27.37 32.88 -27.67
N GLY B 78 28.64 33.08 -27.29
CA GLY B 78 29.18 32.70 -25.97
C GLY B 78 29.58 31.24 -25.77
N HIS B 79 29.66 30.48 -26.86
CA HIS B 79 29.92 29.02 -26.84
C HIS B 79 30.73 28.68 -28.07
N PRO B 80 32.04 28.95 -28.00
CA PRO B 80 32.92 28.78 -29.16
C PRO B 80 33.19 27.30 -29.47
N PHE B 81 33.60 27.02 -30.70
CA PHE B 81 33.94 25.65 -31.15
C PHE B 81 35.22 25.06 -30.55
N ASP B 82 35.90 25.82 -29.70
CA ASP B 82 37.13 25.39 -29.03
C ASP B 82 37.03 26.09 -27.68
N PRO B 83 36.88 25.36 -26.55
CA PRO B 83 36.91 23.90 -26.41
C PRO B 83 35.83 23.20 -27.29
N PRO B 84 35.98 21.87 -27.54
CA PRO B 84 35.07 21.13 -28.43
C PRO B 84 33.60 21.08 -27.96
N ALA B 85 33.36 21.25 -26.66
CA ALA B 85 31.99 21.34 -26.08
C ALA B 85 31.03 22.42 -26.66
N GLY B 86 31.57 23.36 -27.41
CA GLY B 86 30.74 24.33 -28.07
C GLY B 86 30.09 23.66 -29.25
N ILE B 87 30.73 22.60 -29.77
CA ILE B 87 30.14 21.83 -30.88
C ILE B 87 28.91 21.03 -30.38
N THR B 88 29.13 20.25 -29.32
CA THR B 88 28.10 19.51 -28.64
C THR B 88 26.95 20.42 -28.18
N PHE B 89 27.28 21.49 -27.45
CA PHE B 89 26.29 22.49 -27.00
C PHE B 89 25.39 22.91 -28.17
N ALA B 90 26.02 23.18 -29.30
CA ALA B 90 25.31 23.56 -30.49
C ALA B 90 24.41 22.44 -31.05
N TYR B 91 24.98 21.24 -31.31
CA TYR B 91 24.12 20.13 -31.75
C TYR B 91 23.00 19.94 -30.73
N GLY B 92 23.31 20.09 -29.44
CA GLY B 92 22.29 20.01 -28.40
C GLY B 92 21.08 20.87 -28.71
N ARG B 93 21.33 22.08 -29.19
CA ARG B 93 20.25 23.05 -29.40
C ARG B 93 19.46 22.75 -30.67
N LEU B 94 20.17 22.31 -31.70
CA LEU B 94 19.57 21.86 -32.95
C LEU B 94 18.60 20.68 -32.75
N TRP B 95 18.90 19.87 -31.75
CA TRP B 95 18.06 18.72 -31.43
C TRP B 95 16.75 19.20 -30.83
N THR B 96 16.84 20.12 -29.88
CA THR B 96 15.66 20.74 -29.32
C THR B 96 14.84 21.47 -30.41
N MET B 97 15.52 22.06 -31.37
CA MET B 97 14.79 22.75 -32.34
C MET B 97 14.10 21.67 -33.17
N THR B 98 14.80 20.56 -33.39
CA THR B 98 14.23 19.46 -34.19
C THR B 98 13.01 18.88 -33.52
N GLU B 99 13.10 18.62 -32.21
CA GLU B 99 11.92 18.13 -31.50
C GLU B 99 10.74 19.05 -31.71
N ALA B 100 11.02 20.36 -31.81
CA ALA B 100 9.99 21.38 -31.88
C ALA B 100 9.29 21.26 -33.23
N TYR B 101 10.09 20.99 -34.26
CA TYR B 101 9.58 20.80 -35.60
C TYR B 101 8.71 19.56 -35.69
N VAL B 102 9.18 18.44 -35.12
CA VAL B 102 8.55 17.14 -35.45
C VAL B 102 7.37 16.78 -34.57
N GLN B 103 7.32 17.33 -33.36
CA GLN B 103 6.26 16.96 -32.38
C GLN B 103 5.03 17.85 -32.43
N GLU B 104 3.86 17.22 -32.38
CA GLU B 104 2.59 17.94 -32.31
C GLU B 104 2.61 18.69 -31.02
N GLY B 105 1.92 19.82 -30.98
CA GLY B 105 1.61 20.48 -29.71
C GLY B 105 2.71 21.37 -29.21
N THR B 106 3.72 21.62 -30.04
CA THR B 106 4.80 22.50 -29.61
C THR B 106 4.56 23.96 -30.00
N GLY B 107 3.55 24.14 -30.87
CA GLY B 107 3.25 25.44 -31.47
C GLY B 107 4.18 25.75 -32.63
N ALA B 108 4.94 24.74 -33.09
CA ALA B 108 5.94 24.93 -34.16
C ALA B 108 6.03 23.74 -35.07
N THR B 109 5.22 22.74 -34.80
CA THR B 109 5.16 21.57 -35.64
C THR B 109 4.99 22.02 -37.09
N GLY B 110 5.86 21.54 -37.98
CA GLY B 110 5.70 21.72 -39.42
C GLY B 110 6.25 23.00 -40.04
N ASP B 111 6.56 23.99 -39.19
CA ASP B 111 7.00 25.34 -39.62
C ASP B 111 8.23 25.33 -40.57
N PRO B 112 8.02 25.67 -41.88
CA PRO B 112 9.10 25.61 -42.91
C PRO B 112 10.33 26.48 -42.58
N ALA B 113 10.13 27.49 -41.72
CA ALA B 113 11.18 28.42 -41.33
C ALA B 113 12.10 27.83 -40.26
N LEU B 114 11.52 27.21 -39.23
CA LEU B 114 12.31 26.45 -38.23
C LEU B 114 13.16 25.39 -38.94
N LEU B 115 12.53 24.62 -39.82
CA LEU B 115 13.23 23.66 -40.66
C LEU B 115 14.47 24.23 -41.38
N ALA B 116 14.32 25.40 -42.03
CA ALA B 116 15.44 26.08 -42.71
C ALA B 116 16.57 26.55 -41.76
N ASP B 117 16.20 27.04 -40.57
CA ASP B 117 17.19 27.44 -39.54
C ASP B 117 18.06 26.24 -39.09
N ILE B 118 17.40 25.16 -38.66
CA ILE B 118 18.08 23.92 -38.31
C ILE B 118 18.97 23.49 -39.47
N LEU B 119 18.42 23.53 -40.67
CA LEU B 119 19.18 23.15 -41.85
C LEU B 119 20.45 23.95 -42.08
N ARG B 120 20.38 25.27 -41.94
CA ARG B 120 21.55 26.12 -42.19
C ARG B 120 22.54 25.94 -41.04
N GLY B 121 21.99 25.70 -39.84
CA GLY B 121 22.75 25.45 -38.61
C GLY B 121 23.55 24.16 -38.69
N LEU B 122 22.95 23.13 -39.27
CA LEU B 122 23.68 21.90 -39.55
C LEU B 122 24.66 22.04 -40.71
N ASP B 123 24.23 22.74 -41.75
CA ASP B 123 25.06 22.96 -42.92
C ASP B 123 26.31 23.73 -42.53
N HIS B 124 26.17 24.61 -41.53
CA HIS B 124 27.27 25.43 -41.00
C HIS B 124 28.31 24.55 -40.33
N LEU B 125 27.90 23.88 -39.25
CA LEU B 125 28.73 22.94 -38.52
C LEU B 125 29.43 21.99 -39.46
N SER B 126 28.69 21.44 -40.41
CA SER B 126 29.22 20.48 -41.37
C SER B 126 30.41 21.04 -42.19
N ALA B 127 30.36 22.31 -42.58
CA ALA B 127 31.43 22.84 -43.42
C ALA B 127 32.54 23.50 -42.60
N THR B 128 32.23 23.82 -41.35
CA THR B 128 33.19 24.45 -40.47
C THR B 128 34.08 23.45 -39.70
N VAL B 129 33.56 22.86 -38.61
CA VAL B 129 34.36 21.91 -37.79
C VAL B 129 34.02 20.44 -37.93
N TYR B 130 32.75 20.08 -37.80
CA TYR B 130 32.43 18.69 -37.67
C TYR B 130 32.32 18.07 -39.04
N HIS B 131 33.49 17.67 -39.54
CA HIS B 131 33.65 17.12 -40.90
C HIS B 131 34.99 16.43 -41.03
N PRO B 132 35.14 15.54 -42.02
CA PRO B 132 36.34 14.67 -42.10
C PRO B 132 37.74 15.32 -42.37
N ALA B 133 37.78 16.63 -42.66
CA ALA B 133 39.06 17.37 -42.78
C ALA B 133 39.62 17.81 -41.43
N THR B 134 38.74 17.95 -40.42
CA THR B 134 39.14 18.43 -39.10
C THR B 134 39.84 17.35 -38.29
N THR B 135 40.94 17.72 -37.66
CA THR B 135 41.59 16.80 -36.76
C THR B 135 41.24 17.23 -35.30
N ARG B 136 40.73 16.30 -34.51
CA ARG B 136 40.31 16.50 -33.13
C ARG B 136 41.14 17.49 -32.36
N TYR B 137 40.64 17.92 -31.22
CA TYR B 137 41.41 18.66 -30.23
C TYR B 137 40.57 18.69 -28.96
N GLY B 138 41.24 18.81 -27.82
CA GLY B 138 40.58 18.73 -26.51
C GLY B 138 39.94 17.40 -26.17
N ASN B 139 38.94 17.48 -25.28
CA ASN B 139 38.14 16.33 -24.85
C ASN B 139 37.60 15.44 -26.02
N TRP B 140 38.16 14.24 -26.10
CA TRP B 140 37.77 13.23 -27.05
C TRP B 140 36.26 12.94 -27.06
N TRP B 141 35.68 12.91 -25.86
CA TRP B 141 34.26 12.60 -25.62
C TRP B 141 33.30 13.44 -26.46
N GLU B 142 33.65 14.69 -26.67
CA GLU B 142 32.73 15.59 -27.30
C GLU B 142 32.63 15.24 -28.79
N TRP B 143 33.73 14.76 -29.38
CA TRP B 143 33.72 14.40 -30.80
C TRP B 143 33.22 12.98 -31.05
N GLN B 144 33.43 12.08 -30.08
CA GLN B 144 33.17 10.66 -30.31
C GLN B 144 31.87 10.18 -29.66
N ILE B 145 31.31 10.97 -28.73
CA ILE B 145 30.08 10.57 -28.04
C ILE B 145 29.11 11.70 -28.01
N GLY B 146 29.53 12.85 -27.47
CA GLY B 146 28.59 13.98 -27.28
C GLY B 146 27.89 14.49 -28.53
N SER B 147 28.68 14.94 -29.51
CA SER B 147 28.13 15.43 -30.80
C SER B 147 27.57 14.33 -31.72
N PRO B 148 28.29 13.21 -31.93
CA PRO B 148 27.71 12.32 -32.94
C PRO B 148 26.37 11.74 -32.51
N ARG B 149 26.14 11.54 -31.22
CA ARG B 149 24.84 11.01 -30.79
C ARG B 149 23.66 11.96 -31.17
N LEU B 150 23.86 13.24 -30.88
CA LEU B 150 22.94 14.26 -31.29
C LEU B 150 22.84 14.38 -32.81
N LEU B 151 23.97 14.28 -33.52
CA LEU B 151 23.87 14.45 -34.98
C LEU B 151 23.04 13.28 -35.59
N MET B 152 23.28 12.06 -35.15
CA MET B 152 22.49 10.90 -35.57
C MET B 152 20.99 11.05 -35.30
N ASP B 153 20.62 11.61 -34.14
CA ASP B 153 19.23 11.74 -33.75
C ASP B 153 18.51 12.75 -34.59
N ILE B 154 19.18 13.88 -34.85
CA ILE B 154 18.64 14.89 -35.75
C ILE B 154 18.44 14.26 -37.14
N THR B 155 19.49 13.64 -37.67
CA THR B 155 19.39 12.98 -38.95
C THR B 155 18.20 12.03 -38.97
N ALA B 156 17.98 11.31 -37.88
CA ALA B 156 16.90 10.34 -37.88
C ALA B 156 15.56 11.04 -37.95
N ALA B 157 15.44 12.12 -37.23
CA ALA B 157 14.18 12.76 -37.05
C ALA B 157 13.79 13.52 -38.33
N LEU B 158 14.77 14.16 -38.96
CA LEU B 158 14.52 15.01 -40.13
C LEU B 158 14.96 14.36 -41.41
N TYR B 159 15.01 13.03 -41.38
CA TYR B 159 15.53 12.25 -42.49
C TYR B 159 14.94 12.66 -43.83
N ASP B 160 13.63 12.89 -43.85
CA ASP B 160 12.93 13.02 -45.11
C ASP B 160 13.19 14.40 -45.71
N HIS B 161 13.47 15.35 -44.82
CA HIS B 161 13.70 16.74 -45.19
C HIS B 161 15.16 17.09 -45.41
N LEU B 162 16.08 16.18 -45.17
CA LEU B 162 17.50 16.47 -45.37
C LEU B 162 17.96 16.03 -46.78
N GLY B 163 18.97 16.69 -47.33
CA GLY B 163 19.50 16.21 -48.61
C GLY B 163 19.96 14.77 -48.36
N ALA B 164 19.66 13.83 -49.26
CA ALA B 164 20.44 12.61 -49.28
C ALA B 164 21.97 12.93 -49.22
N ASP B 165 22.37 14.13 -49.66
CA ASP B 165 23.76 14.56 -49.53
C ASP B 165 24.16 14.82 -48.07
N ARG B 166 23.28 15.52 -47.35
CA ARG B 166 23.42 15.83 -45.93
C ARG B 166 23.42 14.60 -45.01
N VAL B 167 22.64 13.58 -45.37
CA VAL B 167 22.67 12.36 -44.65
C VAL B 167 23.95 11.59 -44.91
N ALA B 168 24.41 11.57 -46.16
CA ALA B 168 25.70 10.93 -46.46
C ALA B 168 26.88 11.57 -45.73
N ALA B 169 26.83 12.90 -45.62
CA ALA B 169 27.81 13.69 -44.90
C ALA B 169 27.79 13.45 -43.39
N ALA B 170 26.61 13.45 -42.77
CA ALA B 170 26.49 13.16 -41.34
C ALA B 170 27.16 11.83 -41.04
N CYS B 171 26.89 10.84 -41.89
CA CYS B 171 27.51 9.52 -41.82
C CYS B 171 29.04 9.48 -42.00
N ALA B 172 29.54 10.30 -42.91
CA ALA B 172 30.99 10.34 -43.14
C ALA B 172 31.72 10.98 -41.97
N ALA B 173 31.06 11.96 -41.35
CA ALA B 173 31.54 12.59 -40.11
C ALA B 173 31.64 11.58 -38.96
N VAL B 174 30.65 10.72 -38.83
CA VAL B 174 30.72 9.70 -37.81
C VAL B 174 31.80 8.66 -38.14
N ASP B 175 32.01 8.37 -39.43
CA ASP B 175 33.09 7.46 -39.84
C ASP B 175 34.47 8.02 -39.47
N HIS B 176 34.57 9.33 -39.61
CA HIS B 176 35.79 10.01 -39.31
C HIS B 176 36.09 10.05 -37.82
N PHE B 177 35.10 10.36 -37.02
CA PHE B 177 35.38 10.61 -35.62
C PHE B 177 35.15 9.38 -34.77
N VAL B 178 34.43 8.40 -35.31
CA VAL B 178 34.23 7.10 -34.64
C VAL B 178 34.51 5.94 -35.61
N PRO B 179 35.81 5.76 -35.93
CA PRO B 179 36.12 4.71 -36.85
C PRO B 179 35.90 3.34 -36.25
N ASP B 180 35.90 2.35 -37.14
CA ASP B 180 35.74 0.99 -36.72
C ASP B 180 36.68 0.65 -35.52
N ALA B 181 37.89 1.20 -35.52
CA ALA B 181 38.89 0.88 -34.49
C ALA B 181 38.49 1.30 -33.05
N MET B 182 37.64 2.33 -32.93
CA MET B 182 37.04 2.75 -31.64
C MET B 182 36.11 1.69 -31.05
N LEU B 183 35.89 0.62 -31.80
CA LEU B 183 34.97 -0.45 -31.42
C LEU B 183 35.68 -1.78 -31.41
N GLY B 184 37.01 -1.78 -31.53
CA GLY B 184 37.75 -3.04 -31.44
C GLY B 184 38.16 -3.37 -30.00
N ALA B 185 39.36 -2.92 -29.64
CA ALA B 185 40.03 -3.25 -28.37
C ALA B 185 39.17 -2.73 -27.23
N TYR B 186 38.82 -3.62 -26.28
CA TYR B 186 37.95 -3.22 -25.17
C TYR B 186 38.81 -2.57 -24.10
N THR B 187 39.19 -1.31 -24.31
CA THR B 187 40.23 -0.71 -23.52
C THR B 187 40.13 0.80 -23.52
N GLY B 188 40.75 1.43 -22.53
CA GLY B 188 40.88 2.88 -22.51
C GLY B 188 39.53 3.60 -22.51
N THR B 189 39.27 4.31 -23.60
CA THR B 189 38.03 5.06 -23.73
C THR B 189 36.88 4.26 -24.35
N SER B 190 37.10 2.99 -24.63
CA SER B 190 36.07 2.24 -25.28
C SER B 190 35.70 1.08 -24.39
N THR B 191 35.31 1.36 -23.15
CA THR B 191 34.73 0.35 -22.25
C THR B 191 33.50 0.95 -21.55
N GLY B 192 32.73 0.08 -20.90
CA GLY B 192 31.64 0.51 -20.05
C GLY B 192 30.56 1.30 -20.78
N ALA B 193 30.13 2.37 -20.15
CA ALA B 193 29.12 3.23 -20.73
C ALA B 193 29.69 3.90 -21.97
N ASN B 194 31.01 4.09 -21.99
CA ASN B 194 31.59 4.73 -23.15
C ASN B 194 31.36 3.84 -24.37
N ARG B 195 31.63 2.56 -24.21
CA ARG B 195 31.47 1.61 -25.26
C ARG B 195 30.06 1.57 -25.83
N VAL B 196 29.08 1.53 -24.97
CA VAL B 196 27.68 1.55 -25.33
C VAL B 196 27.29 2.76 -26.15
N ASP B 197 27.86 3.91 -25.82
CA ASP B 197 27.53 5.15 -26.50
C ASP B 197 28.23 5.29 -27.85
N LEU B 198 29.47 4.83 -27.95
CA LEU B 198 30.11 4.61 -29.21
C LEU B 198 29.29 3.69 -30.20
N CYS B 199 28.86 2.53 -29.71
CA CYS B 199 28.00 1.59 -30.39
C CYS B 199 26.72 2.28 -30.85
N ARG B 200 26.08 3.06 -29.97
CA ARG B 200 24.91 3.81 -30.37
C ARG B 200 25.20 4.67 -31.61
N SER B 201 26.26 5.46 -31.61
CA SER B 201 26.40 6.36 -32.76
C SER B 201 26.66 5.57 -34.04
N VAL B 202 27.37 4.47 -33.93
CA VAL B 202 27.73 3.68 -35.07
C VAL B 202 26.53 2.87 -35.60
N ALA B 203 25.81 2.25 -34.69
CA ALA B 203 24.55 1.60 -35.04
C ALA B 203 23.62 2.53 -35.83
N LEU B 204 23.44 3.76 -35.34
CA LEU B 204 22.59 4.74 -36.00
C LEU B 204 23.11 5.20 -37.38
N ARG B 205 24.44 5.28 -37.51
CA ARG B 205 25.08 5.67 -38.75
C ARG B 205 24.83 4.52 -39.75
N GLY B 206 24.72 3.31 -39.23
CA GLY B 206 24.49 2.14 -39.99
C GLY B 206 23.04 2.13 -40.42
N VAL B 207 22.13 2.47 -39.50
CA VAL B 207 20.72 2.62 -39.89
C VAL B 207 20.49 3.71 -40.97
N LEU B 208 21.03 4.90 -40.73
CA LEU B 208 20.69 6.02 -41.54
C LEU B 208 21.45 5.99 -42.86
N GLY B 209 22.66 5.45 -42.88
CA GLY B 209 23.40 5.33 -44.10
C GLY B 209 23.22 3.97 -44.76
N ARG B 210 22.29 3.16 -44.27
CA ARG B 210 22.01 1.86 -44.83
C ARG B 210 23.30 1.04 -45.02
N ALA B 211 24.03 0.83 -43.91
CA ALA B 211 25.34 0.16 -43.94
C ALA B 211 25.36 -1.02 -42.99
N PRO B 212 25.03 -2.20 -43.51
CA PRO B 212 24.81 -3.32 -42.61
C PRO B 212 26.04 -3.80 -41.75
N ALA B 213 27.29 -3.56 -42.20
CA ALA B 213 28.50 -3.95 -41.44
C ALA B 213 28.68 -3.06 -40.18
N LYS B 214 28.26 -1.80 -40.30
CA LYS B 214 28.24 -0.87 -39.16
C LYS B 214 27.30 -1.37 -38.06
N ILE B 215 26.09 -1.76 -38.44
CA ILE B 215 25.14 -2.22 -37.46
C ILE B 215 25.66 -3.52 -36.86
N ALA B 216 26.22 -4.40 -37.71
CA ALA B 216 26.75 -5.65 -37.23
C ALA B 216 27.91 -5.36 -36.26
N LEU B 217 28.76 -4.40 -36.60
CA LEU B 217 29.90 -4.04 -35.75
C LEU B 217 29.45 -3.49 -34.39
N ALA B 218 28.49 -2.56 -34.40
CA ALA B 218 27.92 -1.99 -33.18
C ALA B 218 27.22 -3.06 -32.31
N ARG B 219 26.52 -4.00 -32.95
CA ARG B 219 25.89 -5.08 -32.19
C ARG B 219 27.00 -5.86 -31.48
N ASP B 220 27.97 -6.35 -32.27
CA ASP B 220 29.05 -7.21 -31.78
C ASP B 220 29.90 -6.53 -30.70
N ALA B 221 30.16 -5.24 -30.91
CA ALA B 221 31.02 -4.52 -30.02
C ALA B 221 30.39 -4.30 -28.63
N LEU B 222 29.15 -4.77 -28.41
CA LEU B 222 28.51 -4.69 -27.14
C LEU B 222 28.86 -5.87 -26.29
N SER B 223 29.28 -6.95 -26.93
CA SER B 223 29.50 -8.18 -26.17
C SER B 223 30.53 -8.08 -25.00
N PRO B 224 31.65 -7.38 -25.21
CA PRO B 224 32.50 -7.40 -24.02
C PRO B 224 31.95 -6.54 -22.84
N VAL B 225 30.80 -5.84 -22.99
CA VAL B 225 30.23 -5.02 -21.92
C VAL B 225 29.49 -5.96 -20.93
N PHE B 226 29.11 -7.11 -21.47
CA PHE B 226 28.24 -7.99 -20.74
C PHE B 226 28.88 -8.75 -19.60
N PRO B 227 30.07 -9.37 -19.78
CA PRO B 227 30.53 -10.19 -18.64
C PRO B 227 30.68 -9.36 -17.33
N TYR B 228 30.38 -9.96 -16.19
CA TYR B 228 30.66 -9.37 -14.91
C TYR B 228 32.14 -9.03 -14.74
N VAL B 229 32.46 -7.99 -13.96
CA VAL B 229 33.85 -7.73 -13.63
C VAL B 229 34.23 -8.29 -12.24
N THR B 230 35.52 -8.43 -11.93
CA THR B 230 35.86 -8.85 -10.57
C THR B 230 36.80 -7.85 -9.91
N LYS B 231 37.11 -6.74 -10.58
CA LYS B 231 37.67 -5.56 -9.95
C LYS B 231 37.43 -4.30 -10.78
N GLY B 232 37.56 -3.14 -10.17
CA GLY B 232 37.34 -1.92 -10.92
C GLY B 232 35.85 -1.72 -11.34
N ASP B 233 35.63 -0.89 -12.33
CA ASP B 233 34.34 -0.50 -12.85
C ASP B 233 33.56 -1.66 -13.41
N GLY B 234 32.26 -1.62 -13.14
CA GLY B 234 31.34 -2.51 -13.79
C GLY B 234 30.43 -3.20 -12.82
N LEU B 235 29.79 -4.22 -13.33
CA LEU B 235 28.74 -4.97 -12.67
C LEU B 235 29.36 -6.30 -12.22
N TYR B 236 29.14 -6.63 -10.97
CA TYR B 236 29.68 -7.83 -10.37
C TYR B 236 28.61 -8.89 -10.24
N ALA B 237 29.07 -10.15 -10.13
CA ALA B 237 28.20 -11.33 -10.02
C ALA B 237 27.25 -11.16 -8.89
N ASP B 238 27.64 -10.43 -7.83
CA ASP B 238 26.68 -10.37 -6.69
C ASP B 238 25.70 -9.18 -6.83
N GLY B 239 25.76 -8.45 -7.95
CA GLY B 239 24.82 -7.34 -8.16
C GLY B 239 25.40 -5.94 -7.86
N SER B 240 26.62 -5.88 -7.28
CA SER B 240 27.29 -4.59 -7.02
C SER B 240 27.61 -3.96 -8.35
N PHE B 241 27.61 -2.64 -8.33
CA PHE B 241 28.03 -1.81 -9.46
C PHE B 241 29.02 -0.70 -8.99
N VAL B 242 30.24 -0.72 -9.56
CA VAL B 242 31.27 0.24 -9.17
C VAL B 242 31.66 1.09 -10.37
N GLN B 243 31.93 2.36 -10.09
CA GLN B 243 32.50 3.31 -11.02
C GLN B 243 33.60 4.09 -10.32
N HIS B 244 34.41 4.76 -11.14
CA HIS B 244 35.62 5.44 -10.70
C HIS B 244 36.50 4.51 -9.86
N THR B 245 36.55 3.25 -10.30
CA THR B 245 37.41 2.23 -9.72
C THR B 245 36.98 1.78 -8.30
N TRP B 246 36.56 2.69 -7.44
CA TRP B 246 36.37 2.40 -6.07
C TRP B 246 35.05 2.83 -5.42
N VAL B 247 34.07 3.36 -6.16
CA VAL B 247 32.97 4.05 -5.58
C VAL B 247 31.66 3.24 -5.87
N ALA B 248 30.90 2.93 -4.82
CA ALA B 248 29.54 2.29 -4.99
C ALA B 248 28.61 3.22 -5.76
N TYR B 249 28.16 2.75 -6.92
CA TYR B 249 27.56 3.65 -7.92
C TYR B 249 26.28 3.17 -8.66
N SER B 250 25.57 2.20 -8.09
CA SER B 250 24.40 1.68 -8.79
C SER B 250 23.36 2.71 -9.11
N GLY B 251 23.16 3.67 -8.22
CA GLY B 251 22.00 4.53 -8.31
C GLY B 251 22.02 5.49 -9.47
N THR B 252 23.19 5.98 -9.83
CA THR B 252 23.26 6.92 -10.97
C THR B 252 23.93 6.29 -12.17
N ALA B 253 25.04 5.63 -11.95
CA ALA B 253 25.79 5.15 -13.05
C ALA B 253 25.11 3.89 -13.56
N GLY B 254 24.32 3.27 -12.69
CA GLY B 254 23.49 2.18 -13.15
C GLY B 254 22.40 2.65 -14.10
N GLN B 255 21.84 3.84 -13.84
CA GLN B 255 20.82 4.34 -14.70
C GLN B 255 21.47 4.52 -16.10
N VAL B 256 22.70 4.99 -16.13
CA VAL B 256 23.41 5.12 -17.40
C VAL B 256 23.56 3.79 -18.18
N MET B 257 23.90 2.71 -17.45
N MET B 257 23.87 2.70 -17.48
CA MET B 257 24.09 1.34 -17.98
CA MET B 257 24.10 1.44 -18.17
C MET B 257 22.80 0.91 -18.64
C MET B 257 22.78 0.82 -18.67
N LEU B 258 21.75 0.81 -17.83
CA LEU B 258 20.44 0.35 -18.25
C LEU B 258 19.86 1.18 -19.36
N ASP B 259 19.98 2.50 -19.28
CA ASP B 259 19.40 3.34 -20.34
C ASP B 259 20.05 3.12 -21.74
N GLY B 260 21.37 3.18 -21.75
CA GLY B 260 22.14 3.03 -22.96
C GLY B 260 21.95 1.65 -23.57
N LEU B 261 21.93 0.60 -22.73
CA LEU B 261 21.82 -0.79 -23.22
C LEU B 261 20.39 -1.01 -23.63
N GLY B 262 19.49 -0.47 -22.84
CA GLY B 262 18.07 -0.59 -23.14
C GLY B 262 17.68 0.05 -24.49
N ARG B 263 18.13 1.26 -24.75
CA ARG B 263 17.94 1.82 -26.07
C ARG B 263 18.42 0.80 -27.17
N LEU B 264 19.64 0.23 -27.07
CA LEU B 264 20.15 -0.59 -28.14
C LEU B 264 19.50 -1.94 -28.23
N PHE B 265 19.20 -2.57 -27.09
CA PHE B 265 18.58 -3.84 -27.09
C PHE B 265 17.19 -3.69 -27.72
N THR B 266 16.49 -2.64 -27.29
CA THR B 266 15.16 -2.38 -27.77
C THR B 266 15.21 -2.06 -29.25
N LEU B 267 16.19 -1.27 -29.69
CA LEU B 267 16.25 -0.91 -31.11
C LEU B 267 16.40 -2.15 -32.01
N LEU B 268 17.29 -3.07 -31.62
CA LEU B 268 17.71 -4.16 -32.46
C LEU B 268 16.81 -5.36 -32.36
N ALA B 269 15.98 -5.41 -31.34
CA ALA B 269 15.24 -6.63 -31.10
C ALA B 269 14.32 -6.97 -32.32
N GLY B 270 14.33 -8.24 -32.71
CA GLY B 270 13.44 -8.72 -33.82
C GLY B 270 14.10 -8.45 -35.14
N SER B 271 15.16 -7.62 -35.18
CA SER B 271 15.84 -7.29 -36.44
C SER B 271 16.93 -8.32 -36.81
N GLU B 272 17.53 -8.16 -37.95
CA GLU B 272 18.62 -9.04 -38.36
C GLU B 272 19.93 -8.78 -37.62
N TRP B 273 19.97 -7.68 -36.89
CA TRP B 273 21.11 -7.36 -36.04
C TRP B 273 20.78 -7.44 -34.55
N GLU B 274 19.78 -8.21 -34.20
CA GLU B 274 19.46 -8.30 -32.83
C GLU B 274 20.63 -8.91 -32.03
N VAL B 275 20.67 -8.50 -30.76
CA VAL B 275 21.68 -8.95 -29.82
C VAL B 275 21.37 -10.38 -29.44
N THR B 276 22.29 -11.30 -29.72
CA THR B 276 21.96 -12.74 -29.54
C THR B 276 23.01 -13.32 -28.67
N ASP B 277 24.11 -12.60 -28.43
CA ASP B 277 25.10 -13.04 -27.42
C ASP B 277 24.39 -13.45 -26.12
N PRO B 278 24.61 -14.70 -25.61
CA PRO B 278 23.83 -15.09 -24.42
C PRO B 278 24.27 -14.36 -23.14
N GLY B 279 25.42 -13.69 -23.18
CA GLY B 279 25.84 -12.72 -22.15
C GLY B 279 24.80 -11.61 -21.91
N ARG B 280 24.04 -11.21 -22.94
CA ARG B 280 23.01 -10.19 -22.77
C ARG B 280 22.19 -10.46 -21.51
N GLN B 281 22.06 -11.74 -21.15
CA GLN B 281 21.14 -12.16 -20.10
C GLN B 281 21.62 -11.65 -18.71
N LEU B 282 22.93 -11.42 -18.61
CA LEU B 282 23.52 -10.82 -17.42
C LEU B 282 22.99 -9.38 -17.24
N VAL B 283 22.84 -8.63 -18.34
CA VAL B 283 22.34 -7.28 -18.33
C VAL B 283 20.91 -7.36 -17.87
N LEU B 284 20.14 -8.32 -18.43
CA LEU B 284 18.70 -8.37 -18.15
C LEU B 284 18.47 -8.80 -16.71
N ASP B 285 19.32 -9.70 -16.23
CA ASP B 285 19.20 -10.19 -14.82
C ASP B 285 19.54 -9.07 -13.80
N SER B 286 20.29 -8.08 -14.24
CA SER B 286 20.70 -7.03 -13.29
C SER B 286 19.54 -6.17 -12.83
N VAL B 287 18.48 -6.03 -13.67
CA VAL B 287 17.31 -5.27 -13.27
C VAL B 287 16.84 -5.69 -11.88
N GLU B 288 16.55 -6.98 -11.69
CA GLU B 288 16.02 -7.45 -10.42
C GLU B 288 17.12 -7.81 -9.39
N HIS B 289 18.28 -8.22 -9.87
CA HIS B 289 19.32 -8.69 -8.98
C HIS B 289 20.28 -7.52 -8.47
N ALA B 290 20.52 -6.49 -9.29
CA ALA B 290 21.42 -5.39 -8.95
C ALA B 290 20.61 -4.15 -8.55
N TYR B 291 19.58 -3.83 -9.33
CA TYR B 291 19.02 -2.50 -9.14
C TYR B 291 17.74 -2.42 -8.35
N ALA B 292 16.76 -3.28 -8.64
CA ALA B 292 15.48 -3.19 -7.90
C ALA B 292 15.62 -3.18 -6.35
N PRO B 293 16.49 -3.99 -5.80
CA PRO B 293 16.57 -3.99 -4.35
C PRO B 293 17.06 -2.65 -3.74
N LEU B 294 17.57 -1.71 -4.57
CA LEU B 294 18.02 -0.39 -4.07
C LEU B 294 16.96 0.64 -4.26
N ILE B 295 15.77 0.23 -4.72
CA ILE B 295 14.72 1.26 -4.96
C ILE B 295 13.61 1.08 -3.95
N HIS B 296 13.32 2.13 -3.17
CA HIS B 296 12.30 2.00 -2.19
C HIS B 296 11.23 3.04 -2.40
N ASP B 297 10.01 2.58 -2.75
CA ASP B 297 8.92 3.54 -2.97
C ASP B 297 9.32 4.72 -3.88
N GLY B 298 10.06 4.42 -4.95
CA GLY B 298 10.42 5.43 -5.98
C GLY B 298 11.83 5.99 -5.84
N LEU B 299 12.42 5.96 -4.62
CA LEU B 299 13.81 6.54 -4.43
C LEU B 299 14.89 5.49 -4.66
N VAL B 300 16.05 5.87 -5.16
CA VAL B 300 17.10 4.88 -5.16
C VAL B 300 18.07 5.37 -4.05
N MET B 301 18.60 4.46 -3.24
CA MET B 301 19.21 4.83 -1.95
C MET B 301 20.49 5.66 -2.11
N ASP B 302 20.58 6.72 -1.34
CA ASP B 302 21.70 7.63 -1.46
C ASP B 302 23.05 6.94 -1.16
N THR B 303 23.02 5.81 -0.47
CA THR B 303 24.23 5.00 -0.27
C THR B 303 24.86 4.54 -1.60
N VAL B 304 24.09 4.56 -2.73
CA VAL B 304 24.70 4.19 -4.07
C VAL B 304 24.63 5.30 -5.10
N ASN B 305 24.50 6.55 -4.63
CA ASN B 305 24.49 7.74 -5.54
C ASN B 305 25.79 8.59 -5.54
N GLY B 306 26.80 8.19 -4.77
CA GLY B 306 28.17 8.81 -4.82
C GLY B 306 28.04 10.26 -4.51
N ARG B 307 28.78 11.11 -5.25
CA ARG B 307 28.79 12.55 -5.05
C ARG B 307 27.49 13.21 -5.43
N ALA B 308 26.66 12.51 -6.18
CA ALA B 308 25.46 13.13 -6.70
C ALA B 308 24.48 13.44 -5.60
N ILE B 309 24.74 12.88 -4.42
CA ILE B 309 23.84 13.19 -3.29
C ILE B 309 23.91 14.66 -2.97
N SER B 310 24.93 15.37 -3.49
CA SER B 310 25.13 16.80 -3.10
C SER B 310 24.56 17.83 -4.08
N ARG B 311 23.89 17.39 -5.09
CA ARG B 311 23.41 18.24 -6.15
C ARG B 311 22.22 19.14 -5.86
N GLY B 312 21.12 18.58 -5.39
CA GLY B 312 19.87 19.40 -5.15
C GLY B 312 19.55 20.31 -6.35
N TYR B 313 19.43 21.62 -6.10
CA TYR B 313 19.09 22.53 -7.19
C TYR B 313 20.41 22.96 -7.84
N LEU B 314 20.56 22.61 -9.11
CA LEU B 314 21.68 23.01 -9.94
C LEU B 314 21.45 24.41 -10.54
N LYS B 315 22.48 25.23 -10.54
CA LYS B 315 22.41 26.57 -11.12
C LYS B 315 22.13 26.56 -12.62
N SER B 316 22.56 25.51 -13.30
CA SER B 316 22.42 25.35 -14.76
C SER B 316 21.08 24.77 -15.23
N ASP B 317 20.17 24.50 -14.31
CA ASP B 317 18.98 23.75 -14.59
C ASP B 317 17.91 24.79 -14.71
N ASP B 318 17.53 25.07 -15.96
CA ASP B 318 16.45 26.04 -16.25
C ASP B 318 15.08 25.60 -15.71
N LEU B 319 14.89 24.29 -15.70
CA LEU B 319 13.66 23.63 -15.20
C LEU B 319 13.48 23.76 -13.71
N HIS B 320 14.59 23.94 -12.97
CA HIS B 320 14.57 24.02 -11.50
C HIS B 320 13.95 22.74 -10.83
N VAL B 321 14.54 21.60 -11.12
CA VAL B 321 14.05 20.37 -10.53
C VAL B 321 15.09 19.82 -9.53
N MET B 322 14.70 19.65 -8.27
CA MET B 322 15.67 19.19 -7.27
C MET B 322 16.18 17.73 -7.48
N ARG B 323 17.50 17.56 -7.59
CA ARG B 323 18.09 16.25 -7.50
C ARG B 323 17.95 15.72 -6.06
N SER B 324 17.83 14.42 -5.92
CA SER B 324 17.52 13.75 -4.65
C SER B 324 17.48 12.28 -4.97
N ASP B 325 17.39 11.49 -3.93
CA ASP B 325 17.16 10.10 -3.97
C ASP B 325 15.92 9.70 -4.82
N HIS B 326 14.82 10.41 -4.67
CA HIS B 326 13.66 10.25 -5.61
C HIS B 326 13.90 10.64 -7.06
N PHE B 327 14.54 11.78 -7.30
CA PHE B 327 14.91 12.15 -8.67
C PHE B 327 15.75 11.03 -9.24
N HIS B 328 16.73 10.51 -8.47
CA HIS B 328 17.62 9.54 -9.12
C HIS B 328 16.85 8.22 -9.36
N GLY B 329 15.93 7.96 -8.48
CA GLY B 329 15.11 6.77 -8.56
C GLY B 329 14.23 6.81 -9.79
N GLN B 330 13.52 7.93 -9.99
CA GLN B 330 12.72 8.15 -11.22
C GLN B 330 13.59 7.88 -12.48
N GLN B 331 14.80 8.41 -12.51
CA GLN B 331 15.66 8.22 -13.69
C GLN B 331 15.93 6.73 -13.90
N LEU B 332 16.09 6.00 -12.78
CA LEU B 332 16.43 4.58 -12.84
C LEU B 332 15.27 3.74 -13.29
N ILE B 333 14.10 4.02 -12.73
CA ILE B 333 12.87 3.42 -13.12
C ILE B 333 12.62 3.63 -14.60
N ALA B 334 12.75 4.85 -15.08
CA ALA B 334 12.58 5.07 -16.50
C ALA B 334 13.58 4.23 -17.27
N ALA B 335 14.83 4.10 -16.78
CA ALA B 335 15.81 3.29 -17.58
C ALA B 335 15.39 1.80 -17.71
N MET B 336 14.76 1.29 -16.66
CA MET B 336 14.29 -0.07 -16.65
C MET B 336 13.10 -0.24 -17.65
N ALA B 337 12.21 0.75 -17.69
CA ALA B 337 11.09 0.73 -18.65
C ALA B 337 11.64 0.75 -20.08
N VAL B 338 12.81 1.33 -20.33
CA VAL B 338 13.37 1.26 -21.68
C VAL B 338 13.88 -0.15 -21.98
N LEU B 339 14.63 -0.72 -21.02
CA LEU B 339 15.29 -1.96 -21.27
C LEU B 339 14.29 -3.06 -21.38
N ALA B 340 13.16 -2.87 -20.72
CA ALA B 340 12.04 -3.80 -20.84
C ALA B 340 11.63 -4.12 -22.30
N GLY B 341 11.81 -3.19 -23.24
CA GLY B 341 11.48 -3.46 -24.63
C GLY B 341 12.42 -4.50 -25.30
N GLY B 342 13.49 -4.89 -24.59
CA GLY B 342 14.54 -5.79 -25.08
C GLY B 342 14.57 -7.10 -24.28
N ALA B 343 13.60 -7.28 -23.39
CA ALA B 343 13.52 -8.48 -22.58
C ALA B 343 12.43 -9.48 -23.04
N SER B 344 12.36 -10.63 -22.42
CA SER B 344 11.32 -11.59 -22.75
C SER B 344 9.98 -11.06 -22.17
N ASN B 345 8.85 -11.65 -22.56
CA ASN B 345 7.55 -11.24 -22.05
C ASN B 345 7.44 -11.53 -20.57
N ALA B 346 8.00 -12.66 -20.16
CA ALA B 346 7.96 -13.00 -18.74
C ALA B 346 8.77 -11.95 -17.88
N GLU B 347 9.85 -11.40 -18.45
CA GLU B 347 10.65 -10.36 -17.77
C GLU B 347 9.92 -9.00 -17.69
N ARG B 348 9.50 -8.52 -18.87
CA ARG B 348 8.67 -7.32 -19.01
C ARG B 348 7.54 -7.38 -17.99
N GLU B 349 6.85 -8.50 -17.90
CA GLU B 349 5.75 -8.60 -16.96
C GLU B 349 6.16 -8.45 -15.48
N ARG B 350 7.30 -9.04 -15.10
CA ARG B 350 7.80 -8.93 -13.74
C ARG B 350 8.22 -7.49 -13.50
N TRP B 351 8.88 -6.91 -14.49
CA TRP B 351 9.38 -5.59 -14.34
C TRP B 351 8.27 -4.59 -14.28
N HIS B 352 7.33 -4.70 -15.20
CA HIS B 352 6.18 -3.80 -15.21
C HIS B 352 5.46 -3.88 -13.87
N ALA B 353 5.38 -5.06 -13.28
CA ALA B 353 4.68 -5.13 -12.03
C ALA B 353 5.50 -4.38 -10.93
N ARG B 354 6.83 -4.47 -10.95
N ARG B 354 6.83 -4.47 -10.95
CA ARG B 354 7.63 -3.77 -9.93
CA ARG B 354 7.63 -3.77 -9.93
C ARG B 354 7.47 -2.27 -10.10
C ARG B 354 7.47 -2.27 -10.10
N ILE B 355 7.57 -1.81 -11.35
CA ILE B 355 7.47 -0.41 -11.68
C ILE B 355 6.10 0.18 -11.35
N LYS B 356 5.07 -0.63 -11.53
CA LYS B 356 3.74 -0.18 -11.25
C LYS B 356 3.66 0.01 -9.73
N GLY B 357 4.34 -0.84 -8.97
CA GLY B 357 4.34 -0.69 -7.53
C GLY B 357 5.00 0.64 -7.08
N TRP B 358 6.07 1.02 -7.76
CA TRP B 358 6.85 2.15 -7.29
C TRP B 358 6.04 3.36 -7.64
N ILE B 359 5.49 3.39 -8.86
CA ILE B 359 4.60 4.47 -9.26
C ILE B 359 3.46 4.65 -8.23
N GLU B 360 2.89 3.57 -7.82
CA GLU B 360 1.82 3.69 -6.87
C GLU B 360 2.28 4.19 -5.46
N ARG B 361 3.53 3.91 -5.05
CA ARG B 361 3.91 4.21 -3.67
C ARG B 361 4.63 5.55 -3.53
N ASP B 362 5.21 6.02 -4.62
CA ASP B 362 5.92 7.27 -4.55
C ASP B 362 5.03 8.51 -4.45
N THR B 363 4.77 8.91 -3.20
CA THR B 363 4.02 10.15 -2.88
C THR B 363 4.88 11.42 -2.77
N VAL B 364 6.20 11.25 -2.79
CA VAL B 364 7.10 12.39 -2.65
C VAL B 364 7.21 13.13 -3.98
N THR B 365 7.70 12.46 -5.03
CA THR B 365 7.79 13.04 -6.36
C THR B 365 7.01 12.07 -7.28
N PRO B 366 5.71 12.37 -7.50
CA PRO B 366 4.85 11.49 -8.34
C PRO B 366 5.53 11.10 -9.69
N VAL B 367 5.69 9.83 -9.94
CA VAL B 367 6.39 9.45 -11.16
C VAL B 367 5.71 9.91 -12.47
N LEU B 368 4.40 9.71 -12.57
CA LEU B 368 3.65 10.01 -13.82
C LEU B 368 3.65 11.50 -14.22
N THR B 369 4.10 12.38 -13.32
CA THR B 369 4.15 13.82 -13.60
C THR B 369 5.52 14.47 -13.44
N ALA B 370 6.56 13.68 -13.27
CA ALA B 370 7.91 14.16 -13.06
C ALA B 370 8.34 15.15 -14.09
N PRO B 371 8.73 16.32 -13.67
CA PRO B 371 8.95 17.39 -14.60
C PRO B 371 10.15 17.18 -15.50
N GLN B 372 11.14 16.41 -15.06
CA GLN B 372 12.30 16.26 -15.94
C GLN B 372 12.08 15.26 -17.08
N PHE B 373 11.06 14.41 -17.00
CA PHE B 373 10.84 13.34 -18.02
C PHE B 373 10.51 13.89 -19.41
N PRO B 374 11.32 13.56 -20.44
CA PRO B 374 10.74 14.00 -21.76
C PRO B 374 9.54 13.10 -22.14
N VAL B 375 8.77 13.49 -23.18
CA VAL B 375 7.57 12.70 -23.57
C VAL B 375 7.80 11.18 -23.78
N ALA B 376 8.91 10.76 -24.43
CA ALA B 376 9.14 9.26 -24.56
C ALA B 376 9.12 8.53 -23.20
N ASP B 377 9.75 9.08 -22.14
CA ASP B 377 9.66 8.37 -20.82
C ASP B 377 8.24 8.43 -20.22
N LEU B 378 7.57 9.55 -20.38
CA LEU B 378 6.18 9.62 -19.89
C LEU B 378 5.29 8.57 -20.55
N THR B 379 5.42 8.42 -21.87
CA THR B 379 4.62 7.37 -22.59
C THR B 379 4.81 5.99 -21.99
N ARG B 380 6.09 5.62 -21.87
CA ARG B 380 6.47 4.28 -21.47
C ARG B 380 5.94 4.05 -20.06
N LEU B 381 6.04 5.07 -19.20
CA LEU B 381 5.63 4.87 -17.81
C LEU B 381 4.10 4.94 -17.63
N HIS B 382 3.47 5.85 -18.36
CA HIS B 382 1.98 5.82 -18.43
C HIS B 382 1.47 4.43 -18.93
N ALA B 383 2.12 3.85 -19.95
CA ALA B 383 1.63 2.57 -20.52
C ALA B 383 1.68 1.50 -19.44
N ILE B 384 2.75 1.57 -18.61
CA ILE B 384 2.89 0.58 -17.56
C ILE B 384 1.81 0.79 -16.51
N ALA B 385 1.59 2.03 -16.07
CA ALA B 385 0.52 2.28 -15.09
C ALA B 385 -0.91 1.97 -15.63
N ASP B 386 -1.12 2.23 -16.92
CA ASP B 386 -2.39 1.92 -17.61
C ASP B 386 -2.66 0.44 -17.84
N ALA B 387 -1.61 -0.35 -18.09
CA ALA B 387 -1.75 -1.77 -18.34
C ALA B 387 -2.42 -2.55 -17.19
N PRO B 388 -3.12 -3.65 -17.51
CA PRO B 388 -3.63 -4.41 -16.37
C PRO B 388 -2.48 -5.22 -15.78
N GLY B 389 -2.61 -5.64 -14.52
CA GLY B 389 -1.56 -6.41 -13.86
C GLY B 389 -1.27 -5.94 -12.43
N GLU B 390 -0.37 -6.64 -11.72
CA GLU B 390 -0.06 -6.33 -10.33
C GLU B 390 0.60 -5.00 -10.15
N ALA B 391 0.33 -4.37 -9.02
CA ALA B 391 1.30 -3.40 -8.51
C ALA B 391 2.05 -4.18 -7.40
N ALA B 392 3.25 -4.70 -7.73
CA ALA B 392 4.06 -5.54 -6.84
C ALA B 392 4.60 -4.70 -5.65
N PRO B 393 4.41 -5.23 -4.44
CA PRO B 393 5.07 -4.70 -3.26
C PRO B 393 6.59 -5.02 -3.35
N GLU B 394 7.42 -4.38 -2.53
CA GLU B 394 8.84 -4.76 -2.46
C GLU B 394 8.95 -6.02 -1.57
N PRO B 395 9.62 -7.08 -2.05
CA PRO B 395 9.65 -8.27 -1.25
C PRO B 395 10.41 -8.06 0.09
N VAL B 396 9.91 -8.66 1.15
CA VAL B 396 10.61 -8.82 2.37
C VAL B 396 11.92 -9.57 2.09
N GLY B 397 13.05 -9.14 2.68
CA GLY B 397 14.32 -9.87 2.49
C GLY B 397 15.60 -9.07 2.69
N HIS B 398 16.74 -9.67 2.37
CA HIS B 398 18.02 -9.04 2.59
C HIS B 398 18.86 -9.19 1.37
N HIS B 399 19.53 -8.12 0.95
CA HIS B 399 20.46 -8.25 -0.21
C HIS B 399 21.78 -7.69 0.31
N LEU B 400 22.80 -8.52 0.35
CA LEU B 400 24.14 -8.09 0.67
C LEU B 400 25.03 -7.89 -0.56
N PHE B 401 25.36 -6.65 -0.88
CA PHE B 401 26.14 -6.38 -2.08
C PHE B 401 27.61 -6.22 -1.66
N ALA B 402 28.27 -7.36 -1.42
CA ALA B 402 29.64 -7.40 -0.77
C ALA B 402 30.65 -6.66 -1.62
N ALA B 403 30.60 -6.86 -2.94
CA ALA B 403 31.61 -6.22 -3.76
C ALA B 403 31.51 -4.71 -3.68
N MET B 404 30.42 -4.13 -3.22
CA MET B 404 30.48 -2.68 -3.13
C MET B 404 30.27 -2.27 -1.66
N ASP B 405 30.41 -3.22 -0.71
CA ASP B 405 30.24 -2.88 0.73
C ASP B 405 28.89 -2.18 1.07
N ARG B 406 27.78 -2.74 0.54
CA ARG B 406 26.41 -2.19 0.79
C ARG B 406 25.49 -3.31 1.18
N ALA B 407 24.54 -3.02 2.05
CA ALA B 407 23.48 -3.99 2.41
C ALA B 407 22.12 -3.29 2.40
N VAL B 408 21.08 -4.06 2.05
CA VAL B 408 19.73 -3.53 2.02
C VAL B 408 18.90 -4.54 2.79
N HIS B 409 17.98 -4.06 3.64
CA HIS B 409 17.19 -4.93 4.46
C HIS B 409 15.73 -4.47 4.36
N ARG B 410 14.78 -5.39 4.16
CA ARG B 410 13.31 -5.05 4.17
C ARG B 410 12.55 -5.93 5.09
N ARG B 411 11.76 -5.34 5.93
CA ARG B 411 10.86 -6.11 6.77
C ARG B 411 9.50 -5.45 6.62
N PRO B 412 8.44 -6.03 7.23
CA PRO B 412 7.21 -5.28 7.11
C PRO B 412 7.28 -3.84 7.70
N ALA B 413 7.97 -3.66 8.82
CA ALA B 413 7.97 -2.35 9.42
C ALA B 413 8.91 -1.30 8.80
N PHE B 414 9.88 -1.72 8.02
CA PHE B 414 10.95 -0.79 7.59
C PHE B 414 11.82 -1.33 6.50
N THR B 415 12.51 -0.41 5.82
CA THR B 415 13.52 -0.67 4.84
C THR B 415 14.77 0.12 5.37
N ALA B 416 15.96 -0.38 5.07
CA ALA B 416 17.25 0.13 5.58
C ALA B 416 18.29 -0.09 4.49
N GLY B 417 19.20 0.87 4.35
CA GLY B 417 20.44 0.65 3.55
C GLY B 417 21.68 1.02 4.36
N LEU B 418 22.67 0.16 4.34
CA LEU B 418 23.92 0.34 5.06
C LEU B 418 25.05 0.60 4.10
N ALA B 419 25.90 1.61 4.40
CA ALA B 419 27.09 1.85 3.63
C ALA B 419 28.38 1.66 4.47
N MET B 420 29.35 0.92 3.94
CA MET B 420 30.64 0.68 4.63
C MET B 420 31.74 1.07 3.67
N ALA B 421 33.00 0.69 3.94
CA ALA B 421 34.10 1.09 3.06
C ALA B 421 35.20 0.17 3.42
N SER B 422 36.12 -0.08 2.51
CA SER B 422 37.16 -1.09 2.75
C SER B 422 38.37 -0.76 1.85
N ASP B 423 39.30 -1.71 1.70
CA ASP B 423 40.40 -1.52 0.83
C ASP B 423 39.91 -1.57 -0.69
N ARG B 424 38.66 -1.99 -0.94
CA ARG B 424 38.11 -2.00 -2.30
C ARG B 424 37.21 -0.80 -2.53
N ILE B 425 36.62 -0.23 -1.49
CA ILE B 425 35.55 0.73 -1.68
C ILE B 425 35.82 1.98 -0.87
N ALA B 426 35.77 3.11 -1.52
CA ALA B 426 36.17 4.35 -0.89
C ALA B 426 35.26 4.78 0.22
N HIS B 427 35.84 5.51 1.19
CA HIS B 427 35.02 6.20 2.18
C HIS B 427 33.92 7.06 1.53
N TYR B 428 34.27 7.77 0.44
CA TYR B 428 33.34 8.61 -0.28
C TYR B 428 34.01 9.16 -1.52
N GLU B 429 33.20 9.77 -2.37
CA GLU B 429 33.71 10.45 -3.52
C GLU B 429 33.42 11.95 -3.45
N CYS B 430 34.48 12.75 -3.61
CA CYS B 430 34.24 14.13 -3.95
C CYS B 430 34.92 14.40 -5.28
N GLY B 431 34.47 15.43 -6.03
CA GLY B 431 35.12 15.77 -7.32
C GLY B 431 34.21 16.72 -8.06
N ASN B 432 34.81 17.48 -9.00
CA ASN B 432 34.11 18.52 -9.74
C ASN B 432 33.44 19.53 -8.82
N GLY B 433 34.06 19.78 -7.65
CA GLY B 433 33.38 20.68 -6.67
C GLY B 433 32.17 20.06 -5.93
N GLU B 434 31.88 18.76 -6.07
CA GLU B 434 30.67 18.17 -5.39
C GLU B 434 31.04 17.33 -4.16
N ASN B 435 30.17 17.31 -3.17
CA ASN B 435 30.33 16.39 -2.03
C ASN B 435 31.62 16.58 -1.19
N PRO B 436 31.97 17.85 -0.89
CA PRO B 436 33.27 18.06 -0.23
C PRO B 436 33.37 17.49 1.24
N ARG B 437 32.22 17.24 1.88
CA ARG B 437 32.18 16.79 3.27
C ARG B 437 31.59 15.39 3.51
N GLY B 438 31.59 14.59 2.44
CA GLY B 438 30.99 13.26 2.55
C GLY B 438 31.86 12.26 3.32
N TRP B 439 32.85 12.75 4.09
CA TRP B 439 33.96 11.87 4.57
C TRP B 439 33.42 10.59 5.27
N HIS B 440 32.34 10.78 6.03
CA HIS B 440 31.91 9.68 6.86
C HIS B 440 30.67 8.86 6.33
N THR B 441 30.25 9.08 5.08
CA THR B 441 29.10 8.35 4.55
C THR B 441 29.46 6.87 4.39
N GLY B 442 30.75 6.51 4.54
CA GLY B 442 31.19 5.13 4.47
C GLY B 442 31.50 4.49 5.85
N ALA B 443 31.26 5.24 6.90
CA ALA B 443 31.77 4.85 8.24
C ALA B 443 30.75 3.95 8.97
N GLY B 444 30.09 3.04 8.25
CA GLY B 444 28.94 2.35 8.88
C GLY B 444 27.64 3.16 8.92
N MET B 445 27.36 3.94 7.86
CA MET B 445 26.15 4.72 7.85
C MET B 445 24.90 3.83 7.60
N LEU B 446 23.93 3.93 8.50
CA LEU B 446 22.71 3.13 8.40
C LEU B 446 21.50 4.02 8.09
N THR B 447 21.00 4.00 6.85
CA THR B 447 19.85 4.85 6.53
C THR B 447 18.60 3.96 6.59
N TRP B 448 17.44 4.55 6.87
CA TRP B 448 16.23 3.78 6.95
C TRP B 448 14.92 4.59 6.84
N TRP B 449 13.84 3.89 6.48
CA TRP B 449 12.53 4.50 6.24
C TRP B 449 11.58 3.58 6.97
N ALA B 450 10.63 4.17 7.68
CA ALA B 450 9.48 3.43 8.23
C ALA B 450 8.52 3.14 7.07
N ASN B 451 8.23 1.87 6.76
CA ASN B 451 7.37 1.57 5.61
C ASN B 451 5.98 2.16 5.80
N GLY B 452 5.34 2.50 4.69
CA GLY B 452 3.98 3.06 4.81
C GLY B 452 3.90 4.50 5.30
N THR B 453 5.06 5.17 5.51
CA THR B 453 5.05 6.63 5.73
C THR B 453 5.70 7.32 4.54
N ARG B 454 5.48 8.59 4.34
CA ARG B 454 6.10 9.35 3.25
C ARG B 454 7.61 9.13 3.22
N ALA B 455 8.17 8.82 2.05
CA ALA B 455 9.56 8.35 1.98
C ALA B 455 10.56 9.50 1.73
N ASP B 456 10.49 10.57 2.54
CA ASP B 456 11.23 11.81 2.18
C ASP B 456 12.37 12.17 3.16
N GLN B 457 12.72 11.18 4.01
CA GLN B 457 13.74 11.36 5.06
C GLN B 457 15.03 12.04 4.46
N TYR B 458 15.63 11.43 3.44
CA TYR B 458 16.86 11.92 2.82
C TYR B 458 16.64 12.87 1.65
N THR B 459 15.35 13.20 1.39
CA THR B 459 14.99 13.98 0.15
C THR B 459 14.78 15.45 0.48
N ASP B 460 14.19 15.70 1.63
CA ASP B 460 13.71 17.00 2.01
C ASP B 460 14.85 17.83 2.66
N TRP B 461 15.84 18.19 1.86
CA TRP B 461 16.90 19.09 2.32
C TRP B 461 17.68 18.47 3.53
N PHE B 462 17.90 17.17 3.44
CA PHE B 462 18.62 16.43 4.43
C PHE B 462 20.08 16.79 4.14
N TRP B 463 20.59 16.53 2.95
CA TRP B 463 22.02 16.73 2.74
C TRP B 463 22.57 18.18 2.94
N PRO B 464 21.84 19.21 2.47
CA PRO B 464 22.42 20.54 2.67
C PRO B 464 22.27 21.04 4.14
N THR B 465 21.55 20.33 5.02
CA THR B 465 21.47 20.84 6.40
C THR B 465 22.11 19.93 7.44
N VAL B 466 22.37 18.68 7.09
CA VAL B 466 22.83 17.73 8.05
C VAL B 466 24.24 18.09 8.62
N ASP B 467 24.48 17.68 9.86
CA ASP B 467 25.83 17.69 10.41
C ASP B 467 26.59 16.54 9.86
N TRP B 468 27.56 16.81 9.01
CA TRP B 468 28.38 15.81 8.35
C TRP B 468 29.33 15.05 9.25
N TYR B 469 29.41 15.51 10.50
CA TYR B 469 30.22 14.77 11.46
C TYR B 469 29.34 13.83 12.28
N ARG B 470 27.99 13.92 12.15
CA ARG B 470 27.13 12.94 12.92
C ARG B 470 26.15 12.22 11.99
N LEU B 471 26.72 11.46 11.06
CA LEU B 471 25.88 10.70 10.11
C LEU B 471 25.37 9.41 10.83
N PRO B 472 24.10 9.04 10.59
CA PRO B 472 23.41 7.93 11.27
C PRO B 472 24.15 6.59 11.24
N GLY B 473 24.29 5.97 12.42
CA GLY B 473 24.93 4.69 12.65
C GLY B 473 26.44 4.68 12.74
N THR B 474 27.06 5.81 12.41
CA THR B 474 28.52 5.87 12.28
C THR B 474 29.25 5.95 13.61
N THR B 475 30.52 5.54 13.60
CA THR B 475 31.46 5.81 14.65
C THR B 475 32.55 6.67 14.06
N VAL B 476 32.79 7.83 14.68
CA VAL B 476 33.74 8.80 14.09
C VAL B 476 34.54 9.48 15.18
N SER B 477 35.83 9.71 14.90
CA SER B 477 36.55 10.76 15.63
C SER B 477 35.86 12.09 15.37
N THR B 478 35.76 12.90 16.35
CA THR B 478 35.23 14.18 16.30
C THR B 478 36.19 15.23 15.64
N LYS B 479 37.39 14.80 15.28
CA LYS B 479 38.47 15.61 14.69
C LYS B 479 38.01 16.44 13.43
N ARG B 480 38.41 17.71 13.35
CA ARG B 480 38.01 18.58 12.24
C ARG B 480 38.63 18.08 10.98
N LEU B 481 37.87 18.01 9.89
CA LEU B 481 38.47 17.59 8.61
C LEU B 481 38.40 18.69 7.56
N ALA B 482 39.36 18.72 6.67
CA ALA B 482 39.28 19.67 5.53
C ALA B 482 38.25 19.15 4.49
N ASP B 483 37.64 20.07 3.75
CA ASP B 483 36.86 19.76 2.55
C ASP B 483 37.73 18.92 1.66
N ARG B 484 37.19 17.84 1.04
CA ARG B 484 37.96 16.96 0.17
C ARG B 484 39.09 16.22 0.89
N ALA B 485 39.10 16.19 2.23
CA ALA B 485 40.06 15.34 2.93
C ALA B 485 40.09 13.90 2.40
N GLY B 486 41.33 13.41 2.19
CA GLY B 486 41.54 12.08 1.69
C GLY B 486 41.67 12.08 0.20
N GLY B 487 41.28 13.16 -0.51
CA GLY B 487 41.49 13.10 -1.99
C GLY B 487 40.17 12.81 -2.74
N GLU B 488 40.19 13.02 -4.06
CA GLU B 488 38.97 13.04 -4.84
C GLU B 488 38.80 11.73 -5.60
N TRP B 489 37.62 11.52 -6.22
CA TRP B 489 37.38 10.32 -7.09
C TRP B 489 37.59 9.00 -6.36
N GLY B 490 37.28 8.96 -5.08
CA GLY B 490 37.36 7.73 -4.35
C GLY B 490 38.78 7.37 -3.99
N ALA B 491 39.73 8.33 -4.03
CA ALA B 491 41.08 8.02 -3.49
C ALA B 491 41.06 7.42 -2.02
N PRO B 492 40.27 7.98 -1.09
CA PRO B 492 40.50 7.52 0.35
C PRO B 492 39.77 6.21 0.69
N LYS B 493 40.56 5.21 1.03
CA LYS B 493 40.11 3.84 1.35
C LYS B 493 40.78 3.45 2.66
N PRO B 494 40.00 2.97 3.64
CA PRO B 494 40.50 2.51 4.92
C PRO B 494 41.44 1.34 4.64
N ASP B 495 42.53 1.25 5.42
CA ASP B 495 43.50 0.18 5.23
C ASP B 495 43.02 -1.14 5.97
N VAL B 496 41.98 -1.77 5.47
CA VAL B 496 41.36 -2.93 6.19
C VAL B 496 40.96 -3.95 5.13
N ARG B 497 40.70 -5.17 5.58
CA ARG B 497 40.15 -6.22 4.71
C ARG B 497 38.78 -6.75 5.16
N TRP B 498 38.53 -6.87 6.47
CA TRP B 498 37.30 -7.52 6.98
C TRP B 498 36.09 -6.59 6.94
N VAL B 499 35.39 -6.61 5.81
CA VAL B 499 34.22 -5.76 5.60
C VAL B 499 33.38 -6.66 4.72
N GLY B 500 32.17 -6.98 5.21
CA GLY B 500 31.31 -8.02 4.56
C GLY B 500 30.34 -8.68 5.55
N GLY B 501 29.83 -9.83 5.18
CA GLY B 501 28.80 -10.47 5.96
C GLY B 501 28.31 -11.80 5.37
N ALA B 502 27.36 -12.39 6.08
CA ALA B 502 26.69 -13.61 5.63
C ALA B 502 25.16 -13.37 5.78
N THR B 503 24.40 -13.83 4.79
CA THR B 503 22.96 -13.67 4.79
C THR B 503 22.32 -14.98 4.19
N ASP B 504 21.09 -15.27 4.61
CA ASP B 504 20.32 -16.30 3.93
C ASP B 504 19.28 -15.70 3.00
N GLY B 505 19.39 -14.44 2.58
CA GLY B 505 18.28 -13.88 1.77
C GLY B 505 17.24 -13.22 2.69
N GLU B 506 17.28 -13.52 3.98
CA GLU B 506 16.30 -12.86 4.80
C GLU B 506 16.90 -12.10 6.02
N TYR B 507 17.75 -12.76 6.78
CA TYR B 507 18.42 -12.12 7.90
C TYR B 507 19.90 -12.06 7.54
N ALA B 508 20.67 -11.26 8.28
CA ALA B 508 22.12 -11.09 7.93
C ALA B 508 22.91 -10.69 9.14
N ALA B 509 24.16 -11.14 9.17
CA ALA B 509 25.25 -10.67 10.07
C ALA B 509 26.15 -9.84 9.15
N VAL B 510 26.36 -8.56 9.48
CA VAL B 510 27.20 -7.69 8.65
C VAL B 510 28.25 -7.06 9.56
N GLY B 511 29.49 -6.97 9.07
CA GLY B 511 30.58 -6.46 9.88
C GLY B 511 31.46 -5.47 9.12
N GLN B 512 31.87 -4.37 9.77
CA GLN B 512 32.90 -3.49 9.24
C GLN B 512 34.11 -3.27 10.22
N HIS B 513 35.29 -3.63 9.75
CA HIS B 513 36.52 -3.20 10.44
C HIS B 513 36.76 -1.74 9.93
N LEU B 514 36.52 -0.78 10.80
CA LEU B 514 36.57 0.59 10.42
C LEU B 514 37.93 1.21 10.80
N LYS B 515 38.53 1.98 9.87
CA LYS B 515 39.58 3.00 10.17
C LYS B 515 39.02 4.35 9.71
N GLY B 516 38.93 5.29 10.64
CA GLY B 516 38.28 6.49 10.28
C GLY B 516 39.01 7.29 9.21
N LEU B 517 38.24 8.06 8.41
CA LEU B 517 38.92 8.84 7.37
C LEU B 517 39.73 9.96 8.02
N GLY B 518 41.04 10.03 7.65
CA GLY B 518 41.97 11.05 8.12
C GLY B 518 42.20 11.01 9.64
N SER B 519 42.12 9.82 10.21
CA SER B 519 42.08 9.69 11.65
C SER B 519 42.82 8.48 12.09
N THR B 520 43.12 8.41 13.38
CA THR B 520 43.68 7.18 13.98
C THR B 520 42.61 6.22 14.52
N LEU B 521 41.35 6.68 14.56
CA LEU B 521 40.21 5.79 14.90
C LEU B 521 40.28 4.44 14.25
N GLU B 522 40.10 3.41 15.08
CA GLU B 522 39.90 2.03 14.66
C GLU B 522 38.72 1.47 15.50
N ALA B 523 37.93 0.53 14.94
CA ALA B 523 36.68 0.09 15.57
C ALA B 523 36.18 -1.19 14.85
N ARG B 524 35.51 -2.06 15.57
CA ARG B 524 34.80 -3.19 14.93
C ARG B 524 33.32 -2.92 15.09
N LYS B 525 32.61 -2.82 13.98
CA LYS B 525 31.18 -2.53 14.00
C LYS B 525 30.44 -3.73 13.34
N SER B 526 29.36 -4.16 14.00
CA SER B 526 28.55 -5.26 13.51
C SER B 526 27.08 -4.87 13.50
N TRP B 527 26.36 -5.46 12.55
CA TRP B 527 24.93 -5.20 12.46
C TRP B 527 24.26 -6.54 12.28
N PHE B 528 23.19 -6.75 13.07
CA PHE B 528 22.44 -7.97 12.92
C PHE B 528 21.01 -7.62 12.50
N PHE B 529 20.71 -7.97 11.25
CA PHE B 529 19.47 -7.55 10.62
C PHE B 529 18.44 -8.62 10.88
N LEU B 530 17.46 -8.29 11.70
CA LEU B 530 16.47 -9.27 12.12
C LEU B 530 15.01 -8.93 11.64
N ASP B 531 14.01 -9.42 12.36
CA ASP B 531 12.61 -9.34 11.87
C ASP B 531 11.94 -8.00 12.09
N ASP B 532 12.26 -7.29 13.16
CA ASP B 532 11.76 -5.95 13.31
C ASP B 532 12.77 -4.98 13.94
N ALA B 533 14.04 -5.33 13.80
CA ALA B 533 15.09 -4.57 14.42
C ALA B 533 16.45 -4.87 13.74
N VAL B 534 17.40 -3.95 13.98
CA VAL B 534 18.84 -4.16 13.63
C VAL B 534 19.58 -4.04 14.97
N VAL B 535 20.26 -5.10 15.33
CA VAL B 535 20.99 -5.07 16.57
C VAL B 535 22.44 -4.61 16.26
N CYS B 536 22.90 -3.54 16.91
CA CYS B 536 24.19 -2.94 16.54
C CYS B 536 25.23 -3.09 17.69
N LEU B 537 26.35 -3.70 17.36
CA LEU B 537 27.44 -3.94 18.29
C LEU B 537 28.71 -3.25 17.80
N GLY B 538 29.40 -2.60 18.76
CA GLY B 538 30.69 -2.00 18.46
C GLY B 538 31.67 -2.43 19.49
N ALA B 539 32.93 -2.67 19.08
CA ALA B 539 33.98 -2.97 20.05
C ALA B 539 35.36 -2.60 19.50
N GLY B 540 36.35 -2.61 20.39
CA GLY B 540 37.77 -2.36 19.98
C GLY B 540 37.85 -0.90 19.51
N ILE B 541 37.05 0.01 20.09
CA ILE B 541 37.00 1.37 19.56
C ILE B 541 38.18 2.11 20.22
N THR B 542 39.13 2.55 19.39
CA THR B 542 40.42 3.05 19.83
C THR B 542 40.84 4.19 18.92
N CYS B 543 41.25 5.29 19.54
CA CYS B 543 41.66 6.48 18.83
C CYS B 543 42.77 7.18 19.64
N ALA B 544 43.67 7.88 18.93
CA ALA B 544 44.73 8.65 19.58
C ALA B 544 44.74 10.08 18.98
N ASP B 545 43.56 10.62 18.63
CA ASP B 545 43.45 11.88 17.91
C ASP B 545 43.54 13.03 18.92
N GLY B 546 43.33 12.77 20.23
CA GLY B 546 43.39 13.82 21.23
C GLY B 546 42.07 14.50 21.37
N VAL B 547 41.02 13.94 20.71
CA VAL B 547 39.62 14.51 20.81
C VAL B 547 38.54 13.43 21.06
N PRO B 548 37.32 13.85 21.41
CA PRO B 548 36.23 12.87 21.57
C PRO B 548 35.91 12.05 20.30
N VAL B 549 35.49 10.78 20.56
CA VAL B 549 35.02 9.80 19.56
C VAL B 549 33.53 9.44 19.86
N GLU B 550 32.68 9.51 18.85
CA GLU B 550 31.24 9.36 19.06
C GLU B 550 30.73 8.18 18.17
N THR B 551 29.69 7.49 18.64
CA THR B 551 28.86 6.64 17.81
C THR B 551 27.51 7.29 17.69
N VAL B 552 27.00 7.44 16.46
CA VAL B 552 25.77 8.19 16.26
C VAL B 552 24.63 7.19 16.25
N VAL B 553 23.86 7.15 17.32
CA VAL B 553 22.85 6.14 17.43
C VAL B 553 21.80 6.47 16.35
N ASP B 554 21.51 7.76 16.17
CA ASP B 554 20.76 8.15 14.95
C ASP B 554 20.82 9.63 14.72
N ASN B 555 20.45 10.05 13.52
CA ASN B 555 20.27 11.47 13.23
C ASN B 555 19.16 11.58 12.22
N ARG B 556 18.05 12.21 12.61
N ARG B 556 18.02 12.14 12.61
CA ARG B 556 16.81 12.15 11.83
CA ARG B 556 16.81 12.10 11.78
C ARG B 556 16.34 13.55 11.48
C ARG B 556 16.35 13.53 11.48
N ASN B 557 16.13 13.78 10.19
CA ASN B 557 15.62 15.03 9.70
C ASN B 557 14.10 15.01 10.02
N LEU B 558 13.62 16.05 10.69
CA LEU B 558 12.23 16.20 11.11
C LEU B 558 11.36 17.08 10.18
N GLY B 559 11.95 17.63 9.13
CA GLY B 559 11.20 18.53 8.27
C GLY B 559 11.28 19.92 8.90
N GLU B 560 10.77 20.91 8.20
CA GLU B 560 10.80 22.23 8.69
C GLU B 560 9.84 22.27 9.88
N GLY B 561 10.31 22.83 11.01
CA GLY B 561 9.45 23.14 12.15
C GLY B 561 8.96 21.85 12.81
N GLY B 562 9.70 20.74 12.65
CA GLY B 562 9.19 19.44 13.11
C GLY B 562 8.77 19.42 14.58
N THR B 563 7.62 18.84 14.89
CA THR B 563 7.16 18.75 16.30
C THR B 563 7.01 17.26 16.74
N GLN B 564 7.50 16.32 15.95
CA GLN B 564 7.37 14.89 16.32
C GLN B 564 7.83 14.68 17.76
N ALA B 565 7.04 13.95 18.55
CA ALA B 565 7.40 13.85 19.95
C ALA B 565 8.57 12.91 20.14
N LEU B 566 9.53 13.32 20.95
CA LEU B 566 10.57 12.42 21.36
C LEU B 566 10.24 11.96 22.81
N VAL B 567 10.05 10.65 23.04
CA VAL B 567 9.73 10.19 24.38
C VAL B 567 10.85 9.21 24.79
N ARG B 568 11.21 9.26 26.05
CA ARG B 568 12.23 8.45 26.63
C ARG B 568 11.66 7.65 27.77
N GLY B 569 12.20 6.44 27.95
CA GLY B 569 11.83 5.59 29.07
C GLY B 569 13.17 5.13 29.55
N ARG B 570 13.20 4.04 30.31
CA ARG B 570 14.47 3.52 30.87
C ARG B 570 15.26 2.79 29.77
N HIS B 571 16.38 3.38 29.33
CA HIS B 571 17.20 2.76 28.29
C HIS B 571 16.62 2.80 26.88
N TRP B 572 15.57 3.58 26.67
CA TRP B 572 15.06 3.70 25.35
C TRP B 572 14.63 5.07 24.95
N ALA B 573 14.55 5.31 23.64
CA ALA B 573 13.90 6.54 23.16
C ALA B 573 13.06 6.22 21.96
N HIS B 574 12.01 7.00 21.74
CA HIS B 574 11.15 6.79 20.60
C HIS B 574 10.80 8.13 19.99
N LEU B 575 10.81 8.16 18.67
CA LEU B 575 10.58 9.36 17.89
C LEU B 575 9.33 9.12 17.01
N GLU B 576 8.27 9.87 17.32
CA GLU B 576 6.97 9.77 16.72
C GLU B 576 7.08 9.82 15.22
N GLY B 577 6.42 8.88 14.48
CA GLY B 577 6.51 8.87 13.00
C GLY B 577 7.83 8.22 12.48
N HIS B 578 8.73 7.82 13.38
CA HIS B 578 10.02 7.34 12.95
C HIS B 578 10.30 5.91 13.44
N GLY B 579 10.55 5.74 14.74
CA GLY B 579 10.93 4.46 15.29
C GLY B 579 11.58 4.71 16.60
N GLY B 580 12.23 3.71 17.19
CA GLY B 580 12.90 3.99 18.43
C GLY B 580 14.22 3.24 18.58
N TRP B 581 14.88 3.42 19.73
CA TRP B 581 16.22 2.89 19.93
C TRP B 581 16.31 2.40 21.33
N ILE B 582 16.98 1.28 21.53
CA ILE B 582 17.11 0.78 22.86
C ILE B 582 18.60 0.83 23.14
N VAL B 583 19.01 1.43 24.23
CA VAL B 583 20.43 1.57 24.55
C VAL B 583 20.76 1.20 25.97
N PRO B 584 21.12 -0.04 26.21
CA PRO B 584 21.19 -0.51 27.56
C PRO B 584 22.43 0.02 28.21
N GLY B 585 22.42 0.09 29.52
CA GLY B 585 23.52 0.81 30.25
C GLY B 585 23.58 2.33 30.05
N GLY B 586 22.43 2.95 29.69
CA GLY B 586 22.33 4.44 29.60
C GLY B 586 23.44 5.19 28.81
N ALA B 587 23.60 6.45 29.22
CA ALA B 587 24.60 7.30 28.61
C ALA B 587 24.20 7.83 27.23
N LEU B 588 22.96 7.61 26.82
CA LEU B 588 22.51 8.14 25.52
C LEU B 588 22.40 9.65 25.56
N ARG B 589 22.99 10.35 24.59
CA ARG B 589 22.77 11.83 24.50
C ARG B 589 21.86 12.18 23.37
N THR B 590 21.11 13.27 23.54
CA THR B 590 20.22 13.72 22.52
C THR B 590 20.30 15.23 22.34
N LEU B 591 20.05 15.68 21.11
CA LEU B 591 19.99 17.05 20.81
C LEU B 591 18.90 17.19 19.73
N ARG B 592 18.05 18.19 19.92
CA ARG B 592 17.16 18.63 18.87
C ARG B 592 17.48 20.09 18.47
N GLU B 593 17.59 20.41 17.18
CA GLU B 593 17.97 21.78 16.78
C GLU B 593 17.59 21.98 15.38
N ASP B 594 17.45 23.28 15.05
CA ASP B 594 17.28 23.77 13.70
C ASP B 594 18.63 24.04 13.03
N ARG B 595 18.79 23.63 11.79
CA ARG B 595 19.99 23.89 11.02
C ARG B 595 19.59 24.46 9.66
N THR B 596 20.39 25.39 9.10
CA THR B 596 20.03 26.12 7.87
C THR B 596 21.14 25.79 6.93
N GLY B 597 20.88 25.62 5.63
CA GLY B 597 22.02 25.39 4.71
C GLY B 597 21.51 25.52 3.30
N ALA B 598 22.41 25.38 2.34
CA ALA B 598 22.04 25.61 0.92
C ALA B 598 22.76 24.55 0.17
N TRP B 599 22.21 24.12 -0.96
CA TRP B 599 22.95 23.11 -1.73
C TRP B 599 24.34 23.62 -2.10
N SER B 600 24.46 24.94 -2.27
CA SER B 600 25.77 25.53 -2.58
C SER B 600 26.87 25.23 -1.48
N ASP B 601 26.46 24.92 -0.25
CA ASP B 601 27.47 24.63 0.81
C ASP B 601 28.24 23.37 0.48
N ILE B 602 27.59 22.49 -0.26
CA ILE B 602 28.16 21.25 -0.58
C ILE B 602 28.36 20.99 -2.05
N ASN B 603 28.17 21.96 -2.91
CA ASN B 603 28.40 21.72 -4.34
C ASN B 603 28.63 23.04 -5.04
N THR B 604 29.78 23.22 -5.67
CA THR B 604 30.04 24.48 -6.37
C THR B 604 29.10 24.80 -7.52
N THR B 605 28.31 23.84 -8.03
CA THR B 605 27.46 24.10 -9.20
C THR B 605 26.00 24.28 -8.79
N SER B 606 25.75 24.38 -7.47
CA SER B 606 24.39 24.40 -6.97
C SER B 606 23.98 25.76 -6.46
N THR B 607 22.68 25.99 -6.27
CA THR B 607 22.22 27.32 -5.94
C THR B 607 22.42 27.60 -4.43
N THR B 608 22.23 28.86 -4.06
CA THR B 608 22.55 29.34 -2.73
C THR B 608 21.27 29.47 -1.96
N GLU B 609 20.14 29.04 -2.50
CA GLU B 609 18.93 29.20 -1.72
C GLU B 609 19.02 28.37 -0.38
N ARG B 610 18.52 28.90 0.73
CA ARG B 610 18.68 28.27 2.00
C ARG B 610 17.37 27.77 2.54
N ARG B 611 17.41 26.67 3.29
CA ARG B 611 16.21 26.29 4.03
C ARG B 611 16.64 25.90 5.39
N THR B 612 15.70 25.86 6.30
CA THR B 612 15.97 25.44 7.69
C THR B 612 15.24 24.11 7.95
N ARG B 613 15.92 23.13 8.56
CA ARG B 613 15.32 21.80 8.85
C ARG B 613 15.58 21.50 10.33
N ARG B 614 14.61 20.95 11.05
CA ARG B 614 14.88 20.58 12.41
C ARG B 614 15.39 19.12 12.39
N TRP B 615 16.28 18.81 13.30
CA TRP B 615 16.97 17.53 13.40
C TRP B 615 16.79 16.91 14.81
N GLN B 616 16.66 15.58 14.89
CA GLN B 616 16.77 14.95 16.21
C GLN B 616 18.00 14.07 16.17
N THR B 617 19.00 14.34 17.01
CA THR B 617 20.28 13.61 16.93
C THR B 617 20.49 12.79 18.20
N LEU B 618 21.01 11.60 18.06
CA LEU B 618 21.28 10.79 19.27
C LEU B 618 22.64 10.15 19.18
N TRP B 619 23.40 10.14 20.28
CA TRP B 619 24.77 9.63 20.16
C TRP B 619 25.28 9.11 21.47
N LEU B 620 26.38 8.38 21.42
CA LEU B 620 27.13 7.81 22.58
C LEU B 620 28.47 8.48 22.49
N ASP B 621 28.90 9.08 23.62
CA ASP B 621 30.17 9.78 23.67
C ASP B 621 31.21 8.75 24.19
N HIS B 622 32.18 8.33 23.41
CA HIS B 622 33.13 7.36 23.95
C HIS B 622 34.29 8.02 24.69
N GLY B 623 34.24 9.36 24.88
CA GLY B 623 35.36 10.13 25.43
C GLY B 623 36.52 10.32 24.44
N THR B 624 37.55 11.01 24.94
CA THR B 624 38.80 11.29 24.24
C THR B 624 39.69 10.13 24.36
N ASP B 625 40.32 9.73 23.27
CA ASP B 625 41.33 8.65 23.28
C ASP B 625 40.83 7.34 23.94
N PRO B 626 39.70 6.79 23.43
CA PRO B 626 39.17 5.54 24.04
C PRO B 626 40.18 4.48 23.67
N ALA B 627 40.29 3.48 24.52
CA ALA B 627 41.10 2.29 24.19
C ALA B 627 40.18 1.08 24.40
N GLY B 628 39.76 0.44 23.30
CA GLY B 628 38.93 -0.78 23.46
C GLY B 628 37.52 -0.46 23.92
N ALA B 629 37.01 0.74 23.67
CA ALA B 629 35.62 1.04 24.06
C ALA B 629 34.62 0.19 23.20
N ASP B 630 33.37 0.18 23.65
CA ASP B 630 32.35 -0.64 23.00
C ASP B 630 31.00 -0.02 23.12
N TYR B 631 30.01 -0.52 22.36
CA TYR B 631 28.59 -0.15 22.56
C TYR B 631 27.64 -1.30 22.18
N VAL B 632 26.42 -1.24 22.75
CA VAL B 632 25.31 -2.07 22.27
C VAL B 632 24.09 -1.17 22.06
N TYR B 633 23.46 -1.21 20.89
CA TYR B 633 22.13 -0.63 20.86
C TYR B 633 21.35 -1.42 19.82
N THR B 634 20.02 -1.28 19.88
CA THR B 634 19.09 -1.85 18.94
C THR B 634 18.27 -0.75 18.33
N VAL B 635 18.19 -0.69 17.01
CA VAL B 635 17.29 0.30 16.46
C VAL B 635 16.04 -0.48 15.96
N MET B 636 14.85 0.09 16.14
CA MET B 636 13.60 -0.49 15.64
C MET B 636 12.95 0.53 14.76
N PRO B 637 13.38 0.58 13.52
CA PRO B 637 12.81 1.55 12.61
C PRO B 637 11.35 1.23 12.42
N GLY B 638 10.51 2.24 12.39
CA GLY B 638 9.07 2.03 12.11
C GLY B 638 8.26 1.45 13.26
N ALA B 639 8.86 1.24 14.42
CA ALA B 639 8.13 0.66 15.56
C ALA B 639 7.32 1.71 16.30
N SER B 640 6.27 1.24 16.97
CA SER B 640 5.43 2.11 17.73
C SER B 640 6.15 2.33 19.06
N ARG B 641 5.70 3.36 19.74
CA ARG B 641 6.17 3.59 21.11
C ARG B 641 5.96 2.42 22.02
N ALA B 642 4.74 1.83 21.97
CA ALA B 642 4.48 0.66 22.85
C ALA B 642 5.42 -0.51 22.55
N ALA B 643 5.75 -0.73 21.29
CA ALA B 643 6.57 -1.93 20.92
C ALA B 643 7.96 -1.75 21.53
N LEU B 644 8.42 -0.51 21.47
CA LEU B 644 9.76 -0.19 21.90
C LEU B 644 9.84 -0.33 23.41
N ALA B 645 8.87 0.23 24.10
CA ALA B 645 8.85 0.12 25.55
C ALA B 645 8.84 -1.35 26.00
N ARG B 646 8.07 -2.19 25.31
CA ARG B 646 8.02 -3.60 25.68
C ARG B 646 9.36 -4.24 25.35
N ARG B 647 9.93 -3.98 24.17
CA ARG B 647 11.18 -4.65 23.82
C ARG B 647 12.31 -4.18 24.79
N ALA B 648 12.28 -2.90 25.22
CA ALA B 648 13.30 -2.41 26.23
C ALA B 648 13.21 -3.13 27.58
N ALA B 649 12.01 -3.44 28.05
CA ALA B 649 11.90 -4.29 29.29
C ALA B 649 12.16 -5.77 29.07
N ASP B 650 12.32 -6.23 27.83
CA ASP B 650 12.41 -7.69 27.63
C ASP B 650 13.86 -8.13 27.67
N ARG B 651 14.21 -8.91 28.68
CA ARG B 651 15.60 -9.30 28.85
C ARG B 651 15.90 -10.68 28.33
N HIS B 652 14.97 -11.35 27.68
CA HIS B 652 15.30 -12.70 27.24
C HIS B 652 15.31 -12.76 25.73
N TRP B 653 14.73 -11.77 25.05
CA TRP B 653 14.65 -11.91 23.58
C TRP B 653 16.04 -12.00 22.87
N LEU B 654 17.07 -11.38 23.44
CA LEU B 654 18.35 -11.30 22.77
C LEU B 654 19.46 -11.56 23.74
N THR B 655 20.39 -12.43 23.37
CA THR B 655 21.55 -12.62 24.17
C THR B 655 22.76 -12.20 23.30
N VAL B 656 23.50 -11.19 23.78
CA VAL B 656 24.82 -10.87 23.23
C VAL B 656 25.84 -11.97 23.61
N LEU B 657 26.21 -12.85 22.70
CA LEU B 657 27.10 -13.91 23.10
C LEU B 657 28.53 -13.42 23.30
N ALA B 658 28.93 -12.44 22.48
CA ALA B 658 30.28 -11.87 22.48
C ALA B 658 30.18 -10.46 21.93
N ASN B 659 30.99 -9.57 22.51
CA ASN B 659 31.13 -8.22 21.95
C ASN B 659 32.53 -7.70 22.28
N ASP B 660 33.53 -8.20 21.57
CA ASP B 660 34.89 -7.62 21.72
C ASP B 660 35.58 -7.61 20.37
N ASP B 661 36.85 -7.24 20.34
CA ASP B 661 37.46 -7.05 19.03
C ASP B 661 37.95 -8.33 18.41
N ARG B 662 37.61 -9.47 19.02
CA ARG B 662 37.91 -10.79 18.45
C ARG B 662 36.66 -11.38 17.82
N ARG B 663 35.51 -11.12 18.42
CA ARG B 663 34.24 -11.55 17.80
C ARG B 663 33.02 -10.89 18.40
N GLN B 664 31.99 -10.75 17.56
CA GLN B 664 30.75 -10.12 18.04
C GLN B 664 29.65 -11.02 17.54
N ALA B 665 28.72 -11.36 18.45
CA ALA B 665 27.74 -12.40 18.19
C ALA B 665 26.50 -12.29 19.06
N VAL B 666 25.37 -12.70 18.45
CA VAL B 666 24.08 -12.65 19.12
C VAL B 666 23.33 -14.00 19.00
N SER B 667 22.46 -14.25 19.96
CA SER B 667 21.57 -15.34 19.88
C SER B 667 20.14 -14.75 20.06
N VAL B 668 19.22 -15.08 19.14
CA VAL B 668 17.81 -14.59 19.14
C VAL B 668 16.89 -15.87 19.03
N PRO B 669 16.51 -16.42 20.17
CA PRO B 669 15.77 -17.73 20.19
C PRO B 669 14.38 -17.67 19.43
N SER B 670 13.74 -16.51 19.41
CA SER B 670 12.48 -16.35 18.71
C SER B 670 12.67 -16.51 17.17
N LEU B 671 13.93 -16.44 16.69
CA LEU B 671 14.20 -16.65 15.27
C LEU B 671 14.94 -17.95 15.03
N GLY B 672 15.18 -18.68 16.11
CA GLY B 672 16.06 -19.85 16.08
C GLY B 672 17.50 -19.54 15.66
N LEU B 673 17.95 -18.32 15.97
CA LEU B 673 19.03 -17.74 15.17
C LEU B 673 20.29 -17.56 16.04
N THR B 674 21.43 -17.98 15.53
CA THR B 674 22.71 -17.61 16.12
C THR B 674 23.48 -16.92 15.01
N ALA B 675 24.06 -15.75 15.30
CA ALA B 675 24.82 -15.00 14.32
C ALA B 675 26.16 -14.47 14.92
N ALA B 676 27.25 -14.63 14.18
CA ALA B 676 28.56 -14.28 14.73
C ALA B 676 29.42 -13.65 13.64
N ASN B 677 29.96 -12.45 13.90
CA ASN B 677 31.08 -11.99 13.07
C ASN B 677 32.38 -12.27 13.82
N PHE B 678 33.21 -13.17 13.31
CA PHE B 678 34.54 -13.47 13.89
C PHE B 678 35.61 -12.63 13.17
N TRP B 679 36.17 -11.66 13.91
CA TRP B 679 37.32 -10.86 13.44
C TRP B 679 38.61 -11.69 13.31
N GLN B 680 38.69 -12.83 14.05
CA GLN B 680 39.85 -13.75 14.05
C GLN B 680 39.32 -15.10 14.54
N ALA B 681 40.15 -16.15 14.49
CA ALA B 681 39.75 -17.45 15.04
C ALA B 681 39.26 -17.31 16.51
N GLY B 682 38.23 -18.07 16.84
CA GLY B 682 37.67 -18.03 18.22
C GLY B 682 36.32 -18.75 18.25
N THR B 683 35.60 -18.50 19.34
CA THR B 683 34.41 -19.18 19.67
C THR B 683 33.45 -18.20 20.24
N ALA B 684 32.21 -18.30 19.81
CA ALA B 684 31.13 -17.46 20.39
C ALA B 684 29.92 -18.39 20.52
N GLY B 685 29.44 -18.54 21.74
CA GLY B 685 28.50 -19.62 22.05
C GLY B 685 28.81 -20.92 21.32
N PRO B 686 27.89 -21.43 20.50
CA PRO B 686 28.09 -22.81 19.97
C PRO B 686 28.99 -22.85 18.76
N LEU B 687 29.52 -21.72 18.32
CA LEU B 687 30.28 -21.71 17.02
C LEU B 687 31.76 -21.47 17.22
N THR B 688 32.60 -22.23 16.53
CA THR B 688 34.06 -22.06 16.53
C THR B 688 34.59 -21.89 15.11
N THR B 689 35.50 -20.91 14.89
CA THR B 689 36.11 -20.77 13.53
C THR B 689 37.65 -20.76 13.59
N THR B 690 38.32 -21.23 12.53
CA THR B 690 39.77 -21.05 12.47
C THR B 690 40.26 -19.71 11.91
N ALA B 691 39.36 -18.86 11.43
CA ALA B 691 39.80 -17.64 10.72
C ALA B 691 38.60 -16.63 10.70
N GLY B 692 38.89 -15.37 10.39
CA GLY B 692 37.82 -14.43 10.17
C GLY B 692 36.71 -14.97 9.26
N ALA B 693 35.47 -14.80 9.73
CA ALA B 693 34.33 -15.37 9.04
C ALA B 693 33.08 -14.75 9.58
N SER B 694 32.04 -14.73 8.77
CA SER B 694 30.71 -14.34 9.26
C SER B 694 29.83 -15.62 9.11
N VAL B 695 29.13 -15.97 10.19
CA VAL B 695 28.35 -17.20 10.28
C VAL B 695 26.90 -16.92 10.75
N LEU B 696 25.92 -17.51 10.08
CA LEU B 696 24.54 -17.41 10.52
C LEU B 696 24.04 -18.84 10.58
N VAL B 697 23.46 -19.17 11.74
CA VAL B 697 22.83 -20.49 11.91
C VAL B 697 21.33 -20.26 12.16
N ARG B 698 20.48 -20.89 11.39
CA ARG B 698 19.02 -20.82 11.67
C ARG B 698 18.43 -22.22 11.94
N ARG B 699 17.94 -22.46 13.15
CA ARG B 699 17.19 -23.70 13.45
C ARG B 699 15.67 -23.47 13.32
N ARG B 700 15.01 -24.31 12.50
CA ARG B 700 13.56 -24.31 12.24
C ARG B 700 13.09 -25.77 12.40
N GLY B 701 12.66 -26.11 13.62
CA GLY B 701 12.14 -27.45 13.99
C GLY B 701 13.10 -28.63 13.89
N ARG B 702 12.88 -29.44 12.85
CA ARG B 702 13.68 -30.61 12.51
C ARG B 702 14.99 -30.30 11.74
N THR B 703 15.11 -29.07 11.21
CA THR B 703 16.11 -28.68 10.24
C THR B 703 16.98 -27.47 10.73
N ALA B 704 18.18 -27.35 10.19
CA ALA B 704 18.91 -26.13 10.38
C ALA B 704 19.73 -25.85 9.19
N THR B 705 19.80 -24.58 8.85
CA THR B 705 20.70 -24.13 7.81
C THR B 705 21.87 -23.32 8.48
N LEU B 706 23.08 -23.66 8.07
CA LEU B 706 24.31 -22.94 8.46
C LEU B 706 24.85 -22.22 7.22
N ARG B 707 25.00 -20.88 7.31
CA ARG B 707 25.58 -19.99 6.28
C ARG B 707 26.92 -19.40 6.78
N VAL B 708 27.98 -19.48 5.98
CA VAL B 708 29.30 -18.96 6.35
C VAL B 708 29.88 -18.21 5.15
N SER B 709 30.39 -16.99 5.37
CA SER B 709 31.19 -16.35 4.35
C SER B 709 32.58 -15.97 4.93
N GLU B 710 33.47 -15.47 4.09
CA GLU B 710 34.83 -15.12 4.55
C GLU B 710 35.23 -13.65 4.10
N PRO B 711 34.85 -12.63 4.88
CA PRO B 711 35.07 -11.21 4.45
C PRO B 711 36.50 -10.84 4.23
N PRO B 712 37.48 -11.43 4.99
CA PRO B 712 38.86 -11.02 4.66
C PRO B 712 39.20 -11.39 3.25
N ARG B 713 38.48 -12.35 2.63
CA ARG B 713 38.70 -12.68 1.19
C ARG B 713 40.12 -13.14 0.87
N THR B 714 40.73 -13.90 1.79
CA THR B 714 42.02 -14.54 1.52
C THR B 714 41.85 -15.76 0.61
N GLY B 715 40.65 -16.36 0.60
CA GLY B 715 40.46 -17.57 -0.21
C GLY B 715 41.03 -18.81 0.48
N GLU B 716 41.61 -18.65 1.69
CA GLU B 716 42.23 -19.81 2.39
C GLU B 716 41.13 -20.62 3.09
N ALA B 717 41.21 -21.94 3.00
CA ALA B 717 40.19 -22.82 3.56
C ALA B 717 40.05 -22.58 5.07
N LEU B 718 38.83 -22.57 5.58
CA LEU B 718 38.61 -22.38 6.99
C LEU B 718 37.69 -23.48 7.51
N GLU B 719 37.69 -23.72 8.81
CA GLU B 719 36.87 -24.75 9.41
C GLU B 719 35.93 -24.16 10.46
N ILE B 720 34.68 -24.61 10.46
CA ILE B 720 33.65 -24.12 11.38
C ILE B 720 33.16 -25.35 12.13
N VAL B 721 32.96 -25.21 13.43
CA VAL B 721 32.37 -26.31 14.24
C VAL B 721 31.15 -25.72 14.95
N TRP B 722 29.99 -26.34 14.76
CA TRP B 722 28.77 -25.91 15.44
C TRP B 722 28.44 -27.02 16.43
N ASP B 723 28.48 -26.68 17.71
CA ASP B 723 28.30 -27.59 18.79
C ASP B 723 26.77 -27.88 19.01
N HIS B 724 26.20 -28.72 18.14
CA HIS B 724 24.77 -29.09 18.26
C HIS B 724 24.65 -30.42 17.53
N PRO B 725 23.92 -31.35 18.13
CA PRO B 725 23.75 -32.67 17.50
C PRO B 725 23.09 -32.54 16.14
N VAL B 726 23.60 -33.26 15.16
CA VAL B 726 22.99 -33.22 13.89
C VAL B 726 23.05 -34.60 13.34
N GLY B 727 22.01 -34.90 12.53
CA GLY B 727 21.81 -36.22 12.08
C GLY B 727 22.43 -36.49 10.74
N ALA B 728 22.12 -35.70 9.73
CA ALA B 728 22.55 -36.00 8.38
C ALA B 728 22.51 -34.71 7.56
N VAL B 729 23.42 -34.54 6.61
CA VAL B 729 23.40 -33.37 5.74
C VAL B 729 22.34 -33.59 4.68
N LEU B 730 21.41 -32.66 4.55
CA LEU B 730 20.43 -32.64 3.48
C LEU B 730 21.04 -32.13 2.18
N ARG B 731 21.72 -30.99 2.23
CA ARG B 731 22.29 -30.42 1.02
C ARG B 731 23.45 -29.57 1.50
N ALA B 732 24.47 -29.41 0.66
CA ALA B 732 25.64 -28.59 1.00
C ALA B 732 26.21 -28.03 -0.27
N ASP B 733 26.66 -26.77 -0.30
CA ASP B 733 27.39 -26.27 -1.46
C ASP B 733 28.67 -27.12 -1.71
N GLU B 734 29.15 -27.09 -2.93
CA GLU B 734 30.30 -27.82 -3.37
C GLU B 734 31.58 -27.37 -2.62
N THR B 735 31.54 -26.11 -2.16
CA THR B 735 32.65 -25.48 -1.49
C THR B 735 32.71 -25.90 0.01
N VAL B 736 31.74 -26.69 0.45
CA VAL B 736 31.63 -27.09 1.86
C VAL B 736 31.84 -28.62 1.99
N GLU B 737 32.98 -29.02 2.57
CA GLU B 737 33.24 -30.39 2.90
C GLU B 737 32.69 -30.65 4.32
N ILE B 738 32.00 -31.77 4.53
CA ILE B 738 31.48 -32.18 5.81
C ILE B 738 32.52 -33.05 6.50
N LEU B 739 33.10 -32.61 7.62
CA LEU B 739 34.12 -33.42 8.27
C LEU B 739 33.49 -34.31 9.31
N ALA B 740 32.39 -33.87 9.93
CA ALA B 740 31.68 -34.66 10.93
C ALA B 740 30.24 -34.24 11.11
N THR B 741 29.45 -35.21 11.56
CA THR B 741 28.11 -35.05 12.05
C THR B 741 28.03 -35.88 13.32
N GLY B 742 26.83 -36.07 13.87
CA GLY B 742 26.73 -36.86 15.09
C GLY B 742 26.66 -35.88 16.23
N ARG B 743 27.66 -35.91 17.13
CA ARG B 743 27.63 -35.00 18.27
C ARG B 743 27.73 -33.49 17.88
N ARG B 744 28.23 -33.18 16.67
CA ARG B 744 28.66 -31.85 16.28
C ARG B 744 28.53 -31.74 14.83
N LEU B 745 28.36 -30.54 14.29
CA LEU B 745 28.63 -30.33 12.83
C LEU B 745 30.05 -29.73 12.63
N HIS B 746 30.88 -30.38 11.83
CA HIS B 746 32.19 -29.89 11.50
C HIS B 746 32.35 -29.72 9.98
N LEU B 747 32.56 -28.48 9.50
CA LEU B 747 32.69 -28.18 8.08
C LEU B 747 34.06 -27.67 7.73
N ARG B 748 34.50 -27.91 6.49
CA ARG B 748 35.63 -27.26 5.96
C ARG B 748 35.22 -26.55 4.68
N VAL B 749 35.43 -25.23 4.65
CA VAL B 749 34.89 -24.38 3.60
C VAL B 749 36.01 -23.76 2.81
N THR B 750 35.96 -23.90 1.48
CA THR B 750 36.90 -23.27 0.59
C THR B 750 36.22 -22.00 0.05
N PRO B 751 36.51 -20.85 0.66
CA PRO B 751 35.47 -19.78 0.57
C PRO B 751 35.51 -18.78 -0.64
N GLY B 752 36.47 -18.91 -1.55
CA GLY B 752 36.56 -17.98 -2.68
C GLY B 752 36.99 -16.63 -2.12
N VAL B 753 37.14 -15.63 -2.98
CA VAL B 753 37.73 -14.37 -2.54
C VAL B 753 36.78 -13.23 -2.80
N VAL B 754 35.47 -13.52 -2.77
CA VAL B 754 34.48 -12.44 -3.02
C VAL B 754 33.33 -12.48 -2.02
N CYS B 755 33.60 -13.12 -0.87
CA CYS B 755 32.65 -13.06 0.29
C CYS B 755 31.24 -13.58 -0.08
N THR B 756 31.21 -14.59 -0.92
CA THR B 756 30.00 -15.40 -1.19
C THR B 756 29.63 -16.10 0.13
N THR B 757 28.33 -16.14 0.42
CA THR B 757 27.76 -16.95 1.45
C THR B 757 27.59 -18.40 0.99
N HIS B 758 28.26 -19.34 1.68
CA HIS B 758 28.20 -20.77 1.41
C HIS B 758 27.23 -21.46 2.40
N GLU B 759 26.56 -22.52 1.92
CA GLU B 759 25.43 -23.09 2.66
C GLU B 759 25.54 -24.56 2.93
N CYS B 760 24.92 -24.96 4.01
CA CYS B 760 24.81 -26.33 4.38
C CYS B 760 23.52 -26.49 5.18
N GLU B 761 22.70 -27.49 4.87
CA GLU B 761 21.49 -27.68 5.63
C GLU B 761 21.46 -29.10 6.20
N VAL B 762 21.04 -29.23 7.44
CA VAL B 762 21.14 -30.50 8.13
C VAL B 762 19.85 -30.82 8.89
N THR B 763 19.65 -32.09 9.23
CA THR B 763 18.54 -32.51 10.08
C THR B 763 19.04 -32.53 11.51
N LEU B 764 18.16 -32.18 12.43
CA LEU B 764 18.52 -32.08 13.81
C LEU B 764 18.23 -33.31 14.64
N SER B 765 19.15 -33.58 15.54
CA SER B 765 19.04 -34.74 16.41
C SER B 765 19.28 -34.34 17.91
#